data_2J8A
# 
_entry.id   2J8A 
# 
_audit_conform.dict_name       mmcif_pdbx.dic 
_audit_conform.dict_version    5.391 
_audit_conform.dict_location   http://mmcif.pdb.org/dictionaries/ascii/mmcif_pdbx.dic 
# 
loop_
_database_2.database_id 
_database_2.database_code 
_database_2.pdbx_database_accession 
_database_2.pdbx_DOI 
PDB   2J8A         pdb_00002j8a 10.2210/pdb2j8a/pdb 
PDBE  EBI-30296    ?            ?                   
WWPDB D_1290030296 ?            ?                   
# 
loop_
_pdbx_audit_revision_history.ordinal 
_pdbx_audit_revision_history.data_content_type 
_pdbx_audit_revision_history.major_revision 
_pdbx_audit_revision_history.minor_revision 
_pdbx_audit_revision_history.revision_date 
1 'Structure model' 1 0 2007-03-20 
2 'Structure model' 1 1 2011-05-08 
3 'Structure model' 1 2 2011-07-13 
4 'Structure model' 1 3 2024-05-08 
# 
_pdbx_audit_revision_details.ordinal             1 
_pdbx_audit_revision_details.revision_ordinal    1 
_pdbx_audit_revision_details.data_content_type   'Structure model' 
_pdbx_audit_revision_details.provider            repository 
_pdbx_audit_revision_details.type                'Initial release' 
_pdbx_audit_revision_details.description         ? 
_pdbx_audit_revision_details.details             ? 
# 
loop_
_pdbx_audit_revision_group.ordinal 
_pdbx_audit_revision_group.revision_ordinal 
_pdbx_audit_revision_group.data_content_type 
_pdbx_audit_revision_group.group 
1 2 'Structure model' 'Version format compliance' 
2 3 'Structure model' 'Version format compliance' 
3 4 'Structure model' 'Data collection'           
4 4 'Structure model' 'Database references'       
5 4 'Structure model' Other                       
# 
loop_
_pdbx_audit_revision_category.ordinal 
_pdbx_audit_revision_category.revision_ordinal 
_pdbx_audit_revision_category.data_content_type 
_pdbx_audit_revision_category.category 
1 4 'Structure model' chem_comp_atom       
2 4 'Structure model' chem_comp_bond       
3 4 'Structure model' database_2           
4 4 'Structure model' pdbx_database_status 
# 
loop_
_pdbx_audit_revision_item.ordinal 
_pdbx_audit_revision_item.revision_ordinal 
_pdbx_audit_revision_item.data_content_type 
_pdbx_audit_revision_item.item 
1 4 'Structure model' '_database_2.pdbx_DOI'                 
2 4 'Structure model' '_database_2.pdbx_database_accession'  
3 4 'Structure model' '_pdbx_database_status.status_code_sf' 
# 
_pdbx_database_status.status_code                     REL 
_pdbx_database_status.entry_id                        2J8A 
_pdbx_database_status.deposit_site                    PDBE 
_pdbx_database_status.process_site                    PDBE 
_pdbx_database_status.SG_entry                        . 
_pdbx_database_status.recvd_initial_deposition_date   2006-10-24 
_pdbx_database_status.pdb_format_compatible           Y 
_pdbx_database_status.status_code_sf                  REL 
_pdbx_database_status.status_code_mr                  ? 
_pdbx_database_status.status_code_cs                  ? 
_pdbx_database_status.methods_development_category    ? 
_pdbx_database_status.status_code_nmr_data            ? 
# 
loop_
_audit_author.name 
_audit_author.pdbx_ordinal 
'Tresaugues, L.'        1  
'Dehe, P.M.'            2  
'Guerois, R.'           3  
'Rodriguez-Gil, A.'     4  
'Varlet, I.'            5  
'Salah, P.'             6  
'Pamblanco, M.'         7  
'Luciano, P.'           8  
'Quevillon-Cheruel, S.' 9  
'Sollier, J.'           10 
'Leulliot, N.'          11 
'Couprie, J.'           12 
'Tordera, V.'           13 
'Zinn-Justin, S.'       14 
'Chavez, S.'            15 
'Van Tilbeurgh, H.'     16 
'Geli, V.'              17 
# 
loop_
_citation.id 
_citation.title 
_citation.journal_abbrev 
_citation.journal_volume 
_citation.page_first 
_citation.page_last 
_citation.year 
_citation.journal_id_ASTM 
_citation.country 
_citation.journal_id_ISSN 
_citation.journal_id_CSD 
_citation.book_publisher 
_citation.pdbx_database_id_PubMed 
_citation.pdbx_database_id_DOI 
primary 'X-Ray Structure of the N-Terminus Rrm Domain of Set1'                                                          
'To be Published' ?   ?    ? ?    ?      ?  ?         0353 ? ?        ?                         
1       'Structural Characterization of Set1 RNA Recognition Motifs and Their Role in Histone H3 Lysine 4 Methylation.' 
J.Mol.Biol.       359 1170 ? 2006 JMOBAK UK 0022-2836 0070 ? 16787775 10.1016/J.JMB.2006.04.050 
# 
loop_
_citation_author.citation_id 
_citation_author.name 
_citation_author.ordinal 
_citation_author.identifier_ORCID 
primary 'Tresaugues, L.'        1  ? 
primary 'Dehe, P.M.'            2  ? 
primary 'Guerois, R.'           3  ? 
primary 'Rodriguez-Gil, A.'     4  ? 
primary 'Varlet, I.'            5  ? 
primary 'Salah, P.'             6  ? 
primary 'Pamblanco, M.'         7  ? 
primary 'Luciano, P.'           8  ? 
primary 'Quevillon-Cheruel, S.' 9  ? 
primary 'Sollier, J.'           10 ? 
primary 'Leulliot, N.'          11 ? 
primary 'Couprie, J.'           12 ? 
primary 'Tordera, V.'           13 ? 
primary 'Zinn-Justin, S.'       14 ? 
primary 'Chavez, S.'            15 ? 
primary 'Van Tilbeurgh, H.'     16 ? 
primary 'Geli, V.'              17 ? 
1       'Tresaugues, L.'        18 ? 
1       'Dehe, P.M.'            19 ? 
1       'Guerois, R.'           20 ? 
1       'Rodriguez-Gil, A.'     21 ? 
1       'Varlet, I.'            22 ? 
1       'Salah, P.'             23 ? 
1       'Pamblanco, M.'         24 ? 
1       'Luciano, P.'           25 ? 
1       'Quevillon-Cheruel, S.' 26 ? 
1       'Sollier, J.'           27 ? 
1       'Leulliot, N.'          28 ? 
1       'Couprie, J.'           29 ? 
1       'Tordera, V.'           30 ? 
1       'Zinn-Justin, S.'       31 ? 
1       'Chavez, S.'            32 ? 
1       'Van Tilbeurgh, H.'     33 ? 
1       'Geli, V.'              34 ? 
# 
_entity.id                         1 
_entity.type                       polymer 
_entity.src_method                 man 
_entity.pdbx_description           'HISTONE-LYSINE N-METHYLTRANSFERASE, H3 LYSINE-4 SPECIFIC' 
_entity.formula_weight             15568.778 
_entity.pdbx_number_of_molecules   1 
_entity.pdbx_ec                    2.1.1.43 
_entity.pdbx_mutation              ? 
_entity.pdbx_fragment              'N-TERMINUS RRM DOMAIN, RESIDUES 247-375' 
_entity.details                    ? 
# 
_entity_name_com.entity_id   1 
_entity_name_com.name        'COMPASS COMPONENT SET1, SET DOMAIN-CONTAINING PROTEIN 1, SET1 HISTONE METHYLTRANSFERASE' 
# 
_entity_poly.entity_id                      1 
_entity_poly.type                           'polypeptide(L)' 
_entity_poly.nstd_linkage                   no 
_entity_poly.nstd_monomer                   no 
_entity_poly.pdbx_seq_one_letter_code       
;MSCEIVVYPAQDSTTTNIQDISIKNYFKKYGEISHFEAFNDPNSALPLHVYLIKYASSDGKINDAAKAAFSAVRKHESSG
CFIMGFKFEVILNKHSILNNIISKFVEINVKKLQKLQENLKKAKEKEAENHHHHHH
;
_entity_poly.pdbx_seq_one_letter_code_can   
;MSCEIVVYPAQDSTTTNIQDISIKNYFKKYGEISHFEAFNDPNSALPLHVYLIKYASSDGKINDAAKAAFSAVRKHESSG
CFIMGFKFEVILNKHSILNNIISKFVEINVKKLQKLQENLKKAKEKEAENHHHHHH
;
_entity_poly.pdbx_strand_id                 A 
_entity_poly.pdbx_target_identifier         ? 
# 
loop_
_entity_poly_seq.entity_id 
_entity_poly_seq.num 
_entity_poly_seq.mon_id 
_entity_poly_seq.hetero 
1 1   MET n 
1 2   SER n 
1 3   CYS n 
1 4   GLU n 
1 5   ILE n 
1 6   VAL n 
1 7   VAL n 
1 8   TYR n 
1 9   PRO n 
1 10  ALA n 
1 11  GLN n 
1 12  ASP n 
1 13  SER n 
1 14  THR n 
1 15  THR n 
1 16  THR n 
1 17  ASN n 
1 18  ILE n 
1 19  GLN n 
1 20  ASP n 
1 21  ILE n 
1 22  SER n 
1 23  ILE n 
1 24  LYS n 
1 25  ASN n 
1 26  TYR n 
1 27  PHE n 
1 28  LYS n 
1 29  LYS n 
1 30  TYR n 
1 31  GLY n 
1 32  GLU n 
1 33  ILE n 
1 34  SER n 
1 35  HIS n 
1 36  PHE n 
1 37  GLU n 
1 38  ALA n 
1 39  PHE n 
1 40  ASN n 
1 41  ASP n 
1 42  PRO n 
1 43  ASN n 
1 44  SER n 
1 45  ALA n 
1 46  LEU n 
1 47  PRO n 
1 48  LEU n 
1 49  HIS n 
1 50  VAL n 
1 51  TYR n 
1 52  LEU n 
1 53  ILE n 
1 54  LYS n 
1 55  TYR n 
1 56  ALA n 
1 57  SER n 
1 58  SER n 
1 59  ASP n 
1 60  GLY n 
1 61  LYS n 
1 62  ILE n 
1 63  ASN n 
1 64  ASP n 
1 65  ALA n 
1 66  ALA n 
1 67  LYS n 
1 68  ALA n 
1 69  ALA n 
1 70  PHE n 
1 71  SER n 
1 72  ALA n 
1 73  VAL n 
1 74  ARG n 
1 75  LYS n 
1 76  HIS n 
1 77  GLU n 
1 78  SER n 
1 79  SER n 
1 80  GLY n 
1 81  CYS n 
1 82  PHE n 
1 83  ILE n 
1 84  MET n 
1 85  GLY n 
1 86  PHE n 
1 87  LYS n 
1 88  PHE n 
1 89  GLU n 
1 90  VAL n 
1 91  ILE n 
1 92  LEU n 
1 93  ASN n 
1 94  LYS n 
1 95  HIS n 
1 96  SER n 
1 97  ILE n 
1 98  LEU n 
1 99  ASN n 
1 100 ASN n 
1 101 ILE n 
1 102 ILE n 
1 103 SER n 
1 104 LYS n 
1 105 PHE n 
1 106 VAL n 
1 107 GLU n 
1 108 ILE n 
1 109 ASN n 
1 110 VAL n 
1 111 LYS n 
1 112 LYS n 
1 113 LEU n 
1 114 GLN n 
1 115 LYS n 
1 116 LEU n 
1 117 GLN n 
1 118 GLU n 
1 119 ASN n 
1 120 LEU n 
1 121 LYS n 
1 122 LYS n 
1 123 ALA n 
1 124 LYS n 
1 125 GLU n 
1 126 LYS n 
1 127 GLU n 
1 128 ALA n 
1 129 GLU n 
1 130 ASN n 
1 131 HIS n 
1 132 HIS n 
1 133 HIS n 
1 134 HIS n 
1 135 HIS n 
1 136 HIS n 
# 
_entity_src_gen.entity_id                          1 
_entity_src_gen.pdbx_src_id                        1 
_entity_src_gen.pdbx_alt_source_flag               sample 
_entity_src_gen.pdbx_seq_type                      ? 
_entity_src_gen.pdbx_beg_seq_num                   ? 
_entity_src_gen.pdbx_end_seq_num                   ? 
_entity_src_gen.gene_src_common_name               
;BAKER'S YEAST
;
_entity_src_gen.gene_src_genus                     ? 
_entity_src_gen.pdbx_gene_src_gene                 ? 
_entity_src_gen.gene_src_species                   ? 
_entity_src_gen.gene_src_strain                    S228C 
_entity_src_gen.gene_src_tissue                    ? 
_entity_src_gen.gene_src_tissue_fraction           ? 
_entity_src_gen.gene_src_details                   ? 
_entity_src_gen.pdbx_gene_src_fragment             ? 
_entity_src_gen.pdbx_gene_src_scientific_name      'SACCHAROMYCES CEREVISIAE' 
_entity_src_gen.pdbx_gene_src_ncbi_taxonomy_id     4932 
_entity_src_gen.pdbx_gene_src_variant              ? 
_entity_src_gen.pdbx_gene_src_cell_line            ? 
_entity_src_gen.pdbx_gene_src_atcc                 ? 
_entity_src_gen.pdbx_gene_src_organ                ? 
_entity_src_gen.pdbx_gene_src_organelle            ? 
_entity_src_gen.pdbx_gene_src_cell                 ? 
_entity_src_gen.pdbx_gene_src_cellular_location    ? 
_entity_src_gen.host_org_common_name               ? 
_entity_src_gen.pdbx_host_org_scientific_name      'ESCHERICHIA COLI' 
_entity_src_gen.pdbx_host_org_ncbi_taxonomy_id     562 
_entity_src_gen.host_org_genus                     ? 
_entity_src_gen.pdbx_host_org_gene                 ? 
_entity_src_gen.pdbx_host_org_organ                ? 
_entity_src_gen.host_org_species                   ? 
_entity_src_gen.pdbx_host_org_tissue               ? 
_entity_src_gen.pdbx_host_org_tissue_fraction      ? 
_entity_src_gen.pdbx_host_org_strain               GOLD 
_entity_src_gen.pdbx_host_org_variant              ? 
_entity_src_gen.pdbx_host_org_cell_line            ? 
_entity_src_gen.pdbx_host_org_atcc                 ? 
_entity_src_gen.pdbx_host_org_culture_collection   ? 
_entity_src_gen.pdbx_host_org_cell                 ? 
_entity_src_gen.pdbx_host_org_organelle            ? 
_entity_src_gen.pdbx_host_org_cellular_location    ? 
_entity_src_gen.pdbx_host_org_vector_type          ? 
_entity_src_gen.pdbx_host_org_vector               ? 
_entity_src_gen.host_org_details                   ? 
_entity_src_gen.expression_system_id               ? 
_entity_src_gen.plasmid_name                       PET-9 
_entity_src_gen.plasmid_details                    ? 
_entity_src_gen.pdbx_description                   ? 
# 
loop_
_chem_comp.id 
_chem_comp.type 
_chem_comp.mon_nstd_flag 
_chem_comp.name 
_chem_comp.pdbx_synonyms 
_chem_comp.formula 
_chem_comp.formula_weight 
ALA 'L-peptide linking' y ALANINE         ? 'C3 H7 N O2'     89.093  
ARG 'L-peptide linking' y ARGININE        ? 'C6 H15 N4 O2 1' 175.209 
ASN 'L-peptide linking' y ASPARAGINE      ? 'C4 H8 N2 O3'    132.118 
ASP 'L-peptide linking' y 'ASPARTIC ACID' ? 'C4 H7 N O4'     133.103 
CYS 'L-peptide linking' y CYSTEINE        ? 'C3 H7 N O2 S'   121.158 
GLN 'L-peptide linking' y GLUTAMINE       ? 'C5 H10 N2 O3'   146.144 
GLU 'L-peptide linking' y 'GLUTAMIC ACID' ? 'C5 H9 N O4'     147.129 
GLY 'peptide linking'   y GLYCINE         ? 'C2 H5 N O2'     75.067  
HIS 'L-peptide linking' y HISTIDINE       ? 'C6 H10 N3 O2 1' 156.162 
ILE 'L-peptide linking' y ISOLEUCINE      ? 'C6 H13 N O2'    131.173 
LEU 'L-peptide linking' y LEUCINE         ? 'C6 H13 N O2'    131.173 
LYS 'L-peptide linking' y LYSINE          ? 'C6 H15 N2 O2 1' 147.195 
MET 'L-peptide linking' y METHIONINE      ? 'C5 H11 N O2 S'  149.211 
PHE 'L-peptide linking' y PHENYLALANINE   ? 'C9 H11 N O2'    165.189 
PRO 'L-peptide linking' y PROLINE         ? 'C5 H9 N O2'     115.130 
SER 'L-peptide linking' y SERINE          ? 'C3 H7 N O3'     105.093 
THR 'L-peptide linking' y THREONINE       ? 'C4 H9 N O3'     119.119 
TYR 'L-peptide linking' y TYROSINE        ? 'C9 H11 N O3'    181.189 
VAL 'L-peptide linking' y VALINE          ? 'C5 H11 N O2'    117.146 
# 
loop_
_pdbx_poly_seq_scheme.asym_id 
_pdbx_poly_seq_scheme.entity_id 
_pdbx_poly_seq_scheme.seq_id 
_pdbx_poly_seq_scheme.mon_id 
_pdbx_poly_seq_scheme.ndb_seq_num 
_pdbx_poly_seq_scheme.pdb_seq_num 
_pdbx_poly_seq_scheme.auth_seq_num 
_pdbx_poly_seq_scheme.pdb_mon_id 
_pdbx_poly_seq_scheme.auth_mon_id 
_pdbx_poly_seq_scheme.pdb_strand_id 
_pdbx_poly_seq_scheme.pdb_ins_code 
_pdbx_poly_seq_scheme.hetero 
A 1 1   MET 1   246 ?   ?   ?   A . n 
A 1 2   SER 2   247 247 SER SER A . n 
A 1 3   CYS 3   248 248 CYS CYS A . n 
A 1 4   GLU 4   249 249 GLU GLU A . n 
A 1 5   ILE 5   250 250 ILE ILE A . n 
A 1 6   VAL 6   251 251 VAL VAL A . n 
A 1 7   VAL 7   252 252 VAL VAL A . n 
A 1 8   TYR 8   253 253 TYR TYR A . n 
A 1 9   PRO 9   254 254 PRO PRO A . n 
A 1 10  ALA 10  255 255 ALA ALA A . n 
A 1 11  GLN 11  256 256 GLN GLN A . n 
A 1 12  ASP 12  257 257 ASP ASP A . n 
A 1 13  SER 13  258 258 SER SER A . n 
A 1 14  THR 14  259 259 THR THR A . n 
A 1 15  THR 15  260 260 THR THR A . n 
A 1 16  THR 16  261 261 THR THR A . n 
A 1 17  ASN 17  262 262 ASN ASN A . n 
A 1 18  ILE 18  263 263 ILE ILE A . n 
A 1 19  GLN 19  264 264 GLN GLN A . n 
A 1 20  ASP 20  265 265 ASP ASP A . n 
A 1 21  ILE 21  266 266 ILE ILE A . n 
A 1 22  SER 22  267 267 SER SER A . n 
A 1 23  ILE 23  268 268 ILE ILE A . n 
A 1 24  LYS 24  269 269 LYS LYS A . n 
A 1 25  ASN 25  270 270 ASN ASN A . n 
A 1 26  TYR 26  271 271 TYR TYR A . n 
A 1 27  PHE 27  272 272 PHE PHE A . n 
A 1 28  LYS 28  273 273 LYS LYS A . n 
A 1 29  LYS 29  274 274 LYS LYS A . n 
A 1 30  TYR 30  275 275 TYR TYR A . n 
A 1 31  GLY 31  276 276 GLY GLY A . n 
A 1 32  GLU 32  277 277 GLU GLU A . n 
A 1 33  ILE 33  278 278 ILE ILE A . n 
A 1 34  SER 34  279 279 SER SER A . n 
A 1 35  HIS 35  280 280 HIS HIS A . n 
A 1 36  PHE 36  281 281 PHE PHE A . n 
A 1 37  GLU 37  282 282 GLU GLU A . n 
A 1 38  ALA 38  283 283 ALA ALA A . n 
A 1 39  PHE 39  284 284 PHE PHE A . n 
A 1 40  ASN 40  285 285 ASN ASN A . n 
A 1 41  ASP 41  286 286 ASP ASP A . n 
A 1 42  PRO 42  287 287 PRO PRO A . n 
A 1 43  ASN 43  288 288 ASN ASN A . n 
A 1 44  SER 44  289 289 SER SER A . n 
A 1 45  ALA 45  290 290 ALA ALA A . n 
A 1 46  LEU 46  291 291 LEU LEU A . n 
A 1 47  PRO 47  292 292 PRO PRO A . n 
A 1 48  LEU 48  293 293 LEU LEU A . n 
A 1 49  HIS 49  294 294 HIS HIS A . n 
A 1 50  VAL 50  295 295 VAL VAL A . n 
A 1 51  TYR 51  296 296 TYR TYR A . n 
A 1 52  LEU 52  297 297 LEU LEU A . n 
A 1 53  ILE 53  298 298 ILE ILE A . n 
A 1 54  LYS 54  299 299 LYS LYS A . n 
A 1 55  TYR 55  300 300 TYR TYR A . n 
A 1 56  ALA 56  301 301 ALA ALA A . n 
A 1 57  SER 57  302 ?   ?   ?   A . n 
A 1 58  SER 58  303 ?   ?   ?   A . n 
A 1 59  ASP 59  304 ?   ?   ?   A . n 
A 1 60  GLY 60  305 ?   ?   ?   A . n 
A 1 61  LYS 61  306 ?   ?   ?   A . n 
A 1 62  ILE 62  307 ?   ?   ?   A . n 
A 1 63  ASN 63  308 308 ASN ASN A . n 
A 1 64  ASP 64  309 309 ASP ASP A . n 
A 1 65  ALA 65  310 310 ALA ALA A . n 
A 1 66  ALA 66  311 311 ALA ALA A . n 
A 1 67  LYS 67  312 312 LYS LYS A . n 
A 1 68  ALA 68  313 313 ALA ALA A . n 
A 1 69  ALA 69  314 314 ALA ALA A . n 
A 1 70  PHE 70  315 315 PHE PHE A . n 
A 1 71  SER 71  316 316 SER SER A . n 
A 1 72  ALA 72  317 317 ALA ALA A . n 
A 1 73  VAL 73  318 318 VAL VAL A . n 
A 1 74  ARG 74  319 319 ARG ARG A . n 
A 1 75  LYS 75  320 320 LYS LYS A . n 
A 1 76  HIS 76  321 321 HIS HIS A . n 
A 1 77  GLU 77  322 322 GLU GLU A . n 
A 1 78  SER 78  323 323 SER SER A . n 
A 1 79  SER 79  324 324 SER SER A . n 
A 1 80  GLY 80  325 325 GLY GLY A . n 
A 1 81  CYS 81  326 326 CYS CYS A . n 
A 1 82  PHE 82  327 327 PHE PHE A . n 
A 1 83  ILE 83  328 328 ILE ILE A . n 
A 1 84  MET 84  329 329 MET MET A . n 
A 1 85  GLY 85  330 330 GLY GLY A . n 
A 1 86  PHE 86  331 331 PHE PHE A . n 
A 1 87  LYS 87  332 332 LYS LYS A . n 
A 1 88  PHE 88  333 333 PHE PHE A . n 
A 1 89  GLU 89  334 334 GLU GLU A . n 
A 1 90  VAL 90  335 335 VAL VAL A . n 
A 1 91  ILE 91  336 336 ILE ILE A . n 
A 1 92  LEU 92  337 337 LEU LEU A . n 
A 1 93  ASN 93  338 338 ASN ASN A . n 
A 1 94  LYS 94  339 339 LYS LYS A . n 
A 1 95  HIS 95  340 340 HIS HIS A . n 
A 1 96  SER 96  341 341 SER SER A . n 
A 1 97  ILE 97  342 342 ILE ILE A . n 
A 1 98  LEU 98  343 343 LEU LEU A . n 
A 1 99  ASN 99  344 344 ASN ASN A . n 
A 1 100 ASN 100 345 345 ASN ASN A . n 
A 1 101 ILE 101 346 346 ILE ILE A . n 
A 1 102 ILE 102 347 347 ILE ILE A . n 
A 1 103 SER 103 348 348 SER SER A . n 
A 1 104 LYS 104 349 349 LYS LYS A . n 
A 1 105 PHE 105 350 350 PHE PHE A . n 
A 1 106 VAL 106 351 351 VAL VAL A . n 
A 1 107 GLU 107 352 352 GLU GLU A . n 
A 1 108 ILE 108 353 353 ILE ILE A . n 
A 1 109 ASN 109 354 354 ASN ASN A . n 
A 1 110 VAL 110 355 355 VAL VAL A . n 
A 1 111 LYS 111 356 356 LYS LYS A . n 
A 1 112 LYS 112 357 357 LYS LYS A . n 
A 1 113 LEU 113 358 358 LEU LEU A . n 
A 1 114 GLN 114 359 359 GLN GLN A . n 
A 1 115 LYS 115 360 360 LYS LYS A . n 
A 1 116 LEU 116 361 361 LEU LEU A . n 
A 1 117 GLN 117 362 362 GLN GLN A . n 
A 1 118 GLU 118 363 363 GLU GLU A . n 
A 1 119 ASN 119 364 364 ASN ASN A . n 
A 1 120 LEU 120 365 365 LEU LEU A . n 
A 1 121 LYS 121 366 366 LYS LYS A . n 
A 1 122 LYS 122 367 ?   ?   ?   A . n 
A 1 123 ALA 123 368 ?   ?   ?   A . n 
A 1 124 LYS 124 369 ?   ?   ?   A . n 
A 1 125 GLU 125 370 ?   ?   ?   A . n 
A 1 126 LYS 126 371 ?   ?   ?   A . n 
A 1 127 GLU 127 372 ?   ?   ?   A . n 
A 1 128 ALA 128 373 ?   ?   ?   A . n 
A 1 129 GLU 129 374 ?   ?   ?   A . n 
A 1 130 ASN 130 375 ?   ?   ?   A . n 
A 1 131 HIS 131 376 ?   ?   ?   A . n 
A 1 132 HIS 132 377 ?   ?   ?   A . n 
A 1 133 HIS 133 378 ?   ?   ?   A . n 
A 1 134 HIS 134 379 ?   ?   ?   A . n 
A 1 135 HIS 135 380 ?   ?   ?   A . n 
A 1 136 HIS 136 381 ?   ?   ?   A . n 
# 
loop_
_software.name 
_software.classification 
_software.version 
_software.citation_id 
_software.pdbx_ordinal 
REFMAC refinement       5.2.0005 ? 1 
MOSFLM 'data reduction' .        ? 2 
SCALA  'data scaling'   .        ? 3 
SHARP  phasing          .        ? 4 
# 
_cell.entry_id           2J8A 
_cell.length_a           123.790 
_cell.length_b           123.790 
_cell.length_c           123.790 
_cell.angle_alpha        90.00 
_cell.angle_beta         90.00 
_cell.angle_gamma        90.00 
_cell.Z_PDB              24 
_cell.pdbx_unique_axis   ? 
# 
_symmetry.entry_id                         2J8A 
_symmetry.space_group_name_H-M             'P 43 3 2' 
_symmetry.pdbx_full_space_group_name_H-M   ? 
_symmetry.cell_setting                     ? 
_symmetry.Int_Tables_number                212 
# 
_exptl.entry_id          2J8A 
_exptl.method            'X-RAY DIFFRACTION' 
_exptl.crystals_number   1 
# 
_exptl_crystal.id                    1 
_exptl_crystal.density_meas          ? 
_exptl_crystal.density_Matthews      5.67 
_exptl_crystal.density_percent_sol   75.2 
_exptl_crystal.description           ? 
# 
_exptl_crystal_grow.crystal_id      1 
_exptl_crystal_grow.method          ? 
_exptl_crystal_grow.temp            ? 
_exptl_crystal_grow.temp_details    ? 
_exptl_crystal_grow.pH              4.60 
_exptl_crystal_grow.pdbx_pH_range   ? 
_exptl_crystal_grow.pdbx_details    '2.15M AMMONIUM SULFATE,50MM NACITRATE PH4.6,4% POLYPROPYLENE-GLYCOL 400,3% GLYCEROL, pH 4.60' 
# 
_diffrn.id                     1 
_diffrn.ambient_temp           100.0 
_diffrn.ambient_temp_details   ? 
_diffrn.crystal_id             1 
# 
_diffrn_detector.diffrn_id              1 
_diffrn_detector.detector               CCD 
_diffrn_detector.type                   'ADSC CCD' 
_diffrn_detector.pdbx_collection_date   2003-11-09 
_diffrn_detector.details                ? 
# 
_diffrn_radiation.diffrn_id                        1 
_diffrn_radiation.wavelength_id                    1 
_diffrn_radiation.pdbx_monochromatic_or_laue_m_l   M 
_diffrn_radiation.monochromator                    ? 
_diffrn_radiation.pdbx_diffrn_protocol             'SINGLE WAVELENGTH' 
_diffrn_radiation.pdbx_scattering_type             x-ray 
# 
_diffrn_radiation_wavelength.id           1 
_diffrn_radiation_wavelength.wavelength   0.934 
_diffrn_radiation_wavelength.wt           1.0 
# 
_diffrn_source.diffrn_id                   1 
_diffrn_source.source                      SYNCHROTRON 
_diffrn_source.type                        'ESRF BEAMLINE ID14-1' 
_diffrn_source.pdbx_synchrotron_site       ESRF 
_diffrn_source.pdbx_synchrotron_beamline   ID14-1 
_diffrn_source.pdbx_wavelength             0.934 
_diffrn_source.pdbx_wavelength_list        ? 
# 
_reflns.pdbx_diffrn_id               1 
_reflns.pdbx_ordinal                 1 
_reflns.entry_id                     2J8A 
_reflns.observed_criterion_sigma_I   2.000 
_reflns.observed_criterion_sigma_F   ? 
_reflns.d_resolution_low             39.500 
_reflns.d_resolution_high            3.000 
_reflns.number_obs                   7192 
_reflns.number_all                   ? 
_reflns.percent_possible_obs         99.6 
_reflns.pdbx_Rmerge_I_obs            0.01000 
_reflns.pdbx_Rsym_value              ? 
_reflns.pdbx_netI_over_sigmaI        23.8000 
_reflns.B_iso_Wilson_estimate        ? 
_reflns.pdbx_redundancy              9.400 
# 
_reflns_shell.pdbx_diffrn_id         1 
_reflns_shell.pdbx_ordinal           1 
_reflns_shell.d_res_high             3.00 
_reflns_shell.d_res_low              3.10 
_reflns_shell.percent_possible_all   100.0 
_reflns_shell.Rmerge_I_obs           0.31000 
_reflns_shell.pdbx_Rsym_value        ? 
_reflns_shell.meanI_over_sigI_obs    6.400 
_reflns_shell.pdbx_redundancy        9.80 
# 
_refine.pdbx_refine_id                           'X-RAY DIFFRACTION' 
_refine.entry_id                                 2J8A 
_refine.pdbx_diffrn_id                           1 
_refine.pdbx_TLS_residual_ADP_flag               ? 
_refine.ls_number_reflns_obs                     6381 
_refine.ls_number_reflns_all                     ? 
_refine.pdbx_ls_sigma_I                          ? 
_refine.pdbx_ls_sigma_F                          ? 
_refine.pdbx_data_cutoff_high_absF               ? 
_refine.pdbx_data_cutoff_low_absF                ? 
_refine.pdbx_data_cutoff_high_rms_absF           ? 
_refine.ls_d_res_low                             10.00 
_refine.ls_d_res_high                            3.00 
_refine.ls_percent_reflns_obs                    100.0 
_refine.ls_R_factor_obs                          0.247 
_refine.ls_R_factor_all                          ? 
_refine.ls_R_factor_R_work                       0.246 
_refine.ls_R_factor_R_free                       0.277 
_refine.ls_R_factor_R_free_error                 ? 
_refine.ls_R_factor_R_free_error_details         ? 
_refine.ls_percent_reflns_R_free                 4.800 
_refine.ls_number_reflns_R_free                  321 
_refine.ls_number_parameters                     ? 
_refine.ls_number_restraints                     ? 
_refine.occupancy_min                            ? 
_refine.occupancy_max                            ? 
_refine.correlation_coeff_Fo_to_Fc               0.914 
_refine.correlation_coeff_Fo_to_Fc_free          0.877 
_refine.B_iso_mean                               67.85 
_refine.aniso_B[1][1]                            ? 
_refine.aniso_B[2][2]                            ? 
_refine.aniso_B[3][3]                            ? 
_refine.aniso_B[1][2]                            ? 
_refine.aniso_B[1][3]                            ? 
_refine.aniso_B[2][3]                            ? 
_refine.solvent_model_details                    MASK 
_refine.solvent_model_param_ksol                 ? 
_refine.solvent_model_param_bsol                 ? 
_refine.pdbx_solvent_vdw_probe_radii             1.20 
_refine.pdbx_solvent_ion_probe_radii             0.80 
_refine.pdbx_solvent_shrinkage_radii             0.80 
_refine.pdbx_ls_cross_valid_method               THROUGHOUT 
_refine.details                                  
'HYDROGENS HAVE BEEN ADDED IN THE RIDING POSITIONS. RESIDUES 302-306 AND 367-CTERMINUS ARE DISORDERED' 
_refine.pdbx_starting_model                      ? 
_refine.pdbx_method_to_determine_struct          SIRAS 
_refine.pdbx_isotropic_thermal_model             ? 
_refine.pdbx_stereochemistry_target_values       'MAXIMUM LIKELIHOOD' 
_refine.pdbx_stereochem_target_val_spec_case     ? 
_refine.pdbx_R_Free_selection_details            RANDOM 
_refine.pdbx_overall_ESU_R                       0.435 
_refine.pdbx_overall_ESU_R_Free                  0.320 
_refine.overall_SU_ML                            0.234 
_refine.pdbx_overall_phase_error                 ? 
_refine.overall_SU_B                             12.120 
_refine.overall_SU_R_Cruickshank_DPI             ? 
_refine.pdbx_overall_SU_R_free_Cruickshank_DPI   ? 
_refine.pdbx_overall_SU_R_Blow_DPI               ? 
_refine.pdbx_overall_SU_R_free_Blow_DPI          ? 
# 
_refine_hist.pdbx_refine_id                   'X-RAY DIFFRACTION' 
_refine_hist.cycle_id                         LAST 
_refine_hist.pdbx_number_atoms_protein        915 
_refine_hist.pdbx_number_atoms_nucleic_acid   0 
_refine_hist.pdbx_number_atoms_ligand         0 
_refine_hist.number_atoms_solvent             0 
_refine_hist.number_atoms_total               915 
_refine_hist.d_res_high                       3.00 
_refine_hist.d_res_low                        10.00 
# 
loop_
_refine_ls_restr.type 
_refine_ls_restr.dev_ideal 
_refine_ls_restr.dev_ideal_target 
_refine_ls_restr.weight 
_refine_ls_restr.number 
_refine_ls_restr.pdbx_refine_id 
_refine_ls_restr.pdbx_restraint_function 
r_bond_refined_d             0.054  0.022  ? 933  'X-RAY DIFFRACTION' ? 
r_bond_other_d               ?      ?      ? ?    'X-RAY DIFFRACTION' ? 
r_angle_refined_deg          4.097  1.943  ? 1255 'X-RAY DIFFRACTION' ? 
r_angle_other_deg            ?      ?      ? ?    'X-RAY DIFFRACTION' ? 
r_dihedral_angle_1_deg       12.832 5.000  ? 112  'X-RAY DIFFRACTION' ? 
r_dihedral_angle_2_deg       31.879 25.581 ? 43   'X-RAY DIFFRACTION' ? 
r_dihedral_angle_3_deg       25.179 15.000 ? 173  'X-RAY DIFFRACTION' ? 
r_dihedral_angle_4_deg       6.192  15.000 ? 1    'X-RAY DIFFRACTION' ? 
r_chiral_restr               0.335  0.200  ? 141  'X-RAY DIFFRACTION' ? 
r_gen_planes_refined         0.016  0.020  ? 685  'X-RAY DIFFRACTION' ? 
r_gen_planes_other           ?      ?      ? ?    'X-RAY DIFFRACTION' ? 
r_nbd_refined                0.348  0.200  ? 520  'X-RAY DIFFRACTION' ? 
r_nbd_other                  ?      ?      ? ?    'X-RAY DIFFRACTION' ? 
r_nbtor_refined              0.392  0.200  ? 651  'X-RAY DIFFRACTION' ? 
r_nbtor_other                ?      ?      ? ?    'X-RAY DIFFRACTION' ? 
r_xyhbond_nbd_refined        0.232  0.200  ? 50   'X-RAY DIFFRACTION' ? 
r_xyhbond_nbd_other          ?      ?      ? ?    'X-RAY DIFFRACTION' ? 
r_metal_ion_refined          ?      ?      ? ?    'X-RAY DIFFRACTION' ? 
r_metal_ion_other            ?      ?      ? ?    'X-RAY DIFFRACTION' ? 
r_symmetry_vdw_refined       0.297  0.200  ? 44   'X-RAY DIFFRACTION' ? 
r_symmetry_vdw_other         ?      ?      ? ?    'X-RAY DIFFRACTION' ? 
r_symmetry_hbond_refined     0.096  0.200  ? 2    'X-RAY DIFFRACTION' ? 
r_symmetry_hbond_other       ?      ?      ? ?    'X-RAY DIFFRACTION' ? 
r_symmetry_metal_ion_refined ?      ?      ? ?    'X-RAY DIFFRACTION' ? 
r_symmetry_metal_ion_other   ?      ?      ? ?    'X-RAY DIFFRACTION' ? 
r_mcbond_it                  2.273  1.500  ? 586  'X-RAY DIFFRACTION' ? 
r_mcbond_other               ?      ?      ? ?    'X-RAY DIFFRACTION' ? 
r_mcangle_it                 3.563  2.000  ? 919  'X-RAY DIFFRACTION' ? 
r_mcangle_other              ?      ?      ? ?    'X-RAY DIFFRACTION' ? 
r_scbond_it                  5.078  3.000  ? 403  'X-RAY DIFFRACTION' ? 
r_scbond_other               ?      ?      ? ?    'X-RAY DIFFRACTION' ? 
r_scangle_it                 7.741  4.500  ? 336  'X-RAY DIFFRACTION' ? 
r_scangle_other              ?      ?      ? ?    'X-RAY DIFFRACTION' ? 
r_long_range_B_refined       ?      ?      ? ?    'X-RAY DIFFRACTION' ? 
r_long_range_B_other         ?      ?      ? ?    'X-RAY DIFFRACTION' ? 
r_rigid_bond_restr           ?      ?      ? ?    'X-RAY DIFFRACTION' ? 
r_sphericity_free            ?      ?      ? ?    'X-RAY DIFFRACTION' ? 
r_sphericity_bonded          ?      ?      ? ?    'X-RAY DIFFRACTION' ? 
# 
_refine_ls_shell.pdbx_refine_id                   'X-RAY DIFFRACTION' 
_refine_ls_shell.pdbx_total_number_of_bins_used   20 
_refine_ls_shell.d_res_high                       3.00 
_refine_ls_shell.d_res_low                        3.07 
_refine_ls_shell.number_reflns_R_work             443 
_refine_ls_shell.R_factor_R_work                  0.3660 
_refine_ls_shell.percent_reflns_obs               ? 
_refine_ls_shell.R_factor_R_free                  0.4300 
_refine_ls_shell.R_factor_R_free_error            ? 
_refine_ls_shell.percent_reflns_R_free            ? 
_refine_ls_shell.number_reflns_R_free             23 
_refine_ls_shell.number_reflns_all                ? 
_refine_ls_shell.R_factor_all                     ? 
# 
_struct.entry_id                  2J8A 
_struct.title                     'X-ray structure of the N-terminus RRM domain of Set1' 
_struct.pdbx_model_details        ? 
_struct.pdbx_CASP_flag            ? 
_struct.pdbx_model_type_details   ? 
# 
_struct_keywords.entry_id        2J8A 
_struct_keywords.pdbx_keywords   TRANSFERASE 
_struct_keywords.text            
'HISTONE METHYLTRANSFERASE, RRM FOLD, TELOMERE, TRANSFERASE, NUCLEAR PROTEIN, METHYLTRANSFERASE, CHROMOSOMAL PROTEIN' 
# 
_struct_asym.id                            A 
_struct_asym.pdbx_blank_PDB_chainid_flag   N 
_struct_asym.pdbx_modified                 N 
_struct_asym.entity_id                     1 
_struct_asym.details                       ? 
# 
loop_
_struct_ref.id 
_struct_ref.db_name 
_struct_ref.db_code 
_struct_ref.entity_id 
_struct_ref.pdbx_seq_one_letter_code 
_struct_ref.pdbx_align_begin 
_struct_ref.pdbx_db_accession 
_struct_ref.pdbx_db_isoform 
1 PDB 2J8A       1 ? ? 2J8A   ? 
2 UNP SET1_YEAST 1 ? ? P38827 ? 
# 
loop_
_struct_ref_seq.align_id 
_struct_ref_seq.ref_id 
_struct_ref_seq.pdbx_PDB_id_code 
_struct_ref_seq.pdbx_strand_id 
_struct_ref_seq.seq_align_beg 
_struct_ref_seq.pdbx_seq_align_beg_ins_code 
_struct_ref_seq.seq_align_end 
_struct_ref_seq.pdbx_seq_align_end_ins_code 
_struct_ref_seq.pdbx_db_accession 
_struct_ref_seq.db_align_beg 
_struct_ref_seq.pdbx_db_align_beg_ins_code 
_struct_ref_seq.db_align_end 
_struct_ref_seq.pdbx_db_align_end_ins_code 
_struct_ref_seq.pdbx_auth_seq_align_beg 
_struct_ref_seq.pdbx_auth_seq_align_end 
1 1 2J8A A 1   ? 1   ? 2J8A   246 ? 246 ? 246 246 
2 2 2J8A A 2   ? 130 ? P38827 247 ? 375 ? 247 375 
3 1 2J8A A 131 ? 136 ? 2J8A   376 ? 381 ? 376 381 
# 
_pdbx_struct_assembly.id                   1 
_pdbx_struct_assembly.details              author_and_software_defined_assembly 
_pdbx_struct_assembly.method_details       PQS 
_pdbx_struct_assembly.oligomeric_details   monomeric 
_pdbx_struct_assembly.oligomeric_count     1 
# 
_pdbx_struct_assembly_gen.assembly_id       1 
_pdbx_struct_assembly_gen.oper_expression   1 
_pdbx_struct_assembly_gen.asym_id_list      A 
# 
_pdbx_struct_oper_list.id                   1 
_pdbx_struct_oper_list.type                 'identity operation' 
_pdbx_struct_oper_list.name                 1_555 
_pdbx_struct_oper_list.symmetry_operation   x,y,z 
_pdbx_struct_oper_list.matrix[1][1]         1.0000000000 
_pdbx_struct_oper_list.matrix[1][2]         0.0000000000 
_pdbx_struct_oper_list.matrix[1][3]         0.0000000000 
_pdbx_struct_oper_list.vector[1]            0.0000000000 
_pdbx_struct_oper_list.matrix[2][1]         0.0000000000 
_pdbx_struct_oper_list.matrix[2][2]         1.0000000000 
_pdbx_struct_oper_list.matrix[2][3]         0.0000000000 
_pdbx_struct_oper_list.vector[2]            0.0000000000 
_pdbx_struct_oper_list.matrix[3][1]         0.0000000000 
_pdbx_struct_oper_list.matrix[3][2]         0.0000000000 
_pdbx_struct_oper_list.matrix[3][3]         1.0000000000 
_pdbx_struct_oper_list.vector[3]            0.0000000000 
# 
_struct_biol.id   1 
# 
loop_
_struct_conf.conf_type_id 
_struct_conf.id 
_struct_conf.pdbx_PDB_helix_id 
_struct_conf.beg_label_comp_id 
_struct_conf.beg_label_asym_id 
_struct_conf.beg_label_seq_id 
_struct_conf.pdbx_beg_PDB_ins_code 
_struct_conf.end_label_comp_id 
_struct_conf.end_label_asym_id 
_struct_conf.end_label_seq_id 
_struct_conf.pdbx_end_PDB_ins_code 
_struct_conf.beg_auth_comp_id 
_struct_conf.beg_auth_asym_id 
_struct_conf.beg_auth_seq_id 
_struct_conf.end_auth_comp_id 
_struct_conf.end_auth_asym_id 
_struct_conf.end_auth_seq_id 
_struct_conf.pdbx_PDB_helix_class 
_struct_conf.details 
_struct_conf.pdbx_PDB_helix_length 
HELX_P HELX_P1 1 GLN A 19 ? LYS A 29  ? GLN A 264 LYS A 274 1 ? 11 
HELX_P HELX_P2 2 ASP A 64 ? HIS A 76  ? ASP A 309 HIS A 321 1 ? 13 
HELX_P HELX_P3 3 SER A 96 ? LEU A 120 ? SER A 341 LEU A 365 1 ? 25 
# 
_struct_conf_type.id          HELX_P 
_struct_conf_type.criteria    ? 
_struct_conf_type.reference   ? 
# 
_struct_sheet.id               AA 
_struct_sheet.type             ? 
_struct_sheet.number_strands   5 
_struct_sheet.details          ? 
# 
loop_
_struct_sheet_order.sheet_id 
_struct_sheet_order.range_id_1 
_struct_sheet_order.range_id_2 
_struct_sheet_order.offset 
_struct_sheet_order.sense 
AA 1 2 ? anti-parallel 
AA 2 3 ? anti-parallel 
AA 3 4 ? anti-parallel 
AA 4 5 ? anti-parallel 
# 
loop_
_struct_sheet_range.sheet_id 
_struct_sheet_range.id 
_struct_sheet_range.beg_label_comp_id 
_struct_sheet_range.beg_label_asym_id 
_struct_sheet_range.beg_label_seq_id 
_struct_sheet_range.pdbx_beg_PDB_ins_code 
_struct_sheet_range.end_label_comp_id 
_struct_sheet_range.end_label_asym_id 
_struct_sheet_range.end_label_seq_id 
_struct_sheet_range.pdbx_end_PDB_ins_code 
_struct_sheet_range.beg_auth_comp_id 
_struct_sheet_range.beg_auth_asym_id 
_struct_sheet_range.beg_auth_seq_id 
_struct_sheet_range.end_auth_comp_id 
_struct_sheet_range.end_auth_asym_id 
_struct_sheet_range.end_auth_seq_id 
AA 1 HIS A 35 ? ASN A 40 ? HIS A 280 ASN A 285 
AA 2 PRO A 47 ? LYS A 54 ? PRO A 292 LYS A 299 
AA 3 GLU A 4  ? PRO A 9  ? GLU A 249 PRO A 254 
AA 4 PHE A 86 ? LEU A 92 ? PHE A 331 LEU A 337 
AA 5 CYS A 81 ? ILE A 83 ? CYS A 326 ILE A 328 
# 
loop_
_pdbx_struct_sheet_hbond.sheet_id 
_pdbx_struct_sheet_hbond.range_id_1 
_pdbx_struct_sheet_hbond.range_id_2 
_pdbx_struct_sheet_hbond.range_1_label_atom_id 
_pdbx_struct_sheet_hbond.range_1_label_comp_id 
_pdbx_struct_sheet_hbond.range_1_label_asym_id 
_pdbx_struct_sheet_hbond.range_1_label_seq_id 
_pdbx_struct_sheet_hbond.range_1_PDB_ins_code 
_pdbx_struct_sheet_hbond.range_1_auth_atom_id 
_pdbx_struct_sheet_hbond.range_1_auth_comp_id 
_pdbx_struct_sheet_hbond.range_1_auth_asym_id 
_pdbx_struct_sheet_hbond.range_1_auth_seq_id 
_pdbx_struct_sheet_hbond.range_2_label_atom_id 
_pdbx_struct_sheet_hbond.range_2_label_comp_id 
_pdbx_struct_sheet_hbond.range_2_label_asym_id 
_pdbx_struct_sheet_hbond.range_2_label_seq_id 
_pdbx_struct_sheet_hbond.range_2_PDB_ins_code 
_pdbx_struct_sheet_hbond.range_2_auth_atom_id 
_pdbx_struct_sheet_hbond.range_2_auth_comp_id 
_pdbx_struct_sheet_hbond.range_2_auth_asym_id 
_pdbx_struct_sheet_hbond.range_2_auth_seq_id 
AA 1 2 O PHE A 39 ? O PHE A 284 N LEU A 48 ? N LEU A 293 
AA 2 3 N ILE A 53 ? N ILE A 298 O ILE A 5  ? O ILE A 250 
AA 3 4 N TYR A 8  ? N TYR A 253 O GLU A 89 ? O GLU A 334 
AA 4 5 N PHE A 88 ? N PHE A 333 O CYS A 81 ? O CYS A 326 
# 
loop_
_pdbx_validate_rmsd_bond.id 
_pdbx_validate_rmsd_bond.PDB_model_num 
_pdbx_validate_rmsd_bond.auth_atom_id_1 
_pdbx_validate_rmsd_bond.auth_asym_id_1 
_pdbx_validate_rmsd_bond.auth_comp_id_1 
_pdbx_validate_rmsd_bond.auth_seq_id_1 
_pdbx_validate_rmsd_bond.PDB_ins_code_1 
_pdbx_validate_rmsd_bond.label_alt_id_1 
_pdbx_validate_rmsd_bond.auth_atom_id_2 
_pdbx_validate_rmsd_bond.auth_asym_id_2 
_pdbx_validate_rmsd_bond.auth_comp_id_2 
_pdbx_validate_rmsd_bond.auth_seq_id_2 
_pdbx_validate_rmsd_bond.PDB_ins_code_2 
_pdbx_validate_rmsd_bond.label_alt_id_2 
_pdbx_validate_rmsd_bond.bond_value 
_pdbx_validate_rmsd_bond.bond_target_value 
_pdbx_validate_rmsd_bond.bond_deviation 
_pdbx_validate_rmsd_bond.bond_standard_deviation 
_pdbx_validate_rmsd_bond.linker_flag 
1  1 CB  A CYS 248 ? ? SG  A CYS 248 ? ? 1.682 1.812 -0.130 0.016 N 
2  1 CB  A GLU 249 ? ? CG  A GLU 249 ? ? 1.342 1.517 -0.175 0.019 N 
3  1 CE2 A TYR 253 ? ? CD2 A TYR 253 ? ? 1.506 1.389 0.117  0.015 N 
4  1 CA  A THR 260 ? ? CB  A THR 260 ? ? 1.702 1.529 0.173  0.026 N 
5  1 CB  A TYR 271 ? ? CG  A TYR 271 ? ? 1.402 1.512 -0.110 0.015 N 
6  1 CE2 A TYR 271 ? ? CD2 A TYR 271 ? ? 1.495 1.389 0.106  0.015 N 
7  1 CZ  A PHE 281 ? ? CE2 A PHE 281 ? ? 1.485 1.369 0.116  0.019 N 
8  1 CB  A GLU 282 ? ? CG  A GLU 282 ? ? 1.363 1.517 -0.154 0.019 N 
9  1 CZ  A PHE 284 ? ? CE2 A PHE 284 ? ? 1.496 1.369 0.127  0.019 N 
10 1 C   A VAL 295 ? ? O   A VAL 295 ? ? 1.347 1.229 0.118  0.019 N 
11 1 CA  A ALA 301 ? ? CB  A ALA 301 ? ? 1.673 1.520 0.153  0.021 N 
12 1 CA  A SER 323 ? ? CB  A SER 323 ? ? 1.638 1.525 0.113  0.015 N 
13 1 CA  A SER 324 ? ? CB  A SER 324 ? ? 1.627 1.525 0.102  0.015 N 
14 1 CA  A PHE 327 ? ? CB  A PHE 327 ? ? 1.398 1.535 -0.137 0.022 N 
15 1 CB  A PHE 327 ? ? CG  A PHE 327 ? ? 1.388 1.509 -0.121 0.017 N 
16 1 CE1 A PHE 331 ? ? CZ  A PHE 331 ? ? 1.486 1.369 0.117  0.019 N 
17 1 CE2 A PHE 331 ? ? CD2 A PHE 331 ? ? 1.516 1.388 0.128  0.020 N 
18 1 C   A LEU 343 ? ? O   A LEU 343 ? ? 1.352 1.229 0.123  0.019 N 
19 1 C   A SER 348 ? ? O   A SER 348 ? ? 1.360 1.229 0.131  0.019 N 
20 1 CD  A LYS 349 ? ? CE  A LYS 349 ? ? 1.718 1.508 0.210  0.025 N 
21 1 CE  A LYS 349 ? ? NZ  A LYS 349 ? ? 1.714 1.486 0.228  0.025 N 
22 1 CA  A VAL 351 ? ? CB  A VAL 351 ? ? 1.410 1.543 -0.133 0.021 N 
23 1 CG  A GLU 352 ? ? CD  A GLU 352 ? ? 1.647 1.515 0.132  0.015 N 
24 1 CA  A ILE 353 ? ? CB  A ILE 353 ? ? 1.384 1.544 -0.160 0.023 N 
25 1 N   A ASN 354 ? ? CA  A ASN 354 ? ? 1.339 1.459 -0.120 0.020 N 
26 1 CE  A LYS 356 ? ? NZ  A LYS 356 ? ? 1.670 1.486 0.184  0.025 N 
27 1 CG  A LYS 366 ? ? CD  A LYS 366 ? ? 1.755 1.520 0.235  0.034 N 
28 1 CD  A LYS 366 ? ? CE  A LYS 366 ? ? 1.698 1.508 0.190  0.025 N 
29 1 CE  A LYS 366 ? ? NZ  A LYS 366 ? ? 1.658 1.486 0.172  0.025 N 
# 
loop_
_pdbx_validate_rmsd_angle.id 
_pdbx_validate_rmsd_angle.PDB_model_num 
_pdbx_validate_rmsd_angle.auth_atom_id_1 
_pdbx_validate_rmsd_angle.auth_asym_id_1 
_pdbx_validate_rmsd_angle.auth_comp_id_1 
_pdbx_validate_rmsd_angle.auth_seq_id_1 
_pdbx_validate_rmsd_angle.PDB_ins_code_1 
_pdbx_validate_rmsd_angle.label_alt_id_1 
_pdbx_validate_rmsd_angle.auth_atom_id_2 
_pdbx_validate_rmsd_angle.auth_asym_id_2 
_pdbx_validate_rmsd_angle.auth_comp_id_2 
_pdbx_validate_rmsd_angle.auth_seq_id_2 
_pdbx_validate_rmsd_angle.PDB_ins_code_2 
_pdbx_validate_rmsd_angle.label_alt_id_2 
_pdbx_validate_rmsd_angle.auth_atom_id_3 
_pdbx_validate_rmsd_angle.auth_asym_id_3 
_pdbx_validate_rmsd_angle.auth_comp_id_3 
_pdbx_validate_rmsd_angle.auth_seq_id_3 
_pdbx_validate_rmsd_angle.PDB_ins_code_3 
_pdbx_validate_rmsd_angle.label_alt_id_3 
_pdbx_validate_rmsd_angle.angle_value 
_pdbx_validate_rmsd_angle.angle_target_value 
_pdbx_validate_rmsd_angle.angle_deviation 
_pdbx_validate_rmsd_angle.angle_standard_deviation 
_pdbx_validate_rmsd_angle.linker_flag 
1  1 CB  A ASP 257 ? ? CG A ASP 257 ? ? OD1 A ASP 257 ? ? 127.00 118.30 8.70   0.90 N 
2  1 CB  A ASP 257 ? ? CG A ASP 257 ? ? OD2 A ASP 257 ? ? 107.77 118.30 -10.53 0.90 N 
3  1 N   A THR 259 ? ? CA A THR 259 ? ? C   A THR 259 ? ? 130.66 111.00 19.66  2.70 N 
4  1 CD  A LYS 269 ? ? CE A LYS 269 ? ? NZ  A LYS 269 ? ? 91.21  111.70 -20.49 2.30 N 
5  1 CD  A LYS 273 ? ? CE A LYS 273 ? ? NZ  A LYS 273 ? ? 126.05 111.70 14.35  2.30 N 
6  1 N   A GLU 277 ? ? CA A GLU 277 ? ? C   A GLU 277 ? ? 94.64  111.00 -16.36 2.70 N 
7  1 CB  A LEU 293 ? ? CG A LEU 293 ? ? CD2 A LEU 293 ? ? 100.27 111.00 -10.73 1.70 N 
8  1 N   A HIS 321 ? ? CA A HIS 321 ? ? C   A HIS 321 ? ? 129.10 111.00 18.10  2.70 N 
9  1 CG  A MET 329 ? ? SD A MET 329 ? ? CE  A MET 329 ? ? 110.77 100.20 10.57  1.60 N 
10 1 CB  A VAL 335 ? ? CA A VAL 335 ? ? C   A VAL 335 ? ? 99.27  111.40 -12.13 1.90 N 
11 1 CB  A LEU 343 ? ? CG A LEU 343 ? ? CD1 A LEU 343 ? ? 94.90  111.00 -16.10 1.70 N 
12 1 N   A GLU 352 ? ? CA A GLU 352 ? ? CB  A GLU 352 ? ? 99.19  110.60 -11.41 1.80 N 
13 1 OE1 A GLU 352 ? ? CD A GLU 352 ? ? OE2 A GLU 352 ? ? 115.09 123.30 -8.21  1.20 N 
14 1 CA  A LEU 365 ? ? CB A LEU 365 ? ? CG  A LEU 365 ? ? 133.96 115.30 18.66  2.30 N 
# 
loop_
_pdbx_validate_torsion.id 
_pdbx_validate_torsion.PDB_model_num 
_pdbx_validate_torsion.auth_comp_id 
_pdbx_validate_torsion.auth_asym_id 
_pdbx_validate_torsion.auth_seq_id 
_pdbx_validate_torsion.PDB_ins_code 
_pdbx_validate_torsion.label_alt_id 
_pdbx_validate_torsion.phi 
_pdbx_validate_torsion.psi 
1  1 CYS A 248 ? ? -136.32 -34.34 
2  1 ASP A 257 ? ? -28.35  -74.04 
3  1 ASN A 262 ? ? -146.20 35.93  
4  1 ASP A 265 ? ? -43.49  -72.62 
5  1 ILE A 266 ? ? -16.52  -74.82 
6  1 SER A 267 ? ? -27.56  -28.10 
7  1 ASN A 270 ? ? -33.51  -83.95 
8  1 TYR A 271 ? ? -28.05  -49.21 
9  1 LYS A 273 ? ? -25.73  -41.87 
10 1 LYS A 274 ? ? -63.80  39.53  
11 1 TYR A 275 ? ? -159.52 -25.69 
12 1 HIS A 280 ? ? 171.35  132.75 
13 1 ALA A 290 ? ? 63.55   -2.83  
14 1 HIS A 294 ? ? 71.69   53.66  
15 1 ALA A 310 ? ? -47.46  -75.15 
16 1 ALA A 311 ? ? -32.71  -35.88 
17 1 ALA A 313 ? ? -39.79  -78.71 
18 1 ALA A 314 ? ? -26.14  -62.07 
19 1 SER A 323 ? ? -35.85  -86.47 
20 1 ASN A 364 ? ? -31.63  -36.23 
# 
loop_
_pdbx_validate_peptide_omega.id 
_pdbx_validate_peptide_omega.PDB_model_num 
_pdbx_validate_peptide_omega.auth_comp_id_1 
_pdbx_validate_peptide_omega.auth_asym_id_1 
_pdbx_validate_peptide_omega.auth_seq_id_1 
_pdbx_validate_peptide_omega.PDB_ins_code_1 
_pdbx_validate_peptide_omega.label_alt_id_1 
_pdbx_validate_peptide_omega.auth_comp_id_2 
_pdbx_validate_peptide_omega.auth_asym_id_2 
_pdbx_validate_peptide_omega.auth_seq_id_2 
_pdbx_validate_peptide_omega.PDB_ins_code_2 
_pdbx_validate_peptide_omega.label_alt_id_2 
_pdbx_validate_peptide_omega.omega 
1 1 SER A 247 ? ? CYS A 248 ? ? -139.77 
2 1 THR A 260 ? ? THR A 261 ? ? 147.48  
3 1 TYR A 300 ? ? ALA A 301 ? ? 144.58  
4 1 ASP A 309 ? ? ALA A 310 ? ? 138.33  
5 1 GLU A 363 ? ? ASN A 364 ? ? 146.54  
# 
_pdbx_validate_chiral.id              1 
_pdbx_validate_chiral.PDB_model_num   1 
_pdbx_validate_chiral.auth_atom_id    CA 
_pdbx_validate_chiral.label_alt_id    ? 
_pdbx_validate_chiral.auth_asym_id    A 
_pdbx_validate_chiral.auth_comp_id    THR 
_pdbx_validate_chiral.auth_seq_id     259 
_pdbx_validate_chiral.PDB_ins_code    ? 
_pdbx_validate_chiral.details         PLANAR 
_pdbx_validate_chiral.omega           . 
# 
loop_
_pdbx_unobs_or_zero_occ_residues.id 
_pdbx_unobs_or_zero_occ_residues.PDB_model_num 
_pdbx_unobs_or_zero_occ_residues.polymer_flag 
_pdbx_unobs_or_zero_occ_residues.occupancy_flag 
_pdbx_unobs_or_zero_occ_residues.auth_asym_id 
_pdbx_unobs_or_zero_occ_residues.auth_comp_id 
_pdbx_unobs_or_zero_occ_residues.auth_seq_id 
_pdbx_unobs_or_zero_occ_residues.PDB_ins_code 
_pdbx_unobs_or_zero_occ_residues.label_asym_id 
_pdbx_unobs_or_zero_occ_residues.label_comp_id 
_pdbx_unobs_or_zero_occ_residues.label_seq_id 
1  1 Y 1 A MET 246 ? A MET 1   
2  1 Y 1 A SER 302 ? A SER 57  
3  1 Y 1 A SER 303 ? A SER 58  
4  1 Y 1 A ASP 304 ? A ASP 59  
5  1 Y 1 A GLY 305 ? A GLY 60  
6  1 Y 1 A LYS 306 ? A LYS 61  
7  1 Y 1 A ILE 307 ? A ILE 62  
8  1 Y 1 A LYS 367 ? A LYS 122 
9  1 Y 1 A ALA 368 ? A ALA 123 
10 1 Y 1 A LYS 369 ? A LYS 124 
11 1 Y 1 A GLU 370 ? A GLU 125 
12 1 Y 1 A LYS 371 ? A LYS 126 
13 1 Y 1 A GLU 372 ? A GLU 127 
14 1 Y 1 A ALA 373 ? A ALA 128 
15 1 Y 1 A GLU 374 ? A GLU 129 
16 1 Y 1 A ASN 375 ? A ASN 130 
17 1 Y 1 A HIS 376 ? A HIS 131 
18 1 Y 1 A HIS 377 ? A HIS 132 
19 1 Y 1 A HIS 378 ? A HIS 133 
20 1 Y 1 A HIS 379 ? A HIS 134 
21 1 Y 1 A HIS 380 ? A HIS 135 
22 1 Y 1 A HIS 381 ? A HIS 136 
# 
loop_
_chem_comp_atom.comp_id 
_chem_comp_atom.atom_id 
_chem_comp_atom.type_symbol 
_chem_comp_atom.pdbx_aromatic_flag 
_chem_comp_atom.pdbx_stereo_config 
_chem_comp_atom.pdbx_ordinal 
ALA N    N N N 1   
ALA CA   C N S 2   
ALA C    C N N 3   
ALA O    O N N 4   
ALA CB   C N N 5   
ALA OXT  O N N 6   
ALA H    H N N 7   
ALA H2   H N N 8   
ALA HA   H N N 9   
ALA HB1  H N N 10  
ALA HB2  H N N 11  
ALA HB3  H N N 12  
ALA HXT  H N N 13  
ARG N    N N N 14  
ARG CA   C N S 15  
ARG C    C N N 16  
ARG O    O N N 17  
ARG CB   C N N 18  
ARG CG   C N N 19  
ARG CD   C N N 20  
ARG NE   N N N 21  
ARG CZ   C N N 22  
ARG NH1  N N N 23  
ARG NH2  N N N 24  
ARG OXT  O N N 25  
ARG H    H N N 26  
ARG H2   H N N 27  
ARG HA   H N N 28  
ARG HB2  H N N 29  
ARG HB3  H N N 30  
ARG HG2  H N N 31  
ARG HG3  H N N 32  
ARG HD2  H N N 33  
ARG HD3  H N N 34  
ARG HE   H N N 35  
ARG HH11 H N N 36  
ARG HH12 H N N 37  
ARG HH21 H N N 38  
ARG HH22 H N N 39  
ARG HXT  H N N 40  
ASN N    N N N 41  
ASN CA   C N S 42  
ASN C    C N N 43  
ASN O    O N N 44  
ASN CB   C N N 45  
ASN CG   C N N 46  
ASN OD1  O N N 47  
ASN ND2  N N N 48  
ASN OXT  O N N 49  
ASN H    H N N 50  
ASN H2   H N N 51  
ASN HA   H N N 52  
ASN HB2  H N N 53  
ASN HB3  H N N 54  
ASN HD21 H N N 55  
ASN HD22 H N N 56  
ASN HXT  H N N 57  
ASP N    N N N 58  
ASP CA   C N S 59  
ASP C    C N N 60  
ASP O    O N N 61  
ASP CB   C N N 62  
ASP CG   C N N 63  
ASP OD1  O N N 64  
ASP OD2  O N N 65  
ASP OXT  O N N 66  
ASP H    H N N 67  
ASP H2   H N N 68  
ASP HA   H N N 69  
ASP HB2  H N N 70  
ASP HB3  H N N 71  
ASP HD2  H N N 72  
ASP HXT  H N N 73  
CYS N    N N N 74  
CYS CA   C N R 75  
CYS C    C N N 76  
CYS O    O N N 77  
CYS CB   C N N 78  
CYS SG   S N N 79  
CYS OXT  O N N 80  
CYS H    H N N 81  
CYS H2   H N N 82  
CYS HA   H N N 83  
CYS HB2  H N N 84  
CYS HB3  H N N 85  
CYS HG   H N N 86  
CYS HXT  H N N 87  
GLN N    N N N 88  
GLN CA   C N S 89  
GLN C    C N N 90  
GLN O    O N N 91  
GLN CB   C N N 92  
GLN CG   C N N 93  
GLN CD   C N N 94  
GLN OE1  O N N 95  
GLN NE2  N N N 96  
GLN OXT  O N N 97  
GLN H    H N N 98  
GLN H2   H N N 99  
GLN HA   H N N 100 
GLN HB2  H N N 101 
GLN HB3  H N N 102 
GLN HG2  H N N 103 
GLN HG3  H N N 104 
GLN HE21 H N N 105 
GLN HE22 H N N 106 
GLN HXT  H N N 107 
GLU N    N N N 108 
GLU CA   C N S 109 
GLU C    C N N 110 
GLU O    O N N 111 
GLU CB   C N N 112 
GLU CG   C N N 113 
GLU CD   C N N 114 
GLU OE1  O N N 115 
GLU OE2  O N N 116 
GLU OXT  O N N 117 
GLU H    H N N 118 
GLU H2   H N N 119 
GLU HA   H N N 120 
GLU HB2  H N N 121 
GLU HB3  H N N 122 
GLU HG2  H N N 123 
GLU HG3  H N N 124 
GLU HE2  H N N 125 
GLU HXT  H N N 126 
GLY N    N N N 127 
GLY CA   C N N 128 
GLY C    C N N 129 
GLY O    O N N 130 
GLY OXT  O N N 131 
GLY H    H N N 132 
GLY H2   H N N 133 
GLY HA2  H N N 134 
GLY HA3  H N N 135 
GLY HXT  H N N 136 
HIS N    N N N 137 
HIS CA   C N S 138 
HIS C    C N N 139 
HIS O    O N N 140 
HIS CB   C N N 141 
HIS CG   C Y N 142 
HIS ND1  N Y N 143 
HIS CD2  C Y N 144 
HIS CE1  C Y N 145 
HIS NE2  N Y N 146 
HIS OXT  O N N 147 
HIS H    H N N 148 
HIS H2   H N N 149 
HIS HA   H N N 150 
HIS HB2  H N N 151 
HIS HB3  H N N 152 
HIS HD1  H N N 153 
HIS HD2  H N N 154 
HIS HE1  H N N 155 
HIS HE2  H N N 156 
HIS HXT  H N N 157 
ILE N    N N N 158 
ILE CA   C N S 159 
ILE C    C N N 160 
ILE O    O N N 161 
ILE CB   C N S 162 
ILE CG1  C N N 163 
ILE CG2  C N N 164 
ILE CD1  C N N 165 
ILE OXT  O N N 166 
ILE H    H N N 167 
ILE H2   H N N 168 
ILE HA   H N N 169 
ILE HB   H N N 170 
ILE HG12 H N N 171 
ILE HG13 H N N 172 
ILE HG21 H N N 173 
ILE HG22 H N N 174 
ILE HG23 H N N 175 
ILE HD11 H N N 176 
ILE HD12 H N N 177 
ILE HD13 H N N 178 
ILE HXT  H N N 179 
LEU N    N N N 180 
LEU CA   C N S 181 
LEU C    C N N 182 
LEU O    O N N 183 
LEU CB   C N N 184 
LEU CG   C N N 185 
LEU CD1  C N N 186 
LEU CD2  C N N 187 
LEU OXT  O N N 188 
LEU H    H N N 189 
LEU H2   H N N 190 
LEU HA   H N N 191 
LEU HB2  H N N 192 
LEU HB3  H N N 193 
LEU HG   H N N 194 
LEU HD11 H N N 195 
LEU HD12 H N N 196 
LEU HD13 H N N 197 
LEU HD21 H N N 198 
LEU HD22 H N N 199 
LEU HD23 H N N 200 
LEU HXT  H N N 201 
LYS N    N N N 202 
LYS CA   C N S 203 
LYS C    C N N 204 
LYS O    O N N 205 
LYS CB   C N N 206 
LYS CG   C N N 207 
LYS CD   C N N 208 
LYS CE   C N N 209 
LYS NZ   N N N 210 
LYS OXT  O N N 211 
LYS H    H N N 212 
LYS H2   H N N 213 
LYS HA   H N N 214 
LYS HB2  H N N 215 
LYS HB3  H N N 216 
LYS HG2  H N N 217 
LYS HG3  H N N 218 
LYS HD2  H N N 219 
LYS HD3  H N N 220 
LYS HE2  H N N 221 
LYS HE3  H N N 222 
LYS HZ1  H N N 223 
LYS HZ2  H N N 224 
LYS HZ3  H N N 225 
LYS HXT  H N N 226 
MET N    N N N 227 
MET CA   C N S 228 
MET C    C N N 229 
MET O    O N N 230 
MET CB   C N N 231 
MET CG   C N N 232 
MET SD   S N N 233 
MET CE   C N N 234 
MET OXT  O N N 235 
MET H    H N N 236 
MET H2   H N N 237 
MET HA   H N N 238 
MET HB2  H N N 239 
MET HB3  H N N 240 
MET HG2  H N N 241 
MET HG3  H N N 242 
MET HE1  H N N 243 
MET HE2  H N N 244 
MET HE3  H N N 245 
MET HXT  H N N 246 
PHE N    N N N 247 
PHE CA   C N S 248 
PHE C    C N N 249 
PHE O    O N N 250 
PHE CB   C N N 251 
PHE CG   C Y N 252 
PHE CD1  C Y N 253 
PHE CD2  C Y N 254 
PHE CE1  C Y N 255 
PHE CE2  C Y N 256 
PHE CZ   C Y N 257 
PHE OXT  O N N 258 
PHE H    H N N 259 
PHE H2   H N N 260 
PHE HA   H N N 261 
PHE HB2  H N N 262 
PHE HB3  H N N 263 
PHE HD1  H N N 264 
PHE HD2  H N N 265 
PHE HE1  H N N 266 
PHE HE2  H N N 267 
PHE HZ   H N N 268 
PHE HXT  H N N 269 
PRO N    N N N 270 
PRO CA   C N S 271 
PRO C    C N N 272 
PRO O    O N N 273 
PRO CB   C N N 274 
PRO CG   C N N 275 
PRO CD   C N N 276 
PRO OXT  O N N 277 
PRO H    H N N 278 
PRO HA   H N N 279 
PRO HB2  H N N 280 
PRO HB3  H N N 281 
PRO HG2  H N N 282 
PRO HG3  H N N 283 
PRO HD2  H N N 284 
PRO HD3  H N N 285 
PRO HXT  H N N 286 
SER N    N N N 287 
SER CA   C N S 288 
SER C    C N N 289 
SER O    O N N 290 
SER CB   C N N 291 
SER OG   O N N 292 
SER OXT  O N N 293 
SER H    H N N 294 
SER H2   H N N 295 
SER HA   H N N 296 
SER HB2  H N N 297 
SER HB3  H N N 298 
SER HG   H N N 299 
SER HXT  H N N 300 
THR N    N N N 301 
THR CA   C N S 302 
THR C    C N N 303 
THR O    O N N 304 
THR CB   C N R 305 
THR OG1  O N N 306 
THR CG2  C N N 307 
THR OXT  O N N 308 
THR H    H N N 309 
THR H2   H N N 310 
THR HA   H N N 311 
THR HB   H N N 312 
THR HG1  H N N 313 
THR HG21 H N N 314 
THR HG22 H N N 315 
THR HG23 H N N 316 
THR HXT  H N N 317 
TYR N    N N N 318 
TYR CA   C N S 319 
TYR C    C N N 320 
TYR O    O N N 321 
TYR CB   C N N 322 
TYR CG   C Y N 323 
TYR CD1  C Y N 324 
TYR CD2  C Y N 325 
TYR CE1  C Y N 326 
TYR CE2  C Y N 327 
TYR CZ   C Y N 328 
TYR OH   O N N 329 
TYR OXT  O N N 330 
TYR H    H N N 331 
TYR H2   H N N 332 
TYR HA   H N N 333 
TYR HB2  H N N 334 
TYR HB3  H N N 335 
TYR HD1  H N N 336 
TYR HD2  H N N 337 
TYR HE1  H N N 338 
TYR HE2  H N N 339 
TYR HH   H N N 340 
TYR HXT  H N N 341 
VAL N    N N N 342 
VAL CA   C N S 343 
VAL C    C N N 344 
VAL O    O N N 345 
VAL CB   C N N 346 
VAL CG1  C N N 347 
VAL CG2  C N N 348 
VAL OXT  O N N 349 
VAL H    H N N 350 
VAL H2   H N N 351 
VAL HA   H N N 352 
VAL HB   H N N 353 
VAL HG11 H N N 354 
VAL HG12 H N N 355 
VAL HG13 H N N 356 
VAL HG21 H N N 357 
VAL HG22 H N N 358 
VAL HG23 H N N 359 
VAL HXT  H N N 360 
# 
loop_
_chem_comp_bond.comp_id 
_chem_comp_bond.atom_id_1 
_chem_comp_bond.atom_id_2 
_chem_comp_bond.value_order 
_chem_comp_bond.pdbx_aromatic_flag 
_chem_comp_bond.pdbx_stereo_config 
_chem_comp_bond.pdbx_ordinal 
ALA N   CA   sing N N 1   
ALA N   H    sing N N 2   
ALA N   H2   sing N N 3   
ALA CA  C    sing N N 4   
ALA CA  CB   sing N N 5   
ALA CA  HA   sing N N 6   
ALA C   O    doub N N 7   
ALA C   OXT  sing N N 8   
ALA CB  HB1  sing N N 9   
ALA CB  HB2  sing N N 10  
ALA CB  HB3  sing N N 11  
ALA OXT HXT  sing N N 12  
ARG N   CA   sing N N 13  
ARG N   H    sing N N 14  
ARG N   H2   sing N N 15  
ARG CA  C    sing N N 16  
ARG CA  CB   sing N N 17  
ARG CA  HA   sing N N 18  
ARG C   O    doub N N 19  
ARG C   OXT  sing N N 20  
ARG CB  CG   sing N N 21  
ARG CB  HB2  sing N N 22  
ARG CB  HB3  sing N N 23  
ARG CG  CD   sing N N 24  
ARG CG  HG2  sing N N 25  
ARG CG  HG3  sing N N 26  
ARG CD  NE   sing N N 27  
ARG CD  HD2  sing N N 28  
ARG CD  HD3  sing N N 29  
ARG NE  CZ   sing N N 30  
ARG NE  HE   sing N N 31  
ARG CZ  NH1  sing N N 32  
ARG CZ  NH2  doub N N 33  
ARG NH1 HH11 sing N N 34  
ARG NH1 HH12 sing N N 35  
ARG NH2 HH21 sing N N 36  
ARG NH2 HH22 sing N N 37  
ARG OXT HXT  sing N N 38  
ASN N   CA   sing N N 39  
ASN N   H    sing N N 40  
ASN N   H2   sing N N 41  
ASN CA  C    sing N N 42  
ASN CA  CB   sing N N 43  
ASN CA  HA   sing N N 44  
ASN C   O    doub N N 45  
ASN C   OXT  sing N N 46  
ASN CB  CG   sing N N 47  
ASN CB  HB2  sing N N 48  
ASN CB  HB3  sing N N 49  
ASN CG  OD1  doub N N 50  
ASN CG  ND2  sing N N 51  
ASN ND2 HD21 sing N N 52  
ASN ND2 HD22 sing N N 53  
ASN OXT HXT  sing N N 54  
ASP N   CA   sing N N 55  
ASP N   H    sing N N 56  
ASP N   H2   sing N N 57  
ASP CA  C    sing N N 58  
ASP CA  CB   sing N N 59  
ASP CA  HA   sing N N 60  
ASP C   O    doub N N 61  
ASP C   OXT  sing N N 62  
ASP CB  CG   sing N N 63  
ASP CB  HB2  sing N N 64  
ASP CB  HB3  sing N N 65  
ASP CG  OD1  doub N N 66  
ASP CG  OD2  sing N N 67  
ASP OD2 HD2  sing N N 68  
ASP OXT HXT  sing N N 69  
CYS N   CA   sing N N 70  
CYS N   H    sing N N 71  
CYS N   H2   sing N N 72  
CYS CA  C    sing N N 73  
CYS CA  CB   sing N N 74  
CYS CA  HA   sing N N 75  
CYS C   O    doub N N 76  
CYS C   OXT  sing N N 77  
CYS CB  SG   sing N N 78  
CYS CB  HB2  sing N N 79  
CYS CB  HB3  sing N N 80  
CYS SG  HG   sing N N 81  
CYS OXT HXT  sing N N 82  
GLN N   CA   sing N N 83  
GLN N   H    sing N N 84  
GLN N   H2   sing N N 85  
GLN CA  C    sing N N 86  
GLN CA  CB   sing N N 87  
GLN CA  HA   sing N N 88  
GLN C   O    doub N N 89  
GLN C   OXT  sing N N 90  
GLN CB  CG   sing N N 91  
GLN CB  HB2  sing N N 92  
GLN CB  HB3  sing N N 93  
GLN CG  CD   sing N N 94  
GLN CG  HG2  sing N N 95  
GLN CG  HG3  sing N N 96  
GLN CD  OE1  doub N N 97  
GLN CD  NE2  sing N N 98  
GLN NE2 HE21 sing N N 99  
GLN NE2 HE22 sing N N 100 
GLN OXT HXT  sing N N 101 
GLU N   CA   sing N N 102 
GLU N   H    sing N N 103 
GLU N   H2   sing N N 104 
GLU CA  C    sing N N 105 
GLU CA  CB   sing N N 106 
GLU CA  HA   sing N N 107 
GLU C   O    doub N N 108 
GLU C   OXT  sing N N 109 
GLU CB  CG   sing N N 110 
GLU CB  HB2  sing N N 111 
GLU CB  HB3  sing N N 112 
GLU CG  CD   sing N N 113 
GLU CG  HG2  sing N N 114 
GLU CG  HG3  sing N N 115 
GLU CD  OE1  doub N N 116 
GLU CD  OE2  sing N N 117 
GLU OE2 HE2  sing N N 118 
GLU OXT HXT  sing N N 119 
GLY N   CA   sing N N 120 
GLY N   H    sing N N 121 
GLY N   H2   sing N N 122 
GLY CA  C    sing N N 123 
GLY CA  HA2  sing N N 124 
GLY CA  HA3  sing N N 125 
GLY C   O    doub N N 126 
GLY C   OXT  sing N N 127 
GLY OXT HXT  sing N N 128 
HIS N   CA   sing N N 129 
HIS N   H    sing N N 130 
HIS N   H2   sing N N 131 
HIS CA  C    sing N N 132 
HIS CA  CB   sing N N 133 
HIS CA  HA   sing N N 134 
HIS C   O    doub N N 135 
HIS C   OXT  sing N N 136 
HIS CB  CG   sing N N 137 
HIS CB  HB2  sing N N 138 
HIS CB  HB3  sing N N 139 
HIS CG  ND1  sing Y N 140 
HIS CG  CD2  doub Y N 141 
HIS ND1 CE1  doub Y N 142 
HIS ND1 HD1  sing N N 143 
HIS CD2 NE2  sing Y N 144 
HIS CD2 HD2  sing N N 145 
HIS CE1 NE2  sing Y N 146 
HIS CE1 HE1  sing N N 147 
HIS NE2 HE2  sing N N 148 
HIS OXT HXT  sing N N 149 
ILE N   CA   sing N N 150 
ILE N   H    sing N N 151 
ILE N   H2   sing N N 152 
ILE CA  C    sing N N 153 
ILE CA  CB   sing N N 154 
ILE CA  HA   sing N N 155 
ILE C   O    doub N N 156 
ILE C   OXT  sing N N 157 
ILE CB  CG1  sing N N 158 
ILE CB  CG2  sing N N 159 
ILE CB  HB   sing N N 160 
ILE CG1 CD1  sing N N 161 
ILE CG1 HG12 sing N N 162 
ILE CG1 HG13 sing N N 163 
ILE CG2 HG21 sing N N 164 
ILE CG2 HG22 sing N N 165 
ILE CG2 HG23 sing N N 166 
ILE CD1 HD11 sing N N 167 
ILE CD1 HD12 sing N N 168 
ILE CD1 HD13 sing N N 169 
ILE OXT HXT  sing N N 170 
LEU N   CA   sing N N 171 
LEU N   H    sing N N 172 
LEU N   H2   sing N N 173 
LEU CA  C    sing N N 174 
LEU CA  CB   sing N N 175 
LEU CA  HA   sing N N 176 
LEU C   O    doub N N 177 
LEU C   OXT  sing N N 178 
LEU CB  CG   sing N N 179 
LEU CB  HB2  sing N N 180 
LEU CB  HB3  sing N N 181 
LEU CG  CD1  sing N N 182 
LEU CG  CD2  sing N N 183 
LEU CG  HG   sing N N 184 
LEU CD1 HD11 sing N N 185 
LEU CD1 HD12 sing N N 186 
LEU CD1 HD13 sing N N 187 
LEU CD2 HD21 sing N N 188 
LEU CD2 HD22 sing N N 189 
LEU CD2 HD23 sing N N 190 
LEU OXT HXT  sing N N 191 
LYS N   CA   sing N N 192 
LYS N   H    sing N N 193 
LYS N   H2   sing N N 194 
LYS CA  C    sing N N 195 
LYS CA  CB   sing N N 196 
LYS CA  HA   sing N N 197 
LYS C   O    doub N N 198 
LYS C   OXT  sing N N 199 
LYS CB  CG   sing N N 200 
LYS CB  HB2  sing N N 201 
LYS CB  HB3  sing N N 202 
LYS CG  CD   sing N N 203 
LYS CG  HG2  sing N N 204 
LYS CG  HG3  sing N N 205 
LYS CD  CE   sing N N 206 
LYS CD  HD2  sing N N 207 
LYS CD  HD3  sing N N 208 
LYS CE  NZ   sing N N 209 
LYS CE  HE2  sing N N 210 
LYS CE  HE3  sing N N 211 
LYS NZ  HZ1  sing N N 212 
LYS NZ  HZ2  sing N N 213 
LYS NZ  HZ3  sing N N 214 
LYS OXT HXT  sing N N 215 
MET N   CA   sing N N 216 
MET N   H    sing N N 217 
MET N   H2   sing N N 218 
MET CA  C    sing N N 219 
MET CA  CB   sing N N 220 
MET CA  HA   sing N N 221 
MET C   O    doub N N 222 
MET C   OXT  sing N N 223 
MET CB  CG   sing N N 224 
MET CB  HB2  sing N N 225 
MET CB  HB3  sing N N 226 
MET CG  SD   sing N N 227 
MET CG  HG2  sing N N 228 
MET CG  HG3  sing N N 229 
MET SD  CE   sing N N 230 
MET CE  HE1  sing N N 231 
MET CE  HE2  sing N N 232 
MET CE  HE3  sing N N 233 
MET OXT HXT  sing N N 234 
PHE N   CA   sing N N 235 
PHE N   H    sing N N 236 
PHE N   H2   sing N N 237 
PHE CA  C    sing N N 238 
PHE CA  CB   sing N N 239 
PHE CA  HA   sing N N 240 
PHE C   O    doub N N 241 
PHE C   OXT  sing N N 242 
PHE CB  CG   sing N N 243 
PHE CB  HB2  sing N N 244 
PHE CB  HB3  sing N N 245 
PHE CG  CD1  doub Y N 246 
PHE CG  CD2  sing Y N 247 
PHE CD1 CE1  sing Y N 248 
PHE CD1 HD1  sing N N 249 
PHE CD2 CE2  doub Y N 250 
PHE CD2 HD2  sing N N 251 
PHE CE1 CZ   doub Y N 252 
PHE CE1 HE1  sing N N 253 
PHE CE2 CZ   sing Y N 254 
PHE CE2 HE2  sing N N 255 
PHE CZ  HZ   sing N N 256 
PHE OXT HXT  sing N N 257 
PRO N   CA   sing N N 258 
PRO N   CD   sing N N 259 
PRO N   H    sing N N 260 
PRO CA  C    sing N N 261 
PRO CA  CB   sing N N 262 
PRO CA  HA   sing N N 263 
PRO C   O    doub N N 264 
PRO C   OXT  sing N N 265 
PRO CB  CG   sing N N 266 
PRO CB  HB2  sing N N 267 
PRO CB  HB3  sing N N 268 
PRO CG  CD   sing N N 269 
PRO CG  HG2  sing N N 270 
PRO CG  HG3  sing N N 271 
PRO CD  HD2  sing N N 272 
PRO CD  HD3  sing N N 273 
PRO OXT HXT  sing N N 274 
SER N   CA   sing N N 275 
SER N   H    sing N N 276 
SER N   H2   sing N N 277 
SER CA  C    sing N N 278 
SER CA  CB   sing N N 279 
SER CA  HA   sing N N 280 
SER C   O    doub N N 281 
SER C   OXT  sing N N 282 
SER CB  OG   sing N N 283 
SER CB  HB2  sing N N 284 
SER CB  HB3  sing N N 285 
SER OG  HG   sing N N 286 
SER OXT HXT  sing N N 287 
THR N   CA   sing N N 288 
THR N   H    sing N N 289 
THR N   H2   sing N N 290 
THR CA  C    sing N N 291 
THR CA  CB   sing N N 292 
THR CA  HA   sing N N 293 
THR C   O    doub N N 294 
THR C   OXT  sing N N 295 
THR CB  OG1  sing N N 296 
THR CB  CG2  sing N N 297 
THR CB  HB   sing N N 298 
THR OG1 HG1  sing N N 299 
THR CG2 HG21 sing N N 300 
THR CG2 HG22 sing N N 301 
THR CG2 HG23 sing N N 302 
THR OXT HXT  sing N N 303 
TYR N   CA   sing N N 304 
TYR N   H    sing N N 305 
TYR N   H2   sing N N 306 
TYR CA  C    sing N N 307 
TYR CA  CB   sing N N 308 
TYR CA  HA   sing N N 309 
TYR C   O    doub N N 310 
TYR C   OXT  sing N N 311 
TYR CB  CG   sing N N 312 
TYR CB  HB2  sing N N 313 
TYR CB  HB3  sing N N 314 
TYR CG  CD1  doub Y N 315 
TYR CG  CD2  sing Y N 316 
TYR CD1 CE1  sing Y N 317 
TYR CD1 HD1  sing N N 318 
TYR CD2 CE2  doub Y N 319 
TYR CD2 HD2  sing N N 320 
TYR CE1 CZ   doub Y N 321 
TYR CE1 HE1  sing N N 322 
TYR CE2 CZ   sing Y N 323 
TYR CE2 HE2  sing N N 324 
TYR CZ  OH   sing N N 325 
TYR OH  HH   sing N N 326 
TYR OXT HXT  sing N N 327 
VAL N   CA   sing N N 328 
VAL N   H    sing N N 329 
VAL N   H2   sing N N 330 
VAL CA  C    sing N N 331 
VAL CA  CB   sing N N 332 
VAL CA  HA   sing N N 333 
VAL C   O    doub N N 334 
VAL C   OXT  sing N N 335 
VAL CB  CG1  sing N N 336 
VAL CB  CG2  sing N N 337 
VAL CB  HB   sing N N 338 
VAL CG1 HG11 sing N N 339 
VAL CG1 HG12 sing N N 340 
VAL CG1 HG13 sing N N 341 
VAL CG2 HG21 sing N N 342 
VAL CG2 HG22 sing N N 343 
VAL CG2 HG23 sing N N 344 
VAL OXT HXT  sing N N 345 
# 
_atom_sites.entry_id                    2J8A 
_atom_sites.fract_transf_matrix[1][1]   -0.00068429 
_atom_sites.fract_transf_matrix[1][2]   0.00737208 
_atom_sites.fract_transf_matrix[1][3]   0.00323083 
_atom_sites.fract_transf_matrix[2][1]   0.00420329 
_atom_sites.fract_transf_matrix[2][2]   -0.00243794 
_atom_sites.fract_transf_matrix[2][3]   0.00645313 
_atom_sites.fract_transf_matrix[3][1]   0.00686427 
_atom_sites.fract_transf_matrix[3][2]   0.00222777 
_atom_sites.fract_transf_matrix[3][3]   -0.00362946 
_atom_sites.fract_transf_vector[1]      -0.081592 
_atom_sites.fract_transf_vector[2]      -0.160864 
_atom_sites.fract_transf_vector[3]      -0.255145 
# 
loop_
_atom_type.symbol 
C 
N 
O 
S 
# 
loop_
_atom_site.group_PDB 
_atom_site.id 
_atom_site.type_symbol 
_atom_site.label_atom_id 
_atom_site.label_alt_id 
_atom_site.label_comp_id 
_atom_site.label_asym_id 
_atom_site.label_entity_id 
_atom_site.label_seq_id 
_atom_site.pdbx_PDB_ins_code 
_atom_site.Cartn_x 
_atom_site.Cartn_y 
_atom_site.Cartn_z 
_atom_site.occupancy 
_atom_site.B_iso_or_equiv 
_atom_site.pdbx_formal_charge 
_atom_site.auth_seq_id 
_atom_site.auth_comp_id 
_atom_site.auth_asym_id 
_atom_site.auth_atom_id 
_atom_site.pdbx_PDB_model_num 
ATOM 1   N N   . SER A 1 2   ? -8.402  0.897   -15.648 1.00 91.93  ? 247 SER A N   1 
ATOM 2   C CA  . SER A 1 2   ? -7.988  2.332   -15.386 1.00 91.59  ? 247 SER A CA  1 
ATOM 3   C C   . SER A 1 2   ? -8.368  2.807   -13.890 1.00 89.46  ? 247 SER A C   1 
ATOM 4   O O   . SER A 1 2   ? -8.460  4.056   -13.531 1.00 89.58  ? 247 SER A O   1 
ATOM 5   C CB  . SER A 1 2   ? -8.542  3.255   -16.551 1.00 92.46  ? 247 SER A CB  1 
ATOM 6   O OG  . SER A 1 2   ? -9.902  2.871   -16.880 1.00 95.81  ? 247 SER A OG  1 
ATOM 7   N N   . CYS A 1 3   ? -8.477  1.792   -13.027 1.00 85.91  ? 248 CYS A N   1 
ATOM 8   C CA  . CYS A 1 3   ? -9.529  1.731   -11.998 1.00 80.58  ? 248 CYS A CA  1 
ATOM 9   C C   . CYS A 1 3   ? -9.149  1.283   -10.528 1.00 78.84  ? 248 CYS A C   1 
ATOM 10  O O   . CYS A 1 3   ? -9.800  1.766   -9.577  1.00 77.91  ? 248 CYS A O   1 
ATOM 11  C CB  . CYS A 1 3   ? -10.562 0.729   -12.520 1.00 83.24  ? 248 CYS A CB  1 
ATOM 12  S SG  . CYS A 1 3   ? -11.745 0.630   -11.327 1.00 86.31  ? 248 CYS A SG  1 
ATOM 13  N N   . GLU A 1 4   ? -8.167  0.340   -10.374 1.00 73.40  ? 249 GLU A N   1 
ATOM 14  C CA  . GLU A 1 4   ? -7.553  0.005   -9.075  1.00 68.40  ? 249 GLU A CA  1 
ATOM 15  C C   . GLU A 1 4   ? -6.410  0.806   -8.658  1.00 64.35  ? 249 GLU A C   1 
ATOM 16  O O   . GLU A 1 4   ? -5.585  1.308   -9.415  1.00 66.08  ? 249 GLU A O   1 
ATOM 17  C CB  . GLU A 1 4   ? -7.072  -1.352  -9.076  1.00 65.33  ? 249 GLU A CB  1 
ATOM 18  C CG  . GLU A 1 4   ? -8.136  -2.145  -9.279  1.00 61.67  ? 249 GLU A CG  1 
ATOM 19  C CD  . GLU A 1 4   ? -7.803  -3.566  -9.284  1.00 62.02  ? 249 GLU A CD  1 
ATOM 20  O OE1 . GLU A 1 4   ? -6.891  -3.980  -10.010 1.00 63.34  ? 249 GLU A OE1 1 
ATOM 21  O OE2 . GLU A 1 4   ? -8.492  -4.330  -8.578  1.00 68.64  ? 249 GLU A OE2 1 
ATOM 22  N N   . ILE A 1 5   ? -6.296  0.915   -7.391  1.00 62.10  ? 250 ILE A N   1 
ATOM 23  C CA  . ILE A 1 5   ? -5.261  1.792   -6.869  1.00 60.58  ? 250 ILE A CA  1 
ATOM 24  C C   . ILE A 1 5   ? -4.301  0.878   -6.028  1.00 58.61  ? 250 ILE A C   1 
ATOM 25  O O   . ILE A 1 5   ? -4.714  -0.237  -5.580  1.00 56.03  ? 250 ILE A O   1 
ATOM 26  C CB  . ILE A 1 5   ? -5.977  2.857   -6.089  1.00 60.93  ? 250 ILE A CB  1 
ATOM 27  C CG1 . ILE A 1 5   ? -5.103  3.934   -5.644  1.00 59.53  ? 250 ILE A CG1 1 
ATOM 28  C CG2 . ILE A 1 5   ? -6.607  2.257   -4.710  1.00 57.68  ? 250 ILE A CG2 1 
ATOM 29  C CD1 . ILE A 1 5   ? -5.668  4.163   -4.189  1.00 50.95  ? 250 ILE A CD1 1 
ATOM 30  N N   . VAL A 1 6   ? -3.015  1.232   -5.959  1.00 56.78  ? 251 VAL A N   1 
ATOM 31  C CA  . VAL A 1 6   ? -2.223  0.456   -5.029  1.00 56.72  ? 251 VAL A CA  1 
ATOM 32  C C   . VAL A 1 6   ? -1.576  1.388   -4.104  1.00 57.49  ? 251 VAL A C   1 
ATOM 33  O O   . VAL A 1 6   ? -1.017  2.444   -4.595  1.00 59.29  ? 251 VAL A O   1 
ATOM 34  C CB  . VAL A 1 6   ? -1.264  -0.733  -5.512  1.00 55.57  ? 251 VAL A CB  1 
ATOM 35  C CG1 . VAL A 1 6   ? -1.223  -0.961  -6.927  1.00 53.57  ? 251 VAL A CG1 1 
ATOM 36  C CG2 . VAL A 1 6   ? 0.040   -0.508  -4.985  1.00 54.80  ? 251 VAL A CG2 1 
ATOM 37  N N   . VAL A 1 7   ? -1.709  1.079   -2.791  1.00 55.15  ? 252 VAL A N   1 
ATOM 38  C CA  . VAL A 1 7   ? -1.078  1.970   -1.794  1.00 54.08  ? 252 VAL A CA  1 
ATOM 39  C C   . VAL A 1 7   ? 0.004   1.236   -1.062  1.00 52.25  ? 252 VAL A C   1 
ATOM 40  O O   . VAL A 1 7   ? -0.223  0.096   -0.558  1.00 53.13  ? 252 VAL A O   1 
ATOM 41  C CB  . VAL A 1 7   ? -2.098  2.305   -0.711  1.00 55.34  ? 252 VAL A CB  1 
ATOM 42  C CG1 . VAL A 1 7   ? -1.501  3.239   0.371   1.00 52.74  ? 252 VAL A CG1 1 
ATOM 43  C CG2 . VAL A 1 7   ? -3.398  2.873   -1.340  1.00 57.42  ? 252 VAL A CG2 1 
ATOM 44  N N   . TYR A 1 8   ? 1.127   1.867   -0.859  1.00 49.59  ? 253 TYR A N   1 
ATOM 45  C CA  . TYR A 1 8   ? 2.140   1.182   -0.113  1.00 47.57  ? 253 TYR A CA  1 
ATOM 46  C C   . TYR A 1 8   ? 3.013   2.237   0.562   1.00 48.00  ? 253 TYR A C   1 
ATOM 47  O O   . TYR A 1 8   ? 3.053   3.418   0.207   1.00 46.86  ? 253 TYR A O   1 
ATOM 48  C CB  . TYR A 1 8   ? 2.893   0.382   -1.150  1.00 46.21  ? 253 TYR A CB  1 
ATOM 49  C CG  . TYR A 1 8   ? 3.572   1.206   -2.240  1.00 47.90  ? 253 TYR A CG  1 
ATOM 50  C CD1 . TYR A 1 8   ? 4.750   1.824   -1.980  1.00 42.36  ? 253 TYR A CD1 1 
ATOM 51  C CD2 . TYR A 1 8   ? 3.061   1.316   -3.571  1.00 49.53  ? 253 TYR A CD2 1 
ATOM 52  C CE1 . TYR A 1 8   ? 5.397   2.540   -2.977  1.00 45.20  ? 253 TYR A CE1 1 
ATOM 53  C CE2 . TYR A 1 8   ? 3.776   2.127   -4.619  1.00 42.70  ? 253 TYR A CE2 1 
ATOM 54  C CZ  . TYR A 1 8   ? 4.910   2.721   -4.255  1.00 45.51  ? 253 TYR A CZ  1 
ATOM 55  O OH  . TYR A 1 8   ? 5.805   3.451   -5.062  1.00 42.88  ? 253 TYR A OH  1 
ATOM 56  N N   . PRO A 1 9   ? 3.772   1.822   1.519   1.00 48.70  ? 254 PRO A N   1 
ATOM 57  C CA  . PRO A 1 9   ? 4.506   2.782   2.309   1.00 49.48  ? 254 PRO A CA  1 
ATOM 58  C C   . PRO A 1 9   ? 5.466   3.630   1.572   1.00 50.42  ? 254 PRO A C   1 
ATOM 59  O O   . PRO A 1 9   ? 6.247   3.123   0.879   1.00 52.31  ? 254 PRO A O   1 
ATOM 60  C CB  . PRO A 1 9   ? 5.340   1.850   3.252   1.00 47.81  ? 254 PRO A CB  1 
ATOM 61  C CG  . PRO A 1 9   ? 4.491   0.633   3.369   1.00 46.21  ? 254 PRO A CG  1 
ATOM 62  C CD  . PRO A 1 9   ? 4.034   0.448   1.980   1.00 49.59  ? 254 PRO A CD  1 
ATOM 63  N N   . ALA A 1 10  ? 5.478   4.900   1.824   1.00 54.30  ? 255 ALA A N   1 
ATOM 64  C CA  . ALA A 1 10  ? 6.493   5.784   1.338   1.00 59.30  ? 255 ALA A CA  1 
ATOM 65  C C   . ALA A 1 10  ? 7.885   5.506   1.731   1.00 64.81  ? 255 ALA A C   1 
ATOM 66  O O   . ALA A 1 10  ? 8.782   6.180   1.293   1.00 66.54  ? 255 ALA A O   1 
ATOM 67  C CB  . ALA A 1 10  ? 6.187   7.179   1.743   1.00 57.63  ? 255 ALA A CB  1 
ATOM 68  N N   . GLN A 1 11  ? 8.160   4.647   2.660   1.00 72.85  ? 256 GLN A N   1 
ATOM 69  C CA  . GLN A 1 11  ? 9.592   4.599   3.048   1.00 80.65  ? 256 GLN A CA  1 
ATOM 70  C C   . GLN A 1 11  ? 9.727   3.153   3.471   1.00 83.99  ? 256 GLN A C   1 
ATOM 71  O O   . GLN A 1 11  ? 8.942   2.681   4.384   1.00 84.47  ? 256 GLN A O   1 
ATOM 72  C CB  . GLN A 1 11  ? 9.872   5.508   4.228   1.00 80.50  ? 256 GLN A CB  1 
ATOM 73  C CG  . GLN A 1 11  ? 8.742   5.145   5.244   1.00 91.96  ? 256 GLN A CG  1 
ATOM 74  C CD  . GLN A 1 11  ? 8.323   6.366   6.034   1.00 106.61 ? 256 GLN A CD  1 
ATOM 75  O OE1 . GLN A 1 11  ? 8.447   7.555   5.518   1.00 112.82 ? 256 GLN A OE1 1 
ATOM 76  N NE2 . GLN A 1 11  ? 7.864   6.122   7.310   1.00 108.89 ? 256 GLN A NE2 1 
ATOM 77  N N   . ASP A 1 12  ? 10.652  2.458   2.767   1.00 87.80  ? 257 ASP A N   1 
ATOM 78  C CA  . ASP A 1 12  ? 10.990  1.074   3.017   1.00 92.06  ? 257 ASP A CA  1 
ATOM 79  C C   . ASP A 1 12  ? 10.791  0.604   4.487   1.00 94.92  ? 257 ASP A C   1 
ATOM 80  O O   . ASP A 1 12  ? 9.783   -0.136  4.796   1.00 96.84  ? 257 ASP A O   1 
ATOM 81  C CB  . ASP A 1 12  ? 12.386  0.781   2.603   1.00 92.59  ? 257 ASP A CB  1 
ATOM 82  C CG  . ASP A 1 12  ? 12.675  1.179   1.176   1.00 95.71  ? 257 ASP A CG  1 
ATOM 83  O OD1 . ASP A 1 12  ? 11.872  1.040   0.132   1.00 89.72  ? 257 ASP A OD1 1 
ATOM 84  O OD2 . ASP A 1 12  ? 13.849  1.612   1.131   1.00 104.58 ? 257 ASP A OD2 1 
ATOM 85  N N   . SER A 1 13  ? 11.640  0.983   5.445   1.00 96.33  ? 258 SER A N   1 
ATOM 86  C CA  . SER A 1 13  ? 11.166  0.466   6.744   1.00 97.10  ? 258 SER A CA  1 
ATOM 87  C C   . SER A 1 13  ? 9.967   1.253   7.271   1.00 96.56  ? 258 SER A C   1 
ATOM 88  O O   . SER A 1 13  ? 10.028  2.519   7.297   1.00 96.12  ? 258 SER A O   1 
ATOM 89  C CB  . SER A 1 13  ? 12.242  0.273   7.793   1.00 97.59  ? 258 SER A CB  1 
ATOM 90  O OG  . SER A 1 13  ? 11.682  -0.611  8.747   1.00 99.06  ? 258 SER A OG  1 
ATOM 91  N N   . THR A 1 14  ? 8.877   0.530   7.618   1.00 96.76  ? 259 THR A N   1 
ATOM 92  C CA  . THR A 1 14  ? 8.007   1.101   8.658   1.00 97.21  ? 259 THR A CA  1 
ATOM 93  C C   . THR A 1 14  ? 7.451   0.478   9.965   1.00 95.64  ? 259 THR A C   1 
ATOM 94  O O   . THR A 1 14  ? 6.941   -0.666  10.100  1.00 96.21  ? 259 THR A O   1 
ATOM 95  C CB  . THR A 1 14  ? 7.379   2.418   8.303   1.00 98.48  ? 259 THR A CB  1 
ATOM 96  O OG1 . THR A 1 14  ? 7.148   2.473   6.872   1.00 102.72 ? 259 THR A OG1 1 
ATOM 97  C CG2 . THR A 1 14  ? 8.364   3.643   8.847   1.00 98.80  ? 259 THR A CG2 1 
ATOM 98  N N   . THR A 1 15  ? 7.580   1.326   10.945  1.00 93.99  ? 260 THR A N   1 
ATOM 99  C CA  . THR A 1 15  ? 6.843   1.099   12.160  1.00 92.85  ? 260 THR A CA  1 
ATOM 100 C C   . THR A 1 15  ? 5.373   1.689   11.990  1.00 88.56  ? 260 THR A C   1 
ATOM 101 O O   . THR A 1 15  ? 5.168   2.897   12.166  1.00 86.73  ? 260 THR A O   1 
ATOM 102 C CB  . THR A 1 15  ? 7.664   1.699   13.524  1.00 95.07  ? 260 THR A CB  1 
ATOM 103 O OG1 . THR A 1 15  ? 7.143   3.006   13.973  1.00 95.62  ? 260 THR A OG1 1 
ATOM 104 C CG2 . THR A 1 15  ? 9.353   1.690   13.416  1.00 96.18  ? 260 THR A CG2 1 
ATOM 105 N N   . THR A 1 16  ? 4.387   0.867   11.603  1.00 83.90  ? 261 THR A N   1 
ATOM 106 C CA  . THR A 1 16  ? 3.029   1.089   12.084  1.00 79.45  ? 261 THR A CA  1 
ATOM 107 C C   . THR A 1 16  ? 2.276   -0.210  12.164  1.00 77.33  ? 261 THR A C   1 
ATOM 108 O O   . THR A 1 16  ? 2.656   -1.320  11.729  1.00 74.61  ? 261 THR A O   1 
ATOM 109 C CB  . THR A 1 16  ? 2.102   1.977   11.234  1.00 80.32  ? 261 THR A CB  1 
ATOM 110 O OG1 . THR A 1 16  ? 2.444   1.768   9.869   1.00 75.17  ? 261 THR A OG1 1 
ATOM 111 C CG2 . THR A 1 16  ? 1.926   3.573   11.716  1.00 80.69  ? 261 THR A CG2 1 
ATOM 112 N N   . ASN A 1 17  ? 1.124   0.031   12.737  1.00 75.26  ? 262 ASN A N   1 
ATOM 113 C CA  . ASN A 1 17  ? 0.190   -0.941  13.168  1.00 73.15  ? 262 ASN A CA  1 
ATOM 114 C C   . ASN A 1 17  ? -1.051  -0.155  12.881  1.00 71.45  ? 262 ASN A C   1 
ATOM 115 O O   . ASN A 1 17  ? -1.986  -0.097  13.693  1.00 71.62  ? 262 ASN A O   1 
ATOM 116 C CB  . ASN A 1 17  ? 0.340   -1.014  14.677  1.00 72.02  ? 262 ASN A CB  1 
ATOM 117 C CG  . ASN A 1 17  ? 0.089   0.308   15.282  1.00 69.56  ? 262 ASN A CG  1 
ATOM 118 O OD1 . ASN A 1 17  ? -0.266  0.411   16.426  1.00 62.39  ? 262 ASN A OD1 1 
ATOM 119 N ND2 . ASN A 1 17  ? 0.282   1.366   14.486  1.00 74.44  ? 262 ASN A ND2 1 
ATOM 120 N N   . ILE A 1 18  ? -0.979  0.603   11.801  1.00 69.73  ? 263 ILE A N   1 
ATOM 121 C CA  . ILE A 1 18  ? -2.154  1.306   11.296  1.00 68.75  ? 263 ILE A CA  1 
ATOM 122 C C   . ILE A 1 18  ? -3.052  0.160   10.882  1.00 68.41  ? 263 ILE A C   1 
ATOM 123 O O   . ILE A 1 18  ? -2.529  -0.894  10.528  1.00 68.14  ? 263 ILE A O   1 
ATOM 124 C CB  . ILE A 1 18  ? -1.764  2.137   10.136  1.00 67.18  ? 263 ILE A CB  1 
ATOM 125 C CG1 . ILE A 1 18  ? -2.915  2.971   9.714   1.00 64.64  ? 263 ILE A CG1 1 
ATOM 126 C CG2 . ILE A 1 18  ? -1.530  1.245   8.930   1.00 70.28  ? 263 ILE A CG2 1 
ATOM 127 C CD1 . ILE A 1 18  ? -2.360  4.214   9.113   1.00 63.84  ? 263 ILE A CD1 1 
ATOM 128 N N   . GLN A 1 19  ? -4.361  0.260   11.020  1.00 69.30  ? 264 GLN A N   1 
ATOM 129 C CA  . GLN A 1 19  ? -5.093  -0.911  10.520  1.00 71.19  ? 264 GLN A CA  1 
ATOM 130 C C   . GLN A 1 19  ? -6.031  -0.690  9.382   1.00 70.87  ? 264 GLN A C   1 
ATOM 131 O O   . GLN A 1 19  ? -6.373  0.449   9.002   1.00 72.44  ? 264 GLN A O   1 
ATOM 132 C CB  . GLN A 1 19  ? -5.572  -2.015  11.535  1.00 73.15  ? 264 GLN A CB  1 
ATOM 133 C CG  . GLN A 1 19  ? -5.542  -1.649  13.074  1.00 78.44  ? 264 GLN A CG  1 
ATOM 134 C CD  . GLN A 1 19  ? -6.546  -0.475  13.382  1.00 81.46  ? 264 GLN A CD  1 
ATOM 135 O OE1 . GLN A 1 19  ? -7.485  -0.636  14.241  1.00 69.26  ? 264 GLN A OE1 1 
ATOM 136 N NE2 . GLN A 1 19  ? -6.358  0.726   12.637  1.00 80.49  ? 264 GLN A NE2 1 
ATOM 137 N N   . ASP A 1 20  ? -6.347  -1.810  8.768   1.00 69.14  ? 265 ASP A N   1 
ATOM 138 C CA  . ASP A 1 20  ? -6.872  -1.745  7.479   1.00 67.43  ? 265 ASP A CA  1 
ATOM 139 C C   . ASP A 1 20  ? -7.880  -0.660  7.409   1.00 67.75  ? 265 ASP A C   1 
ATOM 140 O O   . ASP A 1 20  ? -7.607  0.374   6.815   1.00 68.62  ? 265 ASP A O   1 
ATOM 141 C CB  . ASP A 1 20  ? -7.362  -3.094  7.125   1.00 67.03  ? 265 ASP A CB  1 
ATOM 142 C CG  . ASP A 1 20  ? -6.219  -4.055  6.977   1.00 68.89  ? 265 ASP A CG  1 
ATOM 143 O OD1 . ASP A 1 20  ? -5.065  -3.509  6.785   1.00 78.53  ? 265 ASP A OD1 1 
ATOM 144 O OD2 . ASP A 1 20  ? -6.414  -5.304  6.995   1.00 63.55  ? 265 ASP A OD2 1 
ATOM 145 N N   . ILE A 1 21  ? -9.022  -0.897  8.015   1.00 67.75  ? 266 ILE A N   1 
ATOM 146 C CA  . ILE A 1 21  ? -10.007 0.082   8.269   1.00 69.56  ? 266 ILE A CA  1 
ATOM 147 C C   . ILE A 1 21  ? -9.564  1.609   8.165   1.00 69.00  ? 266 ILE A C   1 
ATOM 148 O O   . ILE A 1 21  ? -9.881  2.337   7.238   1.00 68.55  ? 266 ILE A O   1 
ATOM 149 C CB  . ILE A 1 21  ? -10.673 -0.243  9.647   1.00 71.45  ? 266 ILE A CB  1 
ATOM 150 C CG1 . ILE A 1 21  ? -11.121 -1.817  9.824   1.00 78.04  ? 266 ILE A CG1 1 
ATOM 151 C CG2 . ILE A 1 21  ? -11.910 0.713   9.718   1.00 69.82  ? 266 ILE A CG2 1 
ATOM 152 C CD1 . ILE A 1 21  ? -10.043 -3.375  9.605   1.00 71.62  ? 266 ILE A CD1 1 
ATOM 153 N N   . SER A 1 22  ? -8.846  2.144   9.102   1.00 68.47  ? 267 SER A N   1 
ATOM 154 C CA  . SER A 1 22  ? -8.230  3.375   8.777   1.00 69.07  ? 267 SER A CA  1 
ATOM 155 C C   . SER A 1 22  ? -7.873  3.697   7.283   1.00 70.90  ? 267 SER A C   1 
ATOM 156 O O   . SER A 1 22  ? -7.682  4.899   6.932   1.00 73.38  ? 267 SER A O   1 
ATOM 157 C CB  . SER A 1 22  ? -6.920  3.360   9.492   1.00 68.74  ? 267 SER A CB  1 
ATOM 158 O OG  . SER A 1 22  ? -7.063  4.098   10.672  1.00 70.02  ? 267 SER A OG  1 
ATOM 159 N N   . ILE A 1 23  ? -7.610  2.684   6.433   1.00 70.25  ? 268 ILE A N   1 
ATOM 160 C CA  . ILE A 1 23  ? -6.968  2.958   5.153   1.00 67.74  ? 268 ILE A CA  1 
ATOM 161 C C   . ILE A 1 23  ? -8.111  2.941   4.284   1.00 66.98  ? 268 ILE A C   1 
ATOM 162 O O   . ILE A 1 23  ? -8.321  3.882   3.518   1.00 66.74  ? 268 ILE A O   1 
ATOM 163 C CB  . ILE A 1 23  ? -6.053  1.829   4.609   1.00 68.14  ? 268 ILE A CB  1 
ATOM 164 C CG1 . ILE A 1 23  ? -4.767  1.735   5.404   1.00 64.65  ? 268 ILE A CG1 1 
ATOM 165 C CG2 . ILE A 1 23  ? -5.636  2.212   3.191   1.00 67.83  ? 268 ILE A CG2 1 
ATOM 166 C CD1 . ILE A 1 23  ? -4.043  3.054   5.523   1.00 65.25  ? 268 ILE A CD1 1 
ATOM 167 N N   . LYS A 1 24  ? -8.838  1.835   4.374   1.00 66.21  ? 269 LYS A N   1 
ATOM 168 C CA  . LYS A 1 24  ? -10.084 1.753   3.634   1.00 67.58  ? 269 LYS A CA  1 
ATOM 169 C C   . LYS A 1 24  ? -10.906 3.002   3.716   1.00 69.08  ? 269 LYS A C   1 
ATOM 170 O O   . LYS A 1 24  ? -10.996 3.685   2.696   1.00 70.87  ? 269 LYS A O   1 
ATOM 171 C CB  . LYS A 1 24  ? -10.934 0.662   4.070   1.00 66.87  ? 269 LYS A CB  1 
ATOM 172 C CG  . LYS A 1 24  ? -12.020 0.398   3.098   1.00 68.92  ? 269 LYS A CG  1 
ATOM 173 C CD  . LYS A 1 24  ? -12.447 -1.046  3.389   1.00 72.18  ? 269 LYS A CD  1 
ATOM 174 C CE  . LYS A 1 24  ? -13.853 -1.403  2.970   1.00 73.69  ? 269 LYS A CE  1 
ATOM 175 N NZ  . LYS A 1 24  ? -13.747 -2.742  3.643   1.00 84.51  ? 269 LYS A NZ  1 
ATOM 176 N N   . ASN A 1 25  ? -11.429 3.366   4.898   1.00 69.50  ? 270 ASN A N   1 
ATOM 177 C CA  . ASN A 1 25  ? -11.943 4.768   5.097   1.00 69.95  ? 270 ASN A CA  1 
ATOM 178 C C   . ASN A 1 25  ? -11.170 5.741   4.342   1.00 67.80  ? 270 ASN A C   1 
ATOM 179 O O   . ASN A 1 25  ? -11.572 6.106   3.302   1.00 70.71  ? 270 ASN A O   1 
ATOM 180 C CB  . ASN A 1 25  ? -12.080 5.309   6.533   1.00 71.66  ? 270 ASN A CB  1 
ATOM 181 C CG  . ASN A 1 25  ? -12.711 4.280   7.523   1.00 74.96  ? 270 ASN A CG  1 
ATOM 182 O OD1 . ASN A 1 25  ? -13.534 3.415   7.136   1.00 74.19  ? 270 ASN A OD1 1 
ATOM 183 N ND2 . ASN A 1 25  ? -12.272 4.364   8.812   1.00 78.29  ? 270 ASN A ND2 1 
ATOM 184 N N   . TYR A 1 26  ? -10.081 6.229   4.801   1.00 66.47  ? 271 TYR A N   1 
ATOM 185 C CA  . TYR A 1 26  ? -9.408  7.251   3.919   1.00 65.99  ? 271 TYR A CA  1 
ATOM 186 C C   . TYR A 1 26  ? -9.687  7.085   2.386   1.00 67.35  ? 271 TYR A C   1 
ATOM 187 O O   . TYR A 1 26  ? -10.051 7.990   1.683   1.00 65.60  ? 271 TYR A O   1 
ATOM 188 C CB  . TYR A 1 26  ? -7.917  7.129   4.125   1.00 62.97  ? 271 TYR A CB  1 
ATOM 189 C CG  . TYR A 1 26  ? -7.197  8.164   3.512   1.00 57.35  ? 271 TYR A CG  1 
ATOM 190 C CD1 . TYR A 1 26  ? -6.674  9.157   4.265   1.00 52.67  ? 271 TYR A CD1 1 
ATOM 191 C CD2 . TYR A 1 26  ? -6.910  8.125   2.158   1.00 61.03  ? 271 TYR A CD2 1 
ATOM 192 C CE1 . TYR A 1 26  ? -5.900  10.230  3.709   1.00 54.57  ? 271 TYR A CE1 1 
ATOM 193 C CE2 . TYR A 1 26  ? -6.124  9.232   1.533   1.00 56.63  ? 271 TYR A CE2 1 
ATOM 194 C CZ  . TYR A 1 26  ? -5.655  10.249  2.337   1.00 53.85  ? 271 TYR A CZ  1 
ATOM 195 O OH  . TYR A 1 26  ? -4.889  11.234  1.818   1.00 57.36  ? 271 TYR A OH  1 
ATOM 196 N N   . PHE A 1 27  ? -9.531  5.890   1.847   1.00 69.80  ? 272 PHE A N   1 
ATOM 197 C CA  . PHE A 1 27  ? -9.799  5.842   0.423   1.00 71.49  ? 272 PHE A CA  1 
ATOM 198 C C   . PHE A 1 27  ? -11.240 6.001   -0.023  1.00 72.13  ? 272 PHE A C   1 
ATOM 199 O O   . PHE A 1 27  ? -11.411 6.740   -1.002  1.00 74.10  ? 272 PHE A O   1 
ATOM 200 C CB  . PHE A 1 27  ? -8.953  4.797   -0.337  1.00 71.84  ? 272 PHE A CB  1 
ATOM 201 C CG  . PHE A 1 27  ? -7.523  5.122   -0.278  1.00 69.13  ? 272 PHE A CG  1 
ATOM 202 C CD1 . PHE A 1 27  ? -6.709  4.493   0.618   1.00 70.95  ? 272 PHE A CD1 1 
ATOM 203 C CD2 . PHE A 1 27  ? -7.042  6.131   -1.004  1.00 65.46  ? 272 PHE A CD2 1 
ATOM 204 C CE1 . PHE A 1 27  ? -5.401  4.811   0.702   1.00 72.78  ? 272 PHE A CE1 1 
ATOM 205 C CE2 . PHE A 1 27  ? -5.703  6.494   -0.907  1.00 68.29  ? 272 PHE A CE2 1 
ATOM 206 C CZ  . PHE A 1 27  ? -4.879  5.849   -0.060  1.00 70.07  ? 272 PHE A CZ  1 
ATOM 207 N N   . LYS A 1 28  ? -12.225 5.378   0.670   1.00 71.64  ? 273 LYS A N   1 
ATOM 208 C CA  . LYS A 1 28  ? -13.700 5.786   0.684   1.00 71.03  ? 273 LYS A CA  1 
ATOM 209 C C   . LYS A 1 28  ? -13.897 7.270   0.378   1.00 70.11  ? 273 LYS A C   1 
ATOM 210 O O   . LYS A 1 28  ? -14.725 7.570   -0.454  1.00 68.33  ? 273 LYS A O   1 
ATOM 211 C CB  . LYS A 1 28  ? -14.477 5.342   1.966   1.00 70.90  ? 273 LYS A CB  1 
ATOM 212 C CG  . LYS A 1 28  ? -15.283 3.933   1.852   1.00 73.91  ? 273 LYS A CG  1 
ATOM 213 C CD  . LYS A 1 28  ? -15.603 3.144   3.277   1.00 72.11  ? 273 LYS A CD  1 
ATOM 214 C CE  . LYS A 1 28  ? -16.936 2.174   3.155   1.00 76.89  ? 273 LYS A CE  1 
ATOM 215 N NZ  . LYS A 1 28  ? -16.980 0.604   3.420   1.00 77.42  ? 273 LYS A NZ  1 
ATOM 216 N N   . LYS A 1 29  ? -13.092 8.186   0.906   1.00 70.14  ? 274 LYS A N   1 
ATOM 217 C CA  . LYS A 1 29  ? -13.308 9.578   0.496   1.00 74.64  ? 274 LYS A CA  1 
ATOM 218 C C   . LYS A 1 29  ? -13.084 9.913   -0.972  1.00 74.68  ? 274 LYS A C   1 
ATOM 219 O O   . LYS A 1 29  ? -12.501 11.023  -1.204  1.00 77.24  ? 274 LYS A O   1 
ATOM 220 C CB  . LYS A 1 29  ? -12.422 10.618  1.218   1.00 74.07  ? 274 LYS A CB  1 
ATOM 221 C CG  . LYS A 1 29  ? -12.101 10.355  2.702   1.00 79.93  ? 274 LYS A CG  1 
ATOM 222 C CD  . LYS A 1 29  ? -10.797 11.246  3.050   1.00 81.37  ? 274 LYS A CD  1 
ATOM 223 C CE  . LYS A 1 29  ? -10.871 11.724  4.580   1.00 97.02  ? 274 LYS A CE  1 
ATOM 224 N NZ  . LYS A 1 29  ? -12.379 11.535  5.116   1.00 101.94 ? 274 LYS A NZ  1 
ATOM 225 N N   . TYR A 1 30  ? -13.474 9.063   -1.944  1.00 73.48  ? 275 TYR A N   1 
ATOM 226 C CA  . TYR A 1 30  ? -13.089 9.287   -3.370  1.00 73.20  ? 275 TYR A CA  1 
ATOM 227 C C   . TYR A 1 30  ? -14.041 8.525   -4.192  1.00 74.39  ? 275 TYR A C   1 
ATOM 228 O O   . TYR A 1 30  ? -14.225 8.801   -5.411  1.00 75.64  ? 275 TYR A O   1 
ATOM 229 C CB  . TYR A 1 30  ? -11.746 8.625   -3.776  1.00 71.91  ? 275 TYR A CB  1 
ATOM 230 C CG  . TYR A 1 30  ? -10.542 9.264   -3.206  1.00 71.07  ? 275 TYR A CG  1 
ATOM 231 C CD1 . TYR A 1 30  ? -9.805  8.636   -2.199  1.00 71.51  ? 275 TYR A CD1 1 
ATOM 232 C CD2 . TYR A 1 30  ? -10.157 10.541  -3.617  1.00 67.90  ? 275 TYR A CD2 1 
ATOM 233 C CE1 . TYR A 1 30  ? -8.688  9.328   -1.605  1.00 71.80  ? 275 TYR A CE1 1 
ATOM 234 C CE2 . TYR A 1 30  ? -9.049  11.190  -3.090  1.00 65.54  ? 275 TYR A CE2 1 
ATOM 235 C CZ  . TYR A 1 30  ? -8.346  10.600  -2.072  1.00 68.02  ? 275 TYR A CZ  1 
ATOM 236 O OH  . TYR A 1 30  ? -7.299  11.276  -1.555  1.00 68.66  ? 275 TYR A OH  1 
ATOM 237 N N   . GLY A 1 31  ? -14.581 7.488   -3.579  1.00 73.23  ? 276 GLY A N   1 
ATOM 238 C CA  . GLY A 1 31  ? -15.257 6.557   -4.357  1.00 74.92  ? 276 GLY A CA  1 
ATOM 239 C C   . GLY A 1 31  ? -15.767 5.523   -3.427  1.00 77.59  ? 276 GLY A C   1 
ATOM 240 O O   . GLY A 1 31  ? -15.246 5.272   -2.312  1.00 79.28  ? 276 GLY A O   1 
ATOM 241 N N   . GLU A 1 32  ? -16.888 4.979   -3.851  1.00 79.98  ? 277 GLU A N   1 
ATOM 242 C CA  . GLU A 1 32  ? -17.506 3.864   -3.222  1.00 81.95  ? 277 GLU A CA  1 
ATOM 243 C C   . GLU A 1 32  ? -16.393 2.847   -3.644  1.00 82.44  ? 277 GLU A C   1 
ATOM 244 O O   . GLU A 1 32  ? -15.907 2.927   -4.847  1.00 83.96  ? 277 GLU A O   1 
ATOM 245 C CB  . GLU A 1 32  ? -18.826 3.699   -3.954  1.00 82.51  ? 277 GLU A CB  1 
ATOM 246 C CG  . GLU A 1 32  ? -19.874 2.898   -3.270  1.00 89.41  ? 277 GLU A CG  1 
ATOM 247 C CD  . GLU A 1 32  ? -19.708 1.436   -3.645  1.00 96.49  ? 277 GLU A CD  1 
ATOM 248 O OE1 . GLU A 1 32  ? -19.535 1.127   -4.874  1.00 96.08  ? 277 GLU A OE1 1 
ATOM 249 O OE2 . GLU A 1 32  ? -19.703 0.619   -2.682  1.00 97.12  ? 277 GLU A OE2 1 
ATOM 250 N N   . ILE A 1 33  ? -15.907 2.009   -2.669  1.00 80.04  ? 278 ILE A N   1 
ATOM 251 C CA  . ILE A 1 33  ? -14.798 1.077   -2.890  1.00 76.17  ? 278 ILE A CA  1 
ATOM 252 C C   . ILE A 1 33  ? -15.373 -0.310  -3.219  1.00 76.99  ? 278 ILE A C   1 
ATOM 253 O O   . ILE A 1 33  ? -15.772 -1.080  -2.366  1.00 75.90  ? 278 ILE A O   1 
ATOM 254 C CB  . ILE A 1 33  ? -13.812 1.075   -1.722  1.00 74.23  ? 278 ILE A CB  1 
ATOM 255 C CG1 . ILE A 1 33  ? -12.917 2.261   -1.863  1.00 72.40  ? 278 ILE A CG1 1 
ATOM 256 C CG2 . ILE A 1 33  ? -12.928 -0.139  -1.760  1.00 73.75  ? 278 ILE A CG2 1 
ATOM 257 C CD1 . ILE A 1 33  ? -12.419 2.920   -0.644  1.00 70.01  ? 278 ILE A CD1 1 
ATOM 258 N N   . SER A 1 34  ? -15.385 -0.656  -4.491  1.00 77.38  ? 279 SER A N   1 
ATOM 259 C CA  . SER A 1 34  ? -15.849 -1.988  -4.840  1.00 77.46  ? 279 SER A CA  1 
ATOM 260 C C   . SER A 1 34  ? -15.229 -3.149  -4.080  1.00 77.23  ? 279 SER A C   1 
ATOM 261 O O   . SER A 1 34  ? -15.723 -4.239  -4.183  1.00 77.98  ? 279 SER A O   1 
ATOM 262 C CB  . SER A 1 34  ? -15.599 -2.186  -6.339  1.00 77.95  ? 279 SER A CB  1 
ATOM 263 O OG  . SER A 1 34  ? -15.444 -3.568  -6.651  1.00 78.80  ? 279 SER A OG  1 
ATOM 264 N N   . HIS A 1 35  ? -14.096 -2.959  -3.404  1.00 79.21  ? 280 HIS A N   1 
ATOM 265 C CA  . HIS A 1 35  ? -13.132 -4.090  -3.069  1.00 77.56  ? 280 HIS A CA  1 
ATOM 266 C C   . HIS A 1 35  ? -11.866 -3.524  -2.494  1.00 74.36  ? 280 HIS A C   1 
ATOM 267 O O   . HIS A 1 35  ? -11.267 -2.603  -3.101  1.00 74.49  ? 280 HIS A O   1 
ATOM 268 C CB  . HIS A 1 35  ? -12.642 -4.868  -4.301  1.00 78.88  ? 280 HIS A CB  1 
ATOM 269 C CG  . HIS A 1 35  ? -11.864 -6.124  -3.970  1.00 85.85  ? 280 HIS A CG  1 
ATOM 270 N ND1 . HIS A 1 35  ? -10.477 -6.148  -3.798  1.00 93.09  ? 280 HIS A ND1 1 
ATOM 271 C CD2 . HIS A 1 35  ? -12.288 -7.416  -3.775  1.00 95.12  ? 280 HIS A CD2 1 
ATOM 272 C CE1 . HIS A 1 35  ? -10.087 -7.387  -3.510  1.00 93.96  ? 280 HIS A CE1 1 
ATOM 273 N NE2 . HIS A 1 35  ? -11.162 -8.176  -3.491  1.00 94.65  ? 280 HIS A NE2 1 
ATOM 274 N N   . PHE A 1 36  ? -11.427 -4.122  -1.380  1.00 69.65  ? 281 PHE A N   1 
ATOM 275 C CA  . PHE A 1 36  ? -10.229 -3.647  -0.683  1.00 65.66  ? 281 PHE A CA  1 
ATOM 276 C C   . PHE A 1 36  ? -9.443  -4.772  -0.081  1.00 64.96  ? 281 PHE A C   1 
ATOM 277 O O   . PHE A 1 36  ? -9.967  -5.509  0.720   1.00 63.72  ? 281 PHE A O   1 
ATOM 278 C CB  . PHE A 1 36  ? -10.647 -2.747  0.399   1.00 63.02  ? 281 PHE A CB  1 
ATOM 279 C CG  . PHE A 1 36  ? -9.580  -2.337  1.313   1.00 58.55  ? 281 PHE A CG  1 
ATOM 280 C CD1 . PHE A 1 36  ? -8.943  -1.060  1.137   1.00 55.34  ? 281 PHE A CD1 1 
ATOM 281 C CD2 . PHE A 1 36  ? -9.256  -3.124  2.396   1.00 53.13  ? 281 PHE A CD2 1 
ATOM 282 C CE1 . PHE A 1 36  ? -7.912  -0.562  2.066   1.00 55.01  ? 281 PHE A CE1 1 
ATOM 283 C CE2 . PHE A 1 36  ? -8.276  -2.674  3.336   1.00 54.17  ? 281 PHE A CE2 1 
ATOM 284 C CZ  . PHE A 1 36  ? -7.610  -1.353  3.202   1.00 55.81  ? 281 PHE A CZ  1 
ATOM 285 N N   . GLU A 1 37  ? -8.160  -4.884  -0.480  1.00 64.22  ? 282 GLU A N   1 
ATOM 286 C CA  . GLU A 1 37  ? -7.271  -5.927  0.072   1.00 61.11  ? 282 GLU A CA  1 
ATOM 287 C C   . GLU A 1 37  ? -6.070  -5.388  0.729   1.00 59.44  ? 282 GLU A C   1 
ATOM 288 O O   . GLU A 1 37  ? -5.473  -4.371  0.212   1.00 58.75  ? 282 GLU A O   1 
ATOM 289 C CB  . GLU A 1 37  ? -6.817  -6.806  -0.961  1.00 59.92  ? 282 GLU A CB  1 
ATOM 290 C CG  . GLU A 1 37  ? -6.431  -7.954  -0.336  1.00 60.39  ? 282 GLU A CG  1 
ATOM 291 C CD  . GLU A 1 37  ? -6.438  -9.057  -1.309  1.00 66.74  ? 282 GLU A CD  1 
ATOM 292 O OE1 . GLU A 1 37  ? -7.079  -8.933  -2.357  1.00 66.78  ? 282 GLU A OE1 1 
ATOM 293 O OE2 . GLU A 1 37  ? -5.781  -10.065 -1.041  1.00 74.78  ? 282 GLU A OE2 1 
ATOM 294 N N   . ALA A 1 38  ? -5.745  -6.022  1.884   1.00 57.43  ? 283 ALA A N   1 
ATOM 295 C CA  . ALA A 1 38  ? -4.439  -5.696  2.586   1.00 55.83  ? 283 ALA A CA  1 
ATOM 296 C C   . ALA A 1 38  ? -3.525  -6.875  2.472   1.00 55.44  ? 283 ALA A C   1 
ATOM 297 O O   . ALA A 1 38  ? -4.028  -8.008  2.242   1.00 56.63  ? 283 ALA A O   1 
ATOM 298 C CB  . ALA A 1 38  ? -4.589  -5.299  3.937   1.00 53.56  ? 283 ALA A CB  1 
ATOM 299 N N   . PHE A 1 39  ? -2.202  -6.637  2.462   1.00 53.81  ? 284 PHE A N   1 
ATOM 300 C CA  . PHE A 1 39  ? -1.343  -7.780  2.106   1.00 52.13  ? 284 PHE A CA  1 
ATOM 301 C C   . PHE A 1 39  ? -0.295  -8.141  3.130   1.00 52.93  ? 284 PHE A C   1 
ATOM 302 O O   . PHE A 1 39  ? 0.324   -7.208  3.798   1.00 50.93  ? 284 PHE A O   1 
ATOM 303 C CB  . PHE A 1 39  ? -0.709  -7.606  0.754   1.00 50.78  ? 284 PHE A CB  1 
ATOM 304 C CG  . PHE A 1 39  ? -1.659  -7.774  -0.368  1.00 44.94  ? 284 PHE A CG  1 
ATOM 305 C CD1 . PHE A 1 39  ? -2.318  -6.639  -0.910  1.00 40.62  ? 284 PHE A CD1 1 
ATOM 306 C CD2 . PHE A 1 39  ? -1.788  -9.000  -0.963  1.00 36.68  ? 284 PHE A CD2 1 
ATOM 307 C CE1 . PHE A 1 39  ? -3.211  -6.755  -2.038  1.00 37.45  ? 284 PHE A CE1 1 
ATOM 308 C CE2 . PHE A 1 39  ? -2.692  -9.226  -2.057  1.00 38.68  ? 284 PHE A CE2 1 
ATOM 309 C CZ  . PHE A 1 39  ? -3.494  -8.071  -2.569  1.00 40.41  ? 284 PHE A CZ  1 
ATOM 310 N N   . ASN A 1 40  ? -0.105  -9.488  3.263   1.00 53.53  ? 285 ASN A N   1 
ATOM 311 C CA  . ASN A 1 40  ? 0.948   -9.900  4.213   1.00 55.79  ? 285 ASN A CA  1 
ATOM 312 C C   . ASN A 1 40  ? 2.202   -10.624 3.662   1.00 55.89  ? 285 ASN A C   1 
ATOM 313 O O   . ASN A 1 40  ? 2.117   -11.318 2.661   1.00 55.33  ? 285 ASN A O   1 
ATOM 314 C CB  . ASN A 1 40  ? 0.404   -10.817 5.284   1.00 55.78  ? 285 ASN A CB  1 
ATOM 315 C CG  . ASN A 1 40  ? -0.800  -10.292 5.989   1.00 54.86  ? 285 ASN A CG  1 
ATOM 316 O OD1 . ASN A 1 40  ? -0.925  -9.106  6.439   1.00 48.22  ? 285 ASN A OD1 1 
ATOM 317 N ND2 . ASN A 1 40  ? -1.697  -11.244 6.204   1.00 57.04  ? 285 ASN A ND2 1 
ATOM 318 N N   . ASP A 1 41  ? 3.325   -10.585 4.370   1.00 54.99  ? 286 ASP A N   1 
ATOM 319 C CA  . ASP A 1 41  ? 4.437   -11.322 3.817   1.00 55.37  ? 286 ASP A CA  1 
ATOM 320 C C   . ASP A 1 41  ? 4.080   -12.869 3.939   1.00 53.71  ? 286 ASP A C   1 
ATOM 321 O O   . ASP A 1 41  ? 3.827   -13.344 4.994   1.00 55.47  ? 286 ASP A O   1 
ATOM 322 C CB  . ASP A 1 41  ? 5.772   -10.746 4.434   1.00 55.28  ? 286 ASP A CB  1 
ATOM 323 C CG  . ASP A 1 41  ? 6.919   -11.711 4.384   1.00 60.70  ? 286 ASP A CG  1 
ATOM 324 O OD1 . ASP A 1 41  ? 8.080   -11.299 4.661   1.00 69.14  ? 286 ASP A OD1 1 
ATOM 325 O OD2 . ASP A 1 41  ? 6.672   -12.922 4.086   1.00 69.06  ? 286 ASP A OD2 1 
ATOM 326 N N   . PRO A 1 42  ? 3.961   -13.634 2.872   1.00 51.60  ? 287 PRO A N   1 
ATOM 327 C CA  . PRO A 1 42  ? 3.609   -15.015 3.075   1.00 53.37  ? 287 PRO A CA  1 
ATOM 328 C C   . PRO A 1 42  ? 4.574   -15.682 3.956   1.00 56.53  ? 287 PRO A C   1 
ATOM 329 O O   . PRO A 1 42  ? 4.306   -16.686 4.488   1.00 60.72  ? 287 PRO A O   1 
ATOM 330 C CB  . PRO A 1 42  ? 3.986   -15.643 1.794   1.00 51.43  ? 287 PRO A CB  1 
ATOM 331 C CG  . PRO A 1 42  ? 3.695   -14.597 0.856   1.00 50.17  ? 287 PRO A CG  1 
ATOM 332 C CD  . PRO A 1 42  ? 4.138   -13.344 1.479   1.00 50.58  ? 287 PRO A CD  1 
ATOM 333 N N   . ASN A 1 43  ? 5.768   -15.177 4.015   1.00 58.02  ? 288 ASN A N   1 
ATOM 334 C CA  . ASN A 1 43  ? 6.791   -15.901 4.672   1.00 58.52  ? 288 ASN A CA  1 
ATOM 335 C C   . ASN A 1 43  ? 6.745   -15.542 6.155   1.00 58.92  ? 288 ASN A C   1 
ATOM 336 O O   . ASN A 1 43  ? 6.820   -16.389 6.986   1.00 61.80  ? 288 ASN A O   1 
ATOM 337 C CB  . ASN A 1 43  ? 8.135   -15.550 4.009   1.00 57.80  ? 288 ASN A CB  1 
ATOM 338 C CG  . ASN A 1 43  ? 8.029   -15.662 2.566   1.00 59.27  ? 288 ASN A CG  1 
ATOM 339 O OD1 . ASN A 1 43  ? 7.784   -16.777 2.033   1.00 63.80  ? 288 ASN A OD1 1 
ATOM 340 N ND2 . ASN A 1 43  ? 8.002   -14.524 1.891   1.00 57.48  ? 288 ASN A ND2 1 
ATOM 341 N N   . SER A 1 44  ? 6.668   -14.322 6.555   1.00 57.12  ? 289 SER A N   1 
ATOM 342 C CA  . SER A 1 44  ? 6.679   -14.187 7.952   1.00 56.76  ? 289 SER A CA  1 
ATOM 343 C C   . SER A 1 44  ? 5.270   -13.881 8.466   1.00 57.02  ? 289 SER A C   1 
ATOM 344 O O   . SER A 1 44  ? 5.025   -13.662 9.640   1.00 58.83  ? 289 SER A O   1 
ATOM 345 C CB  . SER A 1 44  ? 7.568   -13.024 8.246   1.00 58.09  ? 289 SER A CB  1 
ATOM 346 O OG  . SER A 1 44  ? 7.084   -11.821 7.611   1.00 58.47  ? 289 SER A OG  1 
ATOM 347 N N   . ALA A 1 45  ? 4.299   -13.812 7.607   1.00 56.60  ? 290 ALA A N   1 
ATOM 348 C CA  . ALA A 1 45  ? 3.031   -13.135 8.029   1.00 54.09  ? 290 ALA A CA  1 
ATOM 349 C C   . ALA A 1 45  ? 3.059   -11.671 8.372   1.00 53.58  ? 290 ALA A C   1 
ATOM 350 O O   . ALA A 1 45  ? 1.943   -11.210 8.678   1.00 53.66  ? 290 ALA A O   1 
ATOM 351 C CB  . ALA A 1 45  ? 2.272   -13.906 9.117   1.00 51.26  ? 290 ALA A CB  1 
ATOM 352 N N   . LEU A 1 46  ? 4.170   -10.882 8.389   1.00 52.61  ? 291 LEU A N   1 
ATOM 353 C CA  . LEU A 1 46  ? 3.824   -9.420  8.755   1.00 53.16  ? 291 LEU A CA  1 
ATOM 354 C C   . LEU A 1 46  ? 2.950   -8.659  7.791   1.00 53.76  ? 291 LEU A C   1 
ATOM 355 O O   . LEU A 1 46  ? 3.048   -8.846  6.586   1.00 56.60  ? 291 LEU A O   1 
ATOM 356 C CB  . LEU A 1 46  ? 4.967   -8.541  8.986   1.00 53.29  ? 291 LEU A CB  1 
ATOM 357 C CG  . LEU A 1 46  ? 5.987   -9.183  10.021  1.00 57.89  ? 291 LEU A CG  1 
ATOM 358 C CD1 . LEU A 1 46  ? 7.264   -9.556  9.303   1.00 49.39  ? 291 LEU A CD1 1 
ATOM 359 C CD2 . LEU A 1 46  ? 6.408   -8.246  11.291  1.00 54.88  ? 291 LEU A CD2 1 
ATOM 360 N N   . PRO A 1 47  ? 2.035   -7.819  8.271   1.00 53.06  ? 292 PRO A N   1 
ATOM 361 C CA  . PRO A 1 47  ? 1.444   -6.928  7.357   1.00 51.60  ? 292 PRO A CA  1 
ATOM 362 C C   . PRO A 1 47  ? 2.579   -6.184  6.611   1.00 51.91  ? 292 PRO A C   1 
ATOM 363 O O   . PRO A 1 47  ? 3.615   -5.823  7.250   1.00 52.40  ? 292 PRO A O   1 
ATOM 364 C CB  . PRO A 1 47  ? 0.854   -5.890  8.297   1.00 50.22  ? 292 PRO A CB  1 
ATOM 365 C CG  . PRO A 1 47  ? 1.667   -5.903  9.385   1.00 51.60  ? 292 PRO A CG  1 
ATOM 366 C CD  . PRO A 1 47  ? 1.621   -7.399  9.593   1.00 54.13  ? 292 PRO A CD  1 
ATOM 367 N N   . LEU A 1 48  ? 2.366   -5.994  5.293   1.00 51.06  ? 293 LEU A N   1 
ATOM 368 C CA  . LEU A 1 48  ? 3.265   -5.291  4.444   1.00 49.99  ? 293 LEU A CA  1 
ATOM 369 C C   . LEU A 1 48  ? 2.854   -3.933  4.360   1.00 50.80  ? 293 LEU A C   1 
ATOM 370 O O   . LEU A 1 48  ? 3.715   -3.153  4.095   1.00 52.27  ? 293 LEU A O   1 
ATOM 371 C CB  . LEU A 1 48  ? 3.174   -5.786  3.019   1.00 49.54  ? 293 LEU A CB  1 
ATOM 372 C CG  . LEU A 1 48  ? 3.609   -7.246  2.883   1.00 50.02  ? 293 LEU A CG  1 
ATOM 373 C CD1 . LEU A 1 48  ? 3.033   -8.063  1.665   1.00 49.93  ? 293 LEU A CD1 1 
ATOM 374 C CD2 . LEU A 1 48  ? 5.032   -7.071  2.634   1.00 49.65  ? 293 LEU A CD2 1 
ATOM 375 N N   . HIS A 1 49  ? 1.558   -3.606  4.549   1.00 53.36  ? 294 HIS A N   1 
ATOM 376 C CA  . HIS A 1 49  ? 1.111   -2.175  4.518   1.00 54.77  ? 294 HIS A CA  1 
ATOM 377 C C   . HIS A 1 49  ? 1.196   -1.750  3.062   1.00 54.79  ? 294 HIS A C   1 
ATOM 378 O O   . HIS A 1 49  ? 1.826   -0.696  2.691   1.00 55.63  ? 294 HIS A O   1 
ATOM 379 C CB  . HIS A 1 49  ? 1.997   -1.293  5.383   1.00 54.05  ? 294 HIS A CB  1 
ATOM 380 C CG  . HIS A 1 49  ? 1.795   -1.575  6.823   1.00 62.38  ? 294 HIS A CG  1 
ATOM 381 N ND1 . HIS A 1 49  ? 1.670   -2.861  7.312   1.00 73.54  ? 294 HIS A ND1 1 
ATOM 382 C CD2 . HIS A 1 49  ? 1.636   -0.765  7.895   1.00 69.67  ? 294 HIS A CD2 1 
ATOM 383 C CE1 . HIS A 1 49  ? 1.420   -2.839  8.608   1.00 69.79  ? 294 HIS A CE1 1 
ATOM 384 N NE2 . HIS A 1 49  ? 1.399   -1.572  8.991   1.00 72.69  ? 294 HIS A NE2 1 
ATOM 385 N N   . VAL A 1 50  ? 0.519   -2.590  2.298   1.00 52.70  ? 295 VAL A N   1 
ATOM 386 C CA  . VAL A 1 50  ? 0.384   -2.546  0.912   1.00 52.37  ? 295 VAL A CA  1 
ATOM 387 C C   . VAL A 1 50  ? -1.012  -3.175  0.624   1.00 54.16  ? 295 VAL A C   1 
ATOM 388 O O   . VAL A 1 50  ? -1.309  -4.459  0.905   1.00 52.56  ? 295 VAL A O   1 
ATOM 389 C CB  . VAL A 1 50  ? 1.422   -3.490  0.246   1.00 53.62  ? 295 VAL A CB  1 
ATOM 390 C CG1 . VAL A 1 50  ? 1.012   -3.835  -1.201  1.00 49.42  ? 295 VAL A CG1 1 
ATOM 391 C CG2 . VAL A 1 50  ? 2.787   -2.935  0.258   1.00 50.62  ? 295 VAL A CG2 1 
ATOM 392 N N   . TYR A 1 51  ? -1.850  -2.311  0.006   1.00 54.36  ? 296 TYR A N   1 
ATOM 393 C CA  . TYR A 1 51  ? -3.325  -2.573  -0.251  1.00 53.18  ? 296 TYR A CA  1 
ATOM 394 C C   . TYR A 1 51  ? -3.679  -2.343  -1.691  1.00 52.45  ? 296 TYR A C   1 
ATOM 395 O O   . TYR A 1 51  ? -3.155  -1.362  -2.269  1.00 52.80  ? 296 TYR A O   1 
ATOM 396 C CB  . TYR A 1 51  ? -4.013  -1.490  0.425   1.00 53.79  ? 296 TYR A CB  1 
ATOM 397 C CG  . TYR A 1 51  ? -3.446  -1.265  1.751   1.00 57.02  ? 296 TYR A CG  1 
ATOM 398 C CD1 . TYR A 1 51  ? -3.910  -2.071  2.841   1.00 58.76  ? 296 TYR A CD1 1 
ATOM 399 C CD2 . TYR A 1 51  ? -2.442  -0.299  1.996   1.00 53.98  ? 296 TYR A CD2 1 
ATOM 400 C CE1 . TYR A 1 51  ? -3.457  -1.875  4.116   1.00 51.74  ? 296 TYR A CE1 1 
ATOM 401 C CE2 . TYR A 1 51  ? -1.945  -0.151  3.326   1.00 48.13  ? 296 TYR A CE2 1 
ATOM 402 C CZ  . TYR A 1 51  ? -2.504  -0.920  4.326   1.00 51.96  ? 296 TYR A CZ  1 
ATOM 403 O OH  . TYR A 1 51  ? -2.150  -0.868  5.656   1.00 63.39  ? 296 TYR A OH  1 
ATOM 404 N N   . LEU A 1 52  ? -4.485  -3.224  -2.238  1.00 51.93  ? 297 LEU A N   1 
ATOM 405 C CA  . LEU A 1 52  ? -5.133  -3.056  -3.482  1.00 55.71  ? 297 LEU A CA  1 
ATOM 406 C C   . LEU A 1 52  ? -6.532  -2.543  -3.182  1.00 60.14  ? 297 LEU A C   1 
ATOM 407 O O   . LEU A 1 52  ? -7.424  -3.308  -2.637  1.00 61.37  ? 297 LEU A O   1 
ATOM 408 C CB  . LEU A 1 52  ? -5.465  -4.421  -4.082  1.00 56.17  ? 297 LEU A CB  1 
ATOM 409 C CG  . LEU A 1 52  ? -5.410  -4.633  -5.626  1.00 55.58  ? 297 LEU A CG  1 
ATOM 410 C CD1 . LEU A 1 52  ? -6.333  -5.729  -6.176  1.00 49.83  ? 297 LEU A CD1 1 
ATOM 411 C CD2 . LEU A 1 52  ? -5.410  -3.334  -6.414  1.00 47.35  ? 297 LEU A CD2 1 
ATOM 412 N N   . ILE A 1 53  ? -6.796  -1.293  -3.559  1.00 63.00  ? 298 ILE A N   1 
ATOM 413 C CA  . ILE A 1 53  ? -8.205  -0.794  -3.568  1.00 64.34  ? 298 ILE A CA  1 
ATOM 414 C C   . ILE A 1 53  ? -8.740  -0.565  -4.978  1.00 65.15  ? 298 ILE A C   1 
ATOM 415 O O   . ILE A 1 53  ? -8.132  0.162   -5.721  1.00 64.30  ? 298 ILE A O   1 
ATOM 416 C CB  . ILE A 1 53  ? -8.247  0.509   -2.908  1.00 63.69  ? 298 ILE A CB  1 
ATOM 417 C CG1 . ILE A 1 53  ? -7.469  0.380   -1.614  1.00 61.55  ? 298 ILE A CG1 1 
ATOM 418 C CG2 . ILE A 1 53  ? -9.647  0.849   -2.687  1.00 63.12  ? 298 ILE A CG2 1 
ATOM 419 C CD1 . ILE A 1 53  ? -7.456  1.644   -0.899  1.00 62.57  ? 298 ILE A CD1 1 
ATOM 420 N N   . LYS A 1 54  ? -9.863  -1.183  -5.312  1.00 67.85  ? 299 LYS A N   1 
ATOM 421 C CA  . LYS A 1 54  ? -10.526 -1.100  -6.645  1.00 70.21  ? 299 LYS A CA  1 
ATOM 422 C C   . LYS A 1 54  ? -11.790 -0.359  -6.493  1.00 71.81  ? 299 LYS A C   1 
ATOM 423 O O   . LYS A 1 54  ? -12.617 -0.667  -5.572  1.00 72.26  ? 299 LYS A O   1 
ATOM 424 C CB  . LYS A 1 54  ? -10.844 -2.494  -7.131  1.00 70.55  ? 299 LYS A CB  1 
ATOM 425 C CG  . LYS A 1 54  ? -12.177 -2.795  -7.675  1.00 72.81  ? 299 LYS A CG  1 
ATOM 426 C CD  . LYS A 1 54  ? -12.242 -2.628  -9.187  1.00 83.27  ? 299 LYS A CD  1 
ATOM 427 C CE  . LYS A 1 54  ? -12.335 -3.933  -10.026 1.00 83.86  ? 299 LYS A CE  1 
ATOM 428 N NZ  . LYS A 1 54  ? -12.046 -3.437  -11.455 1.00 86.23  ? 299 LYS A NZ  1 
ATOM 429 N N   . TYR A 1 55  ? -11.980 0.644   -7.342  1.00 73.43  ? 300 TYR A N   1 
ATOM 430 C CA  . TYR A 1 55  ? -13.182 1.448   -7.103  1.00 75.06  ? 300 TYR A CA  1 
ATOM 431 C C   . TYR A 1 55  ? -14.501 0.957   -7.812  1.00 76.70  ? 300 TYR A C   1 
ATOM 432 O O   . TYR A 1 55  ? -14.453 0.184   -8.820  1.00 75.81  ? 300 TYR A O   1 
ATOM 433 C CB  . TYR A 1 55  ? -12.889 2.863   -7.405  1.00 73.00  ? 300 TYR A CB  1 
ATOM 434 C CG  . TYR A 1 55  ? -12.103 3.561   -6.336  1.00 75.43  ? 300 TYR A CG  1 
ATOM 435 C CD1 . TYR A 1 55  ? -10.775 3.869   -6.511  1.00 74.99  ? 300 TYR A CD1 1 
ATOM 436 C CD2 . TYR A 1 55  ? -12.719 4.038   -5.145  1.00 76.00  ? 300 TYR A CD2 1 
ATOM 437 C CE1 . TYR A 1 55  ? -10.067 4.637   -5.500  1.00 73.46  ? 300 TYR A CE1 1 
ATOM 438 C CE2 . TYR A 1 55  ? -11.991 4.794   -4.121  1.00 68.08  ? 300 TYR A CE2 1 
ATOM 439 C CZ  . TYR A 1 55  ? -10.695 5.049   -4.317  1.00 71.97  ? 300 TYR A CZ  1 
ATOM 440 O OH  . TYR A 1 55  ? -9.964  5.756   -3.362  1.00 78.38  ? 300 TYR A OH  1 
ATOM 441 N N   . ALA A 1 56  ? -15.679 1.348   -7.216  1.00 78.90  ? 301 ALA A N   1 
ATOM 442 C CA  . ALA A 1 56  ? -17.017 1.725   -7.958  1.00 77.21  ? 301 ALA A CA  1 
ATOM 443 C C   . ALA A 1 56  ? -17.648 0.687   -8.913  1.00 77.47  ? 301 ALA A C   1 
ATOM 444 O O   . ALA A 1 56  ? -17.851 0.991   -10.114 1.00 78.68  ? 301 ALA A O   1 
ATOM 445 C CB  . ALA A 1 56  ? -16.970 3.246   -8.653  1.00 73.82  ? 301 ALA A CB  1 
ATOM 446 N N   . ASN A 1 63  ? -18.293 5.802   -16.369 1.00 96.61  ? 308 ASN A N   1 
ATOM 447 C CA  . ASN A 1 63  ? -18.101 5.912   -14.924 1.00 98.27  ? 308 ASN A CA  1 
ATOM 448 C C   . ASN A 1 63  ? -16.936 6.834   -14.481 1.00 98.44  ? 308 ASN A C   1 
ATOM 449 O O   . ASN A 1 63  ? -16.113 7.356   -15.269 1.00 99.08  ? 308 ASN A O   1 
ATOM 450 C CB  . ASN A 1 63  ? -17.922 4.524   -14.207 1.00 97.66  ? 308 ASN A CB  1 
ATOM 451 C CG  . ASN A 1 63  ? -16.468 3.840   -14.456 1.00 99.62  ? 308 ASN A CG  1 
ATOM 452 O OD1 . ASN A 1 63  ? -16.392 2.578   -14.494 1.00 99.98  ? 308 ASN A OD1 1 
ATOM 453 N ND2 . ASN A 1 63  ? -15.346 4.663   -14.595 1.00 89.36  ? 308 ASN A ND2 1 
ATOM 454 N N   . ASP A 1 64  ? -16.896 7.012   -13.173 1.00 97.76  ? 309 ASP A N   1 
ATOM 455 C CA  . ASP A 1 64  ? -15.696 7.480   -12.560 1.00 96.58  ? 309 ASP A CA  1 
ATOM 456 C C   . ASP A 1 64  ? -15.383 6.618   -11.328 1.00 93.37  ? 309 ASP A C   1 
ATOM 457 O O   . ASP A 1 64  ? -15.064 7.162   -10.259 1.00 93.15  ? 309 ASP A O   1 
ATOM 458 C CB  . ASP A 1 64  ? -15.743 9.000   -12.223 1.00 99.29  ? 309 ASP A CB  1 
ATOM 459 C CG  . ASP A 1 64  ? -16.053 9.325   -10.647 1.00 102.18 ? 309 ASP A CG  1 
ATOM 460 O OD1 . ASP A 1 64  ? -15.066 9.386   -9.788  1.00 98.73  ? 309 ASP A OD1 1 
ATOM 461 O OD2 . ASP A 1 64  ? -17.281 9.583   -10.351 1.00 104.00 ? 309 ASP A OD2 1 
ATOM 462 N N   . ALA A 1 65  ? -15.423 5.289   -11.497 1.00 88.32  ? 310 ALA A N   1 
ATOM 463 C CA  . ALA A 1 65  ? -14.385 4.502   -10.871 1.00 83.43  ? 310 ALA A CA  1 
ATOM 464 C C   . ALA A 1 65  ? -13.004 5.194   -11.204 1.00 80.99  ? 310 ALA A C   1 
ATOM 465 O O   . ALA A 1 65  ? -12.415 5.924   -10.354 1.00 80.51  ? 310 ALA A O   1 
ATOM 466 C CB  . ALA A 1 65  ? -14.433 3.126   -11.354 1.00 84.02  ? 310 ALA A CB  1 
ATOM 467 N N   . ALA A 1 66  ? -12.547 5.024   -12.449 1.00 77.25  ? 311 ALA A N   1 
ATOM 468 C CA  . ALA A 1 66  ? -11.369 5.686   -12.974 1.00 73.97  ? 311 ALA A CA  1 
ATOM 469 C C   . ALA A 1 66  ? -11.040 7.069   -12.484 1.00 72.75  ? 311 ALA A C   1 
ATOM 470 O O   . ALA A 1 66  ? -9.878  7.418   -12.297 1.00 72.60  ? 311 ALA A O   1 
ATOM 471 C CB  . ALA A 1 66  ? -11.438 5.682   -14.388 1.00 73.85  ? 311 ALA A CB  1 
ATOM 472 N N   . LYS A 1 67  ? -12.024 7.879   -12.231 1.00 73.33  ? 312 LYS A N   1 
ATOM 473 C CA  . LYS A 1 67  ? -11.654 9.240   -11.820 1.00 73.47  ? 312 LYS A CA  1 
ATOM 474 C C   . LYS A 1 67  ? -11.361 9.327   -10.276 1.00 69.70  ? 312 LYS A C   1 
ATOM 475 O O   . LYS A 1 67  ? -10.463 10.053  -9.853  1.00 66.67  ? 312 LYS A O   1 
ATOM 476 C CB  . LYS A 1 67  ? -12.705 10.272  -12.398 1.00 75.73  ? 312 LYS A CB  1 
ATOM 477 C CG  . LYS A 1 67  ? -12.260 11.773  -12.561 1.00 76.21  ? 312 LYS A CG  1 
ATOM 478 C CD  . LYS A 1 67  ? -13.487 12.799  -12.394 1.00 76.70  ? 312 LYS A CD  1 
ATOM 479 C CE  . LYS A 1 67  ? -13.064 14.290  -12.901 1.00 84.91  ? 312 LYS A CE  1 
ATOM 480 N NZ  . LYS A 1 67  ? -13.620 15.526  -12.087 1.00 84.11  ? 312 LYS A NZ  1 
ATOM 481 N N   . ALA A 1 68  ? -12.156 8.594   -9.487  1.00 66.86  ? 313 ALA A N   1 
ATOM 482 C CA  . ALA A 1 68  ? -11.760 8.167   -8.099  1.00 65.68  ? 313 ALA A CA  1 
ATOM 483 C C   . ALA A 1 68  ? -10.248 7.751   -8.046  1.00 65.33  ? 313 ALA A C   1 
ATOM 484 O O   . ALA A 1 68  ? -9.355  8.522   -7.566  1.00 66.02  ? 313 ALA A O   1 
ATOM 485 C CB  . ALA A 1 68  ? -12.653 6.942   -7.613  1.00 63.06  ? 313 ALA A CB  1 
ATOM 486 N N   . ALA A 1 69  ? -9.999  6.519   -8.523  1.00 62.78  ? 314 ALA A N   1 
ATOM 487 C CA  . ALA A 1 69  ? -8.687  6.074   -8.820  1.00 60.85  ? 314 ALA A CA  1 
ATOM 488 C C   . ALA A 1 69  ? -7.744  7.210   -9.157  1.00 59.86  ? 314 ALA A C   1 
ATOM 489 O O   . ALA A 1 69  ? -6.760  7.476   -8.423  1.00 62.16  ? 314 ALA A O   1 
ATOM 490 C CB  . ALA A 1 69  ? -8.730  5.118   -9.920  1.00 60.83  ? 314 ALA A CB  1 
ATOM 491 N N   . PHE A 1 70  ? -7.995  7.955   -10.203 1.00 56.37  ? 315 PHE A N   1 
ATOM 492 C CA  . PHE A 1 70  ? -6.870  8.799   -10.506 1.00 54.55  ? 315 PHE A CA  1 
ATOM 493 C C   . PHE A 1 70  ? -6.739  9.904   -9.528  1.00 56.33  ? 315 PHE A C   1 
ATOM 494 O O   . PHE A 1 70  ? -5.694  10.449  -9.318  1.00 57.73  ? 315 PHE A O   1 
ATOM 495 C CB  . PHE A 1 70  ? -6.905  9.287   -11.885 1.00 50.92  ? 315 PHE A CB  1 
ATOM 496 C CG  . PHE A 1 70  ? -5.740  10.074  -12.276 1.00 47.53  ? 315 PHE A CG  1 
ATOM 497 C CD1 . PHE A 1 70  ? -5.829  11.450  -12.434 1.00 45.07  ? 315 PHE A CD1 1 
ATOM 498 C CD2 . PHE A 1 70  ? -4.544  9.461   -12.669 1.00 51.27  ? 315 PHE A CD2 1 
ATOM 499 C CE1 . PHE A 1 70  ? -4.740  12.294  -12.972 1.00 36.91  ? 315 PHE A CE1 1 
ATOM 500 C CE2 . PHE A 1 70  ? -3.420  10.267  -13.207 1.00 50.90  ? 315 PHE A CE2 1 
ATOM 501 C CZ  . PHE A 1 70  ? -3.550  11.704  -13.315 1.00 46.50  ? 315 PHE A CZ  1 
ATOM 502 N N   . SER A 1 71  ? -7.792  10.212  -8.837  1.00 59.86  ? 316 SER A N   1 
ATOM 503 C CA  . SER A 1 71  ? -7.679  11.422  -8.009  1.00 62.76  ? 316 SER A CA  1 
ATOM 504 C C   . SER A 1 71  ? -6.920  10.872  -6.825  1.00 63.30  ? 316 SER A C   1 
ATOM 505 O O   . SER A 1 71  ? -5.913  11.490  -6.380  1.00 63.90  ? 316 SER A O   1 
ATOM 506 C CB  . SER A 1 71  ? -9.047  12.037  -7.632  1.00 61.52  ? 316 SER A CB  1 
ATOM 507 O OG  . SER A 1 71  ? -9.921  10.939  -7.548  1.00 61.12  ? 316 SER A OG  1 
ATOM 508 N N   . ALA A 1 72  ? -7.360  9.694   -6.387  1.00 62.93  ? 317 ALA A N   1 
ATOM 509 C CA  . ALA A 1 72  ? -6.645  9.011   -5.331  1.00 63.60  ? 317 ALA A CA  1 
ATOM 510 C C   . ALA A 1 72  ? -5.171  9.121   -5.595  1.00 63.79  ? 317 ALA A C   1 
ATOM 511 O O   . ALA A 1 72  ? -4.419  9.521   -4.741  1.00 63.16  ? 317 ALA A O   1 
ATOM 512 C CB  . ALA A 1 72  ? -7.041  7.606   -5.255  1.00 64.36  ? 317 ALA A CB  1 
ATOM 513 N N   . VAL A 1 73  ? -4.738  8.867   -6.827  1.00 64.74  ? 318 VAL A N   1 
ATOM 514 C CA  . VAL A 1 73  ? -3.280  8.843   -7.034  1.00 63.65  ? 318 VAL A CA  1 
ATOM 515 C C   . VAL A 1 73  ? -2.835  10.232  -6.938  1.00 66.69  ? 318 VAL A C   1 
ATOM 516 O O   . VAL A 1 73  ? -1.654  10.535  -6.907  1.00 66.72  ? 318 VAL A O   1 
ATOM 517 C CB  . VAL A 1 73  ? -2.982  8.352   -8.418  1.00 61.30  ? 318 VAL A CB  1 
ATOM 518 C CG1 . VAL A 1 73  ? -1.514  8.639   -8.849  1.00 57.39  ? 318 VAL A CG1 1 
ATOM 519 C CG2 . VAL A 1 73  ? -3.341  6.914   -8.470  1.00 57.78  ? 318 VAL A CG2 1 
ATOM 520 N N   . ARG A 1 74  ? -3.779  11.135  -7.000  1.00 70.59  ? 319 ARG A N   1 
ATOM 521 C CA  . ARG A 1 74  ? -3.311  12.381  -7.459  1.00 74.88  ? 319 ARG A CA  1 
ATOM 522 C C   . ARG A 1 74  ? -3.415  13.563  -6.553  1.00 77.58  ? 319 ARG A C   1 
ATOM 523 O O   . ARG A 1 74  ? -2.458  14.426  -6.514  1.00 75.13  ? 319 ARG A O   1 
ATOM 524 C CB  . ARG A 1 74  ? -3.936  12.702  -8.744  1.00 75.12  ? 319 ARG A CB  1 
ATOM 525 C CG  . ARG A 1 74  ? -3.056  13.673  -9.369  1.00 79.30  ? 319 ARG A CG  1 
ATOM 526 C CD  . ARG A 1 74  ? -1.835  12.932  -9.712  1.00 85.77  ? 319 ARG A CD  1 
ATOM 527 N NE  . ARG A 1 74  ? -1.373  13.436  -10.973 1.00 93.95  ? 319 ARG A NE  1 
ATOM 528 C CZ  . ARG A 1 74  ? -0.237  13.093  -11.544 1.00 103.59 ? 319 ARG A CZ  1 
ATOM 529 N NH1 . ARG A 1 74  ? 0.623   12.238  -10.932 1.00 108.48 ? 319 ARG A NH1 1 
ATOM 530 N NH2 . ARG A 1 74  ? 0.046   13.626  -12.733 1.00 106.46 ? 319 ARG A NH2 1 
ATOM 531 N N   . LYS A 1 75  ? -4.561  13.564  -5.827  1.00 82.01  ? 320 LYS A N   1 
ATOM 532 C CA  . LYS A 1 75  ? -4.886  14.549  -4.808  1.00 86.46  ? 320 LYS A CA  1 
ATOM 533 C C   . LYS A 1 75  ? -3.547  14.744  -4.095  1.00 88.65  ? 320 LYS A C   1 
ATOM 534 O O   . LYS A 1 75  ? -3.041  15.854  -3.986  1.00 90.23  ? 320 LYS A O   1 
ATOM 535 C CB  . LYS A 1 75  ? -6.039  14.046  -3.916  1.00 87.03  ? 320 LYS A CB  1 
ATOM 536 C CG  . LYS A 1 75  ? -7.197  15.151  -3.419  1.00 94.66  ? 320 LYS A CG  1 
ATOM 537 C CD  . LYS A 1 75  ? -8.418  15.740  -4.441  1.00 96.24  ? 320 LYS A CD  1 
ATOM 538 C CE  . LYS A 1 75  ? -7.913  16.760  -5.605  1.00 100.05 ? 320 LYS A CE  1 
ATOM 539 N NZ  . LYS A 1 75  ? -7.901  18.305  -5.381  1.00 97.00  ? 320 LYS A NZ  1 
ATOM 540 N N   . HIS A 1 76  ? -2.805  13.707  -3.773  1.00 92.02  ? 321 HIS A N   1 
ATOM 541 C CA  . HIS A 1 76  ? -1.876  14.110  -2.792  1.00 94.26  ? 321 HIS A CA  1 
ATOM 542 C C   . HIS A 1 76  ? -0.499  14.729  -2.974  1.00 94.46  ? 321 HIS A C   1 
ATOM 543 O O   . HIS A 1 76  ? 0.033   15.175  -1.991  1.00 95.20  ? 321 HIS A O   1 
ATOM 544 C CB  . HIS A 1 76  ? -2.131  13.370  -1.486  1.00 95.67  ? 321 HIS A CB  1 
ATOM 545 C CG  . HIS A 1 76  ? -3.374  13.869  -0.756  1.00 98.19  ? 321 HIS A CG  1 
ATOM 546 N ND1 . HIS A 1 76  ? -3.469  15.139  -0.191  1.00 97.71  ? 321 HIS A ND1 1 
ATOM 547 C CD2 . HIS A 1 76  ? -4.567  13.261  -0.499  1.00 98.53  ? 321 HIS A CD2 1 
ATOM 548 C CE1 . HIS A 1 76  ? -4.655  15.278  0.389   1.00 97.43  ? 321 HIS A CE1 1 
ATOM 549 N NE2 . HIS A 1 76  ? -5.339  14.155  0.218   1.00 98.24  ? 321 HIS A NE2 1 
ATOM 550 N N   . GLU A 1 77  ? 0.015   14.932  -4.177  1.00 94.46  ? 322 GLU A N   1 
ATOM 551 C CA  . GLU A 1 77  ? 1.455   15.320  -4.235  1.00 94.26  ? 322 GLU A CA  1 
ATOM 552 C C   . GLU A 1 77  ? 1.875   16.704  -3.898  1.00 92.56  ? 322 GLU A C   1 
ATOM 553 O O   . GLU A 1 77  ? 3.052   17.020  -4.004  1.00 90.58  ? 322 GLU A O   1 
ATOM 554 C CB  . GLU A 1 77  ? 2.007   15.185  -5.600  1.00 96.37  ? 322 GLU A CB  1 
ATOM 555 C CG  . GLU A 1 77  ? 1.162   15.777  -6.652  1.00 100.96 ? 322 GLU A CG  1 
ATOM 556 C CD  . GLU A 1 77  ? 0.726   14.685  -7.615  1.00 112.90 ? 322 GLU A CD  1 
ATOM 557 O OE1 . GLU A 1 77  ? 1.322   13.551  -7.690  1.00 110.91 ? 322 GLU A OE1 1 
ATOM 558 O OE2 . GLU A 1 77  ? -0.245  14.974  -8.336  1.00 123.87 ? 322 GLU A OE2 1 
ATOM 559 N N   . SER A 1 78  ? 0.908   17.579  -3.639  1.00 92.90  ? 323 SER A N   1 
ATOM 560 C CA  . SER A 1 78  ? 1.175   18.694  -2.700  1.00 91.57  ? 323 SER A CA  1 
ATOM 561 C C   . SER A 1 78  ? 2.149   17.978  -1.614  1.00 90.50  ? 323 SER A C   1 
ATOM 562 O O   . SER A 1 78  ? 3.395   17.922  -1.776  1.00 90.09  ? 323 SER A O   1 
ATOM 563 C CB  . SER A 1 78  ? -0.202  19.379  -2.138  1.00 91.85  ? 323 SER A CB  1 
ATOM 564 O OG  . SER A 1 78  ? -0.833  18.835  -0.934  1.00 84.38  ? 323 SER A OG  1 
ATOM 565 N N   . SER A 1 79  ? 1.537   17.344  -0.619  1.00 87.19  ? 324 SER A N   1 
ATOM 566 C CA  . SER A 1 79  ? 2.223   16.932  0.556   1.00 85.58  ? 324 SER A CA  1 
ATOM 567 C C   . SER A 1 79  ? 2.595   15.410  0.525   1.00 82.73  ? 324 SER A C   1 
ATOM 568 O O   . SER A 1 79  ? 3.155   14.870  1.462   1.00 83.79  ? 324 SER A O   1 
ATOM 569 C CB  . SER A 1 79  ? 1.353   17.403  1.847   1.00 87.32  ? 324 SER A CB  1 
ATOM 570 O OG  . SER A 1 79  ? 0.481   16.423  2.554   1.00 88.22  ? 324 SER A OG  1 
ATOM 571 N N   . GLY A 1 80  ? 2.234   14.705  -0.524  1.00 79.26  ? 325 GLY A N   1 
ATOM 572 C CA  . GLY A 1 80  ? 2.159   13.255  -0.441  1.00 73.97  ? 325 GLY A CA  1 
ATOM 573 C C   . GLY A 1 80  ? 0.920   12.848  0.318   1.00 70.14  ? 325 GLY A C   1 
ATOM 574 O O   . GLY A 1 80  ? 0.281   13.624  0.868   1.00 67.71  ? 325 GLY A O   1 
ATOM 575 N N   . CYS A 1 81  ? 0.637   11.576  0.382   1.00 69.54  ? 326 CYS A N   1 
ATOM 576 C CA  . CYS A 1 81  ? -0.516  11.127  1.043   1.00 69.45  ? 326 CYS A CA  1 
ATOM 577 C C   . CYS A 1 81  ? -0.163  10.605  2.444   1.00 69.87  ? 326 CYS A C   1 
ATOM 578 O O   . CYS A 1 81  ? 0.630   9.643   2.615   1.00 70.21  ? 326 CYS A O   1 
ATOM 579 C CB  . CYS A 1 81  ? -1.094  10.037  0.234   1.00 69.21  ? 326 CYS A CB  1 
ATOM 580 S SG  . CYS A 1 81  ? -2.134  8.962   1.183   1.00 75.93  ? 326 CYS A SG  1 
ATOM 581 N N   . PHE A 1 82  ? -0.770  11.253  3.465   1.00 69.18  ? 327 PHE A N   1 
ATOM 582 C CA  . PHE A 1 82  ? -0.646  10.830  4.869   1.00 64.40  ? 327 PHE A CA  1 
ATOM 583 C C   . PHE A 1 82  ? -1.900  10.234  5.412   1.00 64.43  ? 327 PHE A C   1 
ATOM 584 O O   . PHE A 1 82  ? -3.002  10.625  4.994   1.00 65.41  ? 327 PHE A O   1 
ATOM 585 C CB  . PHE A 1 82  ? -0.285  12.004  5.537   1.00 59.68  ? 327 PHE A CB  1 
ATOM 586 C CG  . PHE A 1 82  ? 1.081   12.231  5.457   1.00 57.28  ? 327 PHE A CG  1 
ATOM 587 C CD1 . PHE A 1 82  ? 1.579   13.164  4.602   1.00 57.70  ? 327 PHE A CD1 1 
ATOM 588 C CD2 . PHE A 1 82  ? 1.972   11.504  6.299   1.00 61.57  ? 327 PHE A CD2 1 
ATOM 589 C CE1 . PHE A 1 82  ? 2.998   13.500  4.591   1.00 55.42  ? 327 PHE A CE1 1 
ATOM 590 C CE2 . PHE A 1 82  ? 3.399   11.779  6.267   1.00 59.53  ? 327 PHE A CE2 1 
ATOM 591 C CZ  . PHE A 1 82  ? 3.904   12.803  5.367   1.00 51.68  ? 327 PHE A CZ  1 
ATOM 592 N N   . ILE A 1 83  ? -1.778  9.217   6.216   1.00 64.51  ? 328 ILE A N   1 
ATOM 593 C CA  . ILE A 1 83  ? -3.003  8.585   6.680   1.00 66.15  ? 328 ILE A CA  1 
ATOM 594 C C   . ILE A 1 83  ? -2.543  8.163   8.068   1.00 70.22  ? 328 ILE A C   1 
ATOM 595 O O   . ILE A 1 83  ? -1.635  7.288   8.145   1.00 71.95  ? 328 ILE A O   1 
ATOM 596 C CB  . ILE A 1 83  ? -3.341  7.288   6.002   1.00 65.10  ? 328 ILE A CB  1 
ATOM 597 C CG1 . ILE A 1 83  ? -3.538  7.421   4.516   1.00 63.85  ? 328 ILE A CG1 1 
ATOM 598 C CG2 . ILE A 1 83  ? -4.569  6.670   6.604   1.00 63.25  ? 328 ILE A CG2 1 
ATOM 599 C CD1 . ILE A 1 83  ? -3.884  6.005   3.831   1.00 62.99  ? 328 ILE A CD1 1 
ATOM 600 N N   . MET A 1 84  ? -3.179  8.732   9.137   1.00 72.68  ? 329 MET A N   1 
ATOM 601 C CA  . MET A 1 84  ? -2.670  8.762   10.532  1.00 73.42  ? 329 MET A CA  1 
ATOM 602 C C   . MET A 1 84  ? -1.234  9.205   10.439  1.00 73.32  ? 329 MET A C   1 
ATOM 603 O O   . MET A 1 84  ? -0.317  8.450   10.734  1.00 72.25  ? 329 MET A O   1 
ATOM 604 C CB  . MET A 1 84  ? -2.777  7.389   11.176  1.00 73.50  ? 329 MET A CB  1 
ATOM 605 C CG  . MET A 1 84  ? -4.167  6.820   10.916  1.00 79.25  ? 329 MET A CG  1 
ATOM 606 S SD  . MET A 1 84  ? -5.675  7.411   11.877  1.00 96.71  ? 329 MET A SD  1 
ATOM 607 C CE  . MET A 1 84  ? -5.223  8.892   13.007  1.00 88.73  ? 329 MET A CE  1 
ATOM 608 N N   . GLY A 1 85  ? -1.014  10.415  9.943   1.00 74.48  ? 330 GLY A N   1 
ATOM 609 C CA  . GLY A 1 85  ? 0.404   10.894  9.833   1.00 76.40  ? 330 GLY A CA  1 
ATOM 610 C C   . GLY A 1 85  ? 1.397   9.742   9.517   1.00 76.76  ? 330 GLY A C   1 
ATOM 611 O O   . GLY A 1 85  ? 2.567   9.757   9.909   1.00 77.81  ? 330 GLY A O   1 
ATOM 612 N N   . PHE A 1 86  ? 0.923   8.724   8.808   1.00 76.20  ? 331 PHE A N   1 
ATOM 613 C CA  . PHE A 1 86  ? 1.841   7.847   8.131   1.00 74.95  ? 331 PHE A CA  1 
ATOM 614 C C   . PHE A 1 86  ? 1.784   7.920   6.607   1.00 71.36  ? 331 PHE A C   1 
ATOM 615 O O   . PHE A 1 86  ? 0.715   7.706   5.998   1.00 71.37  ? 331 PHE A O   1 
ATOM 616 C CB  . PHE A 1 86  ? 1.583   6.463   8.579   1.00 77.18  ? 331 PHE A CB  1 
ATOM 617 C CG  . PHE A 1 86  ? 2.732   5.612   8.346   1.00 84.23  ? 331 PHE A CG  1 
ATOM 618 C CD1 . PHE A 1 86  ? 3.817   5.626   9.241   1.00 89.99  ? 331 PHE A CD1 1 
ATOM 619 C CD2 . PHE A 1 86  ? 2.810   4.781   7.166   1.00 90.84  ? 331 PHE A CD2 1 
ATOM 620 C CE1 . PHE A 1 86  ? 4.989   4.776   8.947   1.00 89.93  ? 331 PHE A CE1 1 
ATOM 621 C CE2 . PHE A 1 86  ? 3.984   3.862   6.891   1.00 85.70  ? 331 PHE A CE2 1 
ATOM 622 C CZ  . PHE A 1 86  ? 5.044   3.887   7.758   1.00 83.04  ? 331 PHE A CZ  1 
ATOM 623 N N   . LYS A 1 87  ? 2.920   8.211   5.997   1.00 66.99  ? 332 LYS A N   1 
ATOM 624 C CA  . LYS A 1 87  ? 2.981   8.490   4.529   1.00 64.37  ? 332 LYS A CA  1 
ATOM 625 C C   . LYS A 1 87  ? 2.985   7.304   3.581   1.00 64.08  ? 332 LYS A C   1 
ATOM 626 O O   . LYS A 1 87  ? 3.897   6.506   3.656   1.00 64.85  ? 332 LYS A O   1 
ATOM 627 C CB  . LYS A 1 87  ? 4.236   9.217   4.204   1.00 62.48  ? 332 LYS A CB  1 
ATOM 628 C CG  . LYS A 1 87  ? 4.270   9.724   2.838   1.00 57.09  ? 332 LYS A CG  1 
ATOM 629 C CD  . LYS A 1 87  ? 5.442   10.689  2.904   1.00 53.45  ? 332 LYS A CD  1 
ATOM 630 C CE  . LYS A 1 87  ? 6.157   11.180  1.630   1.00 46.27  ? 332 LYS A CE  1 
ATOM 631 N NZ  . LYS A 1 87  ? 5.058   12.001  1.038   1.00 44.15  ? 332 LYS A NZ  1 
ATOM 632 N N   . PHE A 1 88  ? 1.980   7.196   2.709   1.00 62.93  ? 333 PHE A N   1 
ATOM 633 C CA  . PHE A 1 88  ? 1.886   6.094   1.720   1.00 62.23  ? 333 PHE A CA  1 
ATOM 634 C C   . PHE A 1 88  ? 2.119   6.560   0.303   1.00 61.08  ? 333 PHE A C   1 
ATOM 635 O O   . PHE A 1 88  ? 2.209   7.748   0.100   1.00 62.28  ? 333 PHE A O   1 
ATOM 636 C CB  . PHE A 1 88  ? 0.559   5.435   1.783   1.00 60.47  ? 333 PHE A CB  1 
ATOM 637 C CG  . PHE A 1 88  ? 0.441   4.595   2.917   1.00 61.08  ? 333 PHE A CG  1 
ATOM 638 C CD1 . PHE A 1 88  ? 0.592   3.208   2.792   1.00 68.08  ? 333 PHE A CD1 1 
ATOM 639 C CD2 . PHE A 1 88  ? 0.263   5.139   4.137   1.00 61.29  ? 333 PHE A CD2 1 
ATOM 640 C CE1 . PHE A 1 88  ? 0.461   2.337   3.896   1.00 65.33  ? 333 PHE A CE1 1 
ATOM 641 C CE2 . PHE A 1 88  ? 0.136   4.338   5.224   1.00 64.52  ? 333 PHE A CE2 1 
ATOM 642 C CZ  . PHE A 1 88  ? 0.230   2.922   5.128   1.00 62.61  ? 333 PHE A CZ  1 
ATOM 643 N N   . GLU A 1 89  ? 2.259   5.659   -0.654  1.00 59.11  ? 334 GLU A N   1 
ATOM 644 C CA  . GLU A 1 89  ? 2.301   6.078   -2.004  1.00 57.32  ? 334 GLU A CA  1 
ATOM 645 C C   . GLU A 1 89  ? 1.110   5.436   -2.571  1.00 56.43  ? 334 GLU A C   1 
ATOM 646 O O   . GLU A 1 89  ? 0.528   4.467   -1.994  1.00 59.52  ? 334 GLU A O   1 
ATOM 647 C CB  . GLU A 1 89  ? 3.512   5.561   -2.689  1.00 58.78  ? 334 GLU A CB  1 
ATOM 648 C CG  . GLU A 1 89  ? 4.853   5.901   -2.061  1.00 61.97  ? 334 GLU A CG  1 
ATOM 649 C CD  . GLU A 1 89  ? 5.279   7.313   -2.228  1.00 67.56  ? 334 GLU A CD  1 
ATOM 650 O OE1 . GLU A 1 89  ? 4.423   8.154   -2.471  1.00 69.63  ? 334 GLU A OE1 1 
ATOM 651 O OE2 . GLU A 1 89  ? 6.506   7.643   -2.094  1.00 77.38  ? 334 GLU A OE2 1 
ATOM 652 N N   . VAL A 1 90  ? 0.675   5.944   -3.691  1.00 53.14  ? 335 VAL A N   1 
ATOM 653 C CA  . VAL A 1 90  ? -0.595  5.485   -4.201  1.00 51.55  ? 335 VAL A CA  1 
ATOM 654 C C   . VAL A 1 90  ? -0.407  5.563   -5.662  1.00 50.89  ? 335 VAL A C   1 
ATOM 655 O O   . VAL A 1 90  ? -0.014  6.631   -6.207  1.00 51.77  ? 335 VAL A O   1 
ATOM 656 C CB  . VAL A 1 90  ? -1.697  6.579   -4.030  1.00 51.26  ? 335 VAL A CB  1 
ATOM 657 C CG1 . VAL A 1 90  ? -2.970  6.013   -4.285  1.00 52.39  ? 335 VAL A CG1 1 
ATOM 658 C CG2 . VAL A 1 90  ? -1.758  7.141   -2.681  1.00 48.94  ? 335 VAL A CG2 1 
ATOM 659 N N   . ILE A 1 91  ? -0.699  4.495   -6.334  1.00 50.23  ? 336 ILE A N   1 
ATOM 660 C CA  . ILE A 1 91  ? -0.455  4.539   -7.777  1.00 50.10  ? 336 ILE A CA  1 
ATOM 661 C C   . ILE A 1 91  ? -1.475  3.638   -8.502  1.00 51.04  ? 336 ILE A C   1 
ATOM 662 O O   . ILE A 1 91  ? -2.160  2.781   -7.795  1.00 51.93  ? 336 ILE A O   1 
ATOM 663 C CB  . ILE A 1 91  ? 0.936   4.021   -8.119  1.00 49.31  ? 336 ILE A CB  1 
ATOM 664 C CG1 . ILE A 1 91  ? 1.104   2.572   -7.618  1.00 49.30  ? 336 ILE A CG1 1 
ATOM 665 C CG2 . ILE A 1 91  ? 1.999   4.966   -7.781  1.00 43.75  ? 336 ILE A CG2 1 
ATOM 666 C CD1 . ILE A 1 91  ? 2.468   2.100   -7.808  1.00 50.63  ? 336 ILE A CD1 1 
ATOM 667 N N   . LEU A 1 92  ? -1.593  3.765   -9.829  1.00 49.42  ? 337 LEU A N   1 
ATOM 668 C CA  . LEU A 1 92  ? -2.613  2.865   -10.460 1.00 51.52  ? 337 LEU A CA  1 
ATOM 669 C C   . LEU A 1 92  ? -2.078  1.457   -10.583 1.00 51.53  ? 337 LEU A C   1 
ATOM 670 O O   . LEU A 1 92  ? -0.847  1.246   -10.926 1.00 51.74  ? 337 LEU A O   1 
ATOM 671 C CB  . LEU A 1 92  ? -3.007  3.333   -11.893 1.00 51.90  ? 337 LEU A CB  1 
ATOM 672 C CG  . LEU A 1 92  ? -3.504  4.746   -11.741 1.00 50.42  ? 337 LEU A CG  1 
ATOM 673 C CD1 . LEU A 1 92  ? -3.228  5.642   -13.022 1.00 53.63  ? 337 LEU A CD1 1 
ATOM 674 C CD2 . LEU A 1 92  ? -4.919  4.588   -11.394 1.00 42.87  ? 337 LEU A CD2 1 
ATOM 675 N N   . ASN A 1 93  ? -2.946  0.510   -10.354 1.00 50.14  ? 338 ASN A N   1 
ATOM 676 C CA  . ASN A 1 93  ? -2.474  -0.817  -10.325 1.00 51.34  ? 338 ASN A CA  1 
ATOM 677 C C   . ASN A 1 93  ? -2.428  -1.130  -11.747 1.00 55.14  ? 338 ASN A C   1 
ATOM 678 O O   . ASN A 1 93  ? -3.174  -1.938  -12.211 1.00 58.35  ? 338 ASN A O   1 
ATOM 679 C CB  . ASN A 1 93  ? -3.485  -1.752  -9.701  1.00 47.86  ? 338 ASN A CB  1 
ATOM 680 C CG  . ASN A 1 93  ? -3.012  -3.148  -9.784  1.00 50.06  ? 338 ASN A CG  1 
ATOM 681 O OD1 . ASN A 1 93  ? -1.807  -3.435  -9.911  1.00 58.63  ? 338 ASN A OD1 1 
ATOM 682 N ND2 . ASN A 1 93  ? -3.894  -4.034  -9.687  1.00 47.09  ? 338 ASN A ND2 1 
ATOM 683 N N   . LYS A 1 94  ? -1.669  -0.443  -12.546 1.00 59.57  ? 339 LYS A N   1 
ATOM 684 C CA  . LYS A 1 94  ? -1.529  -0.886  -13.975 1.00 61.64  ? 339 LYS A CA  1 
ATOM 685 C C   . LYS A 1 94  ? -0.198  -1.650  -14.183 1.00 60.19  ? 339 LYS A C   1 
ATOM 686 O O   . LYS A 1 94  ? 0.772   -1.526  -13.451 1.00 62.37  ? 339 LYS A O   1 
ATOM 687 C CB  . LYS A 1 94  ? -1.792  0.267   -14.959 1.00 61.22  ? 339 LYS A CB  1 
ATOM 688 C CG  . LYS A 1 94  ? -3.348  0.331   -15.348 1.00 63.20  ? 339 LYS A CG  1 
ATOM 689 C CD  . LYS A 1 94  ? -3.538  0.805   -16.901 1.00 69.29  ? 339 LYS A CD  1 
ATOM 690 C CE  . LYS A 1 94  ? -5.041  1.099   -17.292 1.00 80.64  ? 339 LYS A CE  1 
ATOM 691 N NZ  . LYS A 1 94  ? -5.370  2.646   -16.882 1.00 91.61  ? 339 LYS A NZ  1 
ATOM 692 N N   . HIS A 1 95  ? -0.173  -2.520  -15.144 1.00 60.79  ? 340 HIS A N   1 
ATOM 693 C CA  . HIS A 1 95  ? 0.972   -3.345  -15.434 1.00 59.54  ? 340 HIS A CA  1 
ATOM 694 C C   . HIS A 1 95  ? 1.477   -4.113  -14.362 1.00 58.99  ? 340 HIS A C   1 
ATOM 695 O O   . HIS A 1 95  ? 2.645   -4.228  -14.224 1.00 60.46  ? 340 HIS A O   1 
ATOM 696 C CB  . HIS A 1 95  ? 2.076   -2.551  -16.027 1.00 59.51  ? 340 HIS A CB  1 
ATOM 697 C CG  . HIS A 1 95  ? 1.894   -2.419  -17.478 1.00 62.47  ? 340 HIS A CG  1 
ATOM 698 N ND1 . HIS A 1 95  ? 1.592   -1.205  -18.085 1.00 61.07  ? 340 HIS A ND1 1 
ATOM 699 C CD2 . HIS A 1 95  ? 1.844   -3.388  -18.441 1.00 64.23  ? 340 HIS A CD2 1 
ATOM 700 C CE1 . HIS A 1 95  ? 1.447   -1.437  -19.389 1.00 67.85  ? 340 HIS A CE1 1 
ATOM 701 N NE2 . HIS A 1 95  ? 1.616   -2.742  -19.636 1.00 65.03  ? 340 HIS A NE2 1 
ATOM 702 N N   . SER A 1 96  ? 0.606   -4.673  -13.556 1.00 60.10  ? 341 SER A N   1 
ATOM 703 C CA  . SER A 1 96  ? 1.111   -5.587  -12.457 1.00 58.03  ? 341 SER A CA  1 
ATOM 704 C C   . SER A 1 96  ? 1.939   -5.055  -11.343 1.00 53.83  ? 341 SER A C   1 
ATOM 705 O O   . SER A 1 96  ? 2.684   -5.755  -10.792 1.00 56.10  ? 341 SER A O   1 
ATOM 706 C CB  . SER A 1 96  ? 1.889   -6.729  -13.105 1.00 56.81  ? 341 SER A CB  1 
ATOM 707 O OG  . SER A 1 96  ? 0.903   -7.760  -13.044 1.00 62.98  ? 341 SER A OG  1 
ATOM 708 N N   . ILE A 1 97  ? 1.846   -3.817  -11.019 1.00 49.60  ? 342 ILE A N   1 
ATOM 709 C CA  . ILE A 1 97  ? 2.739   -3.294  -10.101 1.00 46.36  ? 342 ILE A CA  1 
ATOM 710 C C   . ILE A 1 97  ? 2.339   -3.796  -8.717  1.00 46.31  ? 342 ILE A C   1 
ATOM 711 O O   . ILE A 1 97  ? 3.128   -3.845  -7.824  1.00 46.02  ? 342 ILE A O   1 
ATOM 712 C CB  . ILE A 1 97  ? 2.696   -1.804  -10.382 1.00 45.54  ? 342 ILE A CB  1 
ATOM 713 C CG1 . ILE A 1 97  ? 3.705   -1.119  -9.598  1.00 40.01  ? 342 ILE A CG1 1 
ATOM 714 C CG2 . ILE A 1 97  ? 1.314   -1.172  -10.094 1.00 46.35  ? 342 ILE A CG2 1 
ATOM 715 C CD1 . ILE A 1 97  ? 4.256   -0.025  -10.420 1.00 39.58  ? 342 ILE A CD1 1 
ATOM 716 N N   . LEU A 1 98  ? 1.101   -4.254  -8.573  1.00 46.97  ? 343 LEU A N   1 
ATOM 717 C CA  . LEU A 1 98  ? 0.682   -4.741  -7.309  1.00 46.57  ? 343 LEU A CA  1 
ATOM 718 C C   . LEU A 1 98  ? 1.690   -5.818  -6.914  1.00 46.80  ? 343 LEU A C   1 
ATOM 719 O O   . LEU A 1 98  ? 2.544   -5.627  -5.883  1.00 48.18  ? 343 LEU A O   1 
ATOM 720 C CB  . LEU A 1 98  ? -0.756  -5.241  -7.290  1.00 45.98  ? 343 LEU A CB  1 
ATOM 721 C CG  . LEU A 1 98  ? -0.866  -5.944  -5.968  1.00 43.50  ? 343 LEU A CG  1 
ATOM 722 C CD1 . LEU A 1 98  ? -0.437  -4.651  -5.088  1.00 47.30  ? 343 LEU A CD1 1 
ATOM 723 C CD2 . LEU A 1 98  ? -2.309  -6.281  -5.910  1.00 32.59  ? 343 LEU A CD2 1 
ATOM 724 N N   . ASN A 1 99  ? 1.679   -6.904  -7.683  1.00 46.03  ? 344 ASN A N   1 
ATOM 725 C CA  . ASN A 1 99  ? 2.649   -7.962  -7.311  1.00 47.28  ? 344 ASN A CA  1 
ATOM 726 C C   . ASN A 1 99  ? 4.034   -7.414  -7.287  1.00 48.04  ? 344 ASN A C   1 
ATOM 727 O O   . ASN A 1 99  ? 4.911   -7.904  -6.583  1.00 48.90  ? 344 ASN A O   1 
ATOM 728 C CB  . ASN A 1 99  ? 2.726   -9.027  -8.257  1.00 45.14  ? 344 ASN A CB  1 
ATOM 729 C CG  . ASN A 1 99  ? 1.489   -9.807  -8.304  1.00 49.63  ? 344 ASN A CG  1 
ATOM 730 O OD1 . ASN A 1 99  ? 0.619   -9.711  -7.437  1.00 53.84  ? 344 ASN A OD1 1 
ATOM 731 N ND2 . ASN A 1 99  ? 1.442   -10.719 -9.273  1.00 52.19  ? 344 ASN A ND2 1 
ATOM 732 N N   . ASN A 1 100 ? 4.266   -6.330  -7.992  1.00 48.56  ? 345 ASN A N   1 
ATOM 733 C CA  . ASN A 1 100 ? 5.621   -5.870  -7.937  1.00 49.71  ? 345 ASN A CA  1 
ATOM 734 C C   . ASN A 1 100 ? 5.952   -5.190  -6.635  1.00 50.43  ? 345 ASN A C   1 
ATOM 735 O O   . ASN A 1 100 ? 6.976   -5.523  -5.999  1.00 49.97  ? 345 ASN A O   1 
ATOM 736 C CB  . ASN A 1 100 ? 5.929   -5.020  -9.113  1.00 50.67  ? 345 ASN A CB  1 
ATOM 737 C CG  . ASN A 1 100 ? 7.346   -4.732  -9.214  1.00 53.89  ? 345 ASN A CG  1 
ATOM 738 O OD1 . ASN A 1 100 ? 7.908   -3.887  -8.441  1.00 60.12  ? 345 ASN A OD1 1 
ATOM 739 N ND2 . ASN A 1 100 ? 7.990   -5.373  -10.192 1.00 56.67  ? 345 ASN A ND2 1 
ATOM 740 N N   . ILE A 1 101 ? 5.065   -4.330  -6.150  1.00 51.62  ? 346 ILE A N   1 
ATOM 741 C CA  . ILE A 1 101 ? 5.163   -3.808  -4.775  1.00 50.66  ? 346 ILE A CA  1 
ATOM 742 C C   . ILE A 1 101 ? 5.106   -4.830  -3.706  1.00 50.77  ? 346 ILE A C   1 
ATOM 743 O O   . ILE A 1 101 ? 6.063   -4.814  -2.780  1.00 49.03  ? 346 ILE A O   1 
ATOM 744 C CB  . ILE A 1 101 ? 4.001   -2.981  -4.583  1.00 49.38  ? 346 ILE A CB  1 
ATOM 745 C CG1 . ILE A 1 101 ? 3.961   -2.066  -5.760  1.00 54.13  ? 346 ILE A CG1 1 
ATOM 746 C CG2 . ILE A 1 101 ? 4.227   -2.094  -3.392  1.00 47.43  ? 346 ILE A CG2 1 
ATOM 747 C CD1 . ILE A 1 101 ? 5.255   -1.112  -5.814  1.00 59.20  ? 346 ILE A CD1 1 
ATOM 748 N N   . ILE A 1 102 ? 4.172   -5.821  -3.825  1.00 48.15  ? 347 ILE A N   1 
ATOM 749 C CA  . ILE A 1 102 ? 4.378   -6.865  -2.877  1.00 49.05  ? 347 ILE A CA  1 
ATOM 750 C C   . ILE A 1 102 ? 5.825   -7.466  -2.956  1.00 49.80  ? 347 ILE A C   1 
ATOM 751 O O   . ILE A 1 102 ? 6.570   -7.326  -1.981  1.00 51.07  ? 347 ILE A O   1 
ATOM 752 C CB  . ILE A 1 102 ? 3.442   -7.878  -3.174  1.00 49.11  ? 347 ILE A CB  1 
ATOM 753 C CG1 . ILE A 1 102 ? 2.095   -7.292  -3.045  1.00 48.62  ? 347 ILE A CG1 1 
ATOM 754 C CG2 . ILE A 1 102 ? 3.778   -9.047  -2.279  1.00 44.78  ? 347 ILE A CG2 1 
ATOM 755 C CD1 . ILE A 1 102 ? 1.119   -8.320  -3.368  1.00 51.65  ? 347 ILE A CD1 1 
ATOM 756 N N   . SER A 1 103 ? 6.164   -8.181  -4.095  1.00 47.26  ? 348 SER A N   1 
ATOM 757 C CA  . SER A 1 103 ? 7.465   -8.715  -4.085  1.00 46.43  ? 348 SER A CA  1 
ATOM 758 C C   . SER A 1 103 ? 8.453   -7.830  -3.283  1.00 47.37  ? 348 SER A C   1 
ATOM 759 O O   . SER A 1 103 ? 9.320   -8.300  -2.347  1.00 44.83  ? 348 SER A O   1 
ATOM 760 C CB  . SER A 1 103 ? 7.773   -8.837  -5.633  1.00 47.09  ? 348 SER A CB  1 
ATOM 761 O OG  . SER A 1 103 ? 6.785   -9.807  -5.985  1.00 47.96  ? 348 SER A OG  1 
ATOM 762 N N   . LYS A 1 104 ? 8.331   -6.562  -3.601  1.00 46.97  ? 349 LYS A N   1 
ATOM 763 C CA  . LYS A 1 104 ? 9.298   -5.632  -3.046  1.00 46.89  ? 349 LYS A CA  1 
ATOM 764 C C   . LYS A 1 104 ? 9.438   -5.778  -1.670  1.00 46.97  ? 349 LYS A C   1 
ATOM 765 O O   . LYS A 1 104 ? 10.539  -5.873  -0.986  1.00 48.15  ? 349 LYS A O   1 
ATOM 766 C CB  . LYS A 1 104 ? 8.913   -4.176  -3.434  1.00 47.02  ? 349 LYS A CB  1 
ATOM 767 C CG  . LYS A 1 104 ? 9.906   -2.968  -3.364  1.00 51.02  ? 349 LYS A CG  1 
ATOM 768 C CD  . LYS A 1 104 ? 9.289   -1.520  -2.895  1.00 50.36  ? 349 LYS A CD  1 
ATOM 769 C CE  . LYS A 1 104 ? 10.081  -0.199  -3.655  1.00 59.25  ? 349 LYS A CE  1 
ATOM 770 N NZ  . LYS A 1 104 ? 11.191  0.442   -2.517  1.00 63.94  ? 349 LYS A NZ  1 
ATOM 771 N N   . PHE A 1 105 ? 8.305   -5.720  -1.023  1.00 47.77  ? 350 PHE A N   1 
ATOM 772 C CA  . PHE A 1 105 ? 8.425   -5.666  0.392   1.00 45.36  ? 350 PHE A CA  1 
ATOM 773 C C   . PHE A 1 105 ? 8.754   -6.979  1.022   1.00 44.40  ? 350 PHE A C   1 
ATOM 774 O O   . PHE A 1 105 ? 9.483   -6.863  2.012   1.00 47.28  ? 350 PHE A O   1 
ATOM 775 C CB  . PHE A 1 105 ? 7.162   -4.995  1.001   1.00 43.73  ? 350 PHE A CB  1 
ATOM 776 C CG  . PHE A 1 105 ? 7.082   -3.505  0.723   1.00 42.93  ? 350 PHE A CG  1 
ATOM 777 C CD1 . PHE A 1 105 ? 6.532   -3.021  -0.415  1.00 37.52  ? 350 PHE A CD1 1 
ATOM 778 C CD2 . PHE A 1 105 ? 7.644   -2.527  1.577   1.00 41.59  ? 350 PHE A CD2 1 
ATOM 779 C CE1 . PHE A 1 105 ? 6.570   -1.642  -0.746  1.00 41.40  ? 350 PHE A CE1 1 
ATOM 780 C CE2 . PHE A 1 105 ? 7.692   -1.067  1.308   1.00 40.35  ? 350 PHE A CE2 1 
ATOM 781 C CZ  . PHE A 1 105 ? 7.124   -0.633  0.130   1.00 46.97  ? 350 PHE A CZ  1 
ATOM 782 N N   . VAL A 1 106 ? 8.399   -8.117  0.439   1.00 42.61  ? 351 VAL A N   1 
ATOM 783 C CA  . VAL A 1 106 ? 8.866   -9.360  0.857   1.00 39.84  ? 351 VAL A CA  1 
ATOM 784 C C   . VAL A 1 106 ? 10.397  -9.284  0.925   1.00 42.12  ? 351 VAL A C   1 
ATOM 785 O O   . VAL A 1 106 ? 11.033  -9.570  2.038   1.00 43.62  ? 351 VAL A O   1 
ATOM 786 C CB  . VAL A 1 106 ? 8.274   -10.276 -0.036  1.00 37.31  ? 351 VAL A CB  1 
ATOM 787 C CG1 . VAL A 1 106 ? 8.886   -11.561 0.312   1.00 35.13  ? 351 VAL A CG1 1 
ATOM 788 C CG2 . VAL A 1 106 ? 6.783   -10.201 0.151   1.00 31.65  ? 351 VAL A CG2 1 
ATOM 789 N N   . GLU A 1 107 ? 11.020  -8.583  -0.074  1.00 43.66  ? 352 GLU A N   1 
ATOM 790 C CA  . GLU A 1 107 ? 12.424  -8.673  -0.083  1.00 42.91  ? 352 GLU A CA  1 
ATOM 791 C C   . GLU A 1 107 ? 12.927  -7.661  0.876   1.00 43.96  ? 352 GLU A C   1 
ATOM 792 O O   . GLU A 1 107 ? 13.913  -7.923  1.469   1.00 46.35  ? 352 GLU A O   1 
ATOM 793 C CB  . GLU A 1 107 ? 12.680  -8.414  -1.593  1.00 41.88  ? 352 GLU A CB  1 
ATOM 794 C CG  . GLU A 1 107 ? 11.880  -9.404  -2.515  1.00 47.64  ? 352 GLU A CG  1 
ATOM 795 C CD  . GLU A 1 107 ? 12.113  -9.059  -4.108  1.00 53.99  ? 352 GLU A CD  1 
ATOM 796 O OE1 . GLU A 1 107 ? 13.207  -8.541  -4.476  1.00 61.51  ? 352 GLU A OE1 1 
ATOM 797 O OE2 . GLU A 1 107 ? 11.309  -9.283  -5.016  1.00 60.22  ? 352 GLU A OE2 1 
ATOM 798 N N   . ILE A 1 108 ? 12.171  -6.670  1.237   1.00 45.16  ? 353 ILE A N   1 
ATOM 799 C CA  . ILE A 1 108 ? 12.722  -5.858  2.254   1.00 46.58  ? 353 ILE A CA  1 
ATOM 800 C C   . ILE A 1 108 ? 12.869  -6.799  3.504   1.00 48.25  ? 353 ILE A C   1 
ATOM 801 O O   . ILE A 1 108 ? 13.936  -6.763  4.158   1.00 48.50  ? 353 ILE A O   1 
ATOM 802 C CB  . ILE A 1 108 ? 12.031  -4.678  2.463   1.00 45.36  ? 353 ILE A CB  1 
ATOM 803 C CG1 . ILE A 1 108 ? 11.996  -3.947  1.097   1.00 46.66  ? 353 ILE A CG1 1 
ATOM 804 C CG2 . ILE A 1 108 ? 12.785  -4.125  3.681   1.00 42.81  ? 353 ILE A CG2 1 
ATOM 805 C CD1 . ILE A 1 108 ? 11.995  -2.328  1.408   1.00 53.53  ? 353 ILE A CD1 1 
ATOM 806 N N   . ASN A 1 109 ? 11.954  -7.749  3.707   1.00 48.86  ? 354 ASN A N   1 
ATOM 807 C CA  . ASN A 1 109 ? 11.858  -8.406  4.869   1.00 48.88  ? 354 ASN A CA  1 
ATOM 808 C C   . ASN A 1 109 ? 12.863  -9.457  4.775   1.00 50.52  ? 354 ASN A C   1 
ATOM 809 O O   . ASN A 1 109 ? 13.571  -9.597  5.743   1.00 51.04  ? 354 ASN A O   1 
ATOM 810 C CB  . ASN A 1 109 ? 10.514  -8.933  4.940   1.00 50.68  ? 354 ASN A CB  1 
ATOM 811 C CG  . ASN A 1 109 ? 9.535   -7.904  5.432   1.00 54.55  ? 354 ASN A CG  1 
ATOM 812 O OD1 . ASN A 1 109 ? 9.923   -6.772  5.744   1.00 63.16  ? 354 ASN A OD1 1 
ATOM 813 N ND2 . ASN A 1 109 ? 8.232   -8.276  5.489   1.00 56.89  ? 354 ASN A ND2 1 
ATOM 814 N N   . VAL A 1 110 ? 13.041  -10.106 3.626   1.00 50.59  ? 355 VAL A N   1 
ATOM 815 C CA  . VAL A 1 110 ? 14.120  -10.997 3.378   1.00 49.17  ? 355 VAL A CA  1 
ATOM 816 C C   . VAL A 1 110 ? 15.365  -10.325 3.659   1.00 50.68  ? 355 VAL A C   1 
ATOM 817 O O   . VAL A 1 110 ? 16.157  -10.871 4.269   1.00 49.54  ? 355 VAL A O   1 
ATOM 818 C CB  . VAL A 1 110 ? 14.147  -11.589 2.028   1.00 49.53  ? 355 VAL A CB  1 
ATOM 819 C CG1 . VAL A 1 110 ? 15.359  -12.496 1.926   1.00 45.08  ? 355 VAL A CG1 1 
ATOM 820 C CG2 . VAL A 1 110 ? 12.846  -12.463 1.818   1.00 46.76  ? 355 VAL A CG2 1 
ATOM 821 N N   . LYS A 1 111 ? 15.479  -9.053  3.431   1.00 55.45  ? 356 LYS A N   1 
ATOM 822 C CA  . LYS A 1 111 ? 16.758  -8.455  3.726   1.00 59.84  ? 356 LYS A CA  1 
ATOM 823 C C   . LYS A 1 111 ? 16.892  -8.169  5.145   1.00 59.70  ? 356 LYS A C   1 
ATOM 824 O O   . LYS A 1 111 ? 17.897  -8.441  5.611   1.00 60.44  ? 356 LYS A O   1 
ATOM 825 C CB  . LYS A 1 111 ? 17.176  -7.262  2.810   1.00 61.14  ? 356 LYS A CB  1 
ATOM 826 C CG  . LYS A 1 111 ? 17.429  -7.631  1.248   1.00 61.75  ? 356 LYS A CG  1 
ATOM 827 C CD  . LYS A 1 111 ? 17.968  -6.401  0.430   1.00 65.22  ? 356 LYS A CD  1 
ATOM 828 C CE  . LYS A 1 111 ? 17.527  -6.419  -1.167  1.00 76.36  ? 356 LYS A CE  1 
ATOM 829 N NZ  . LYS A 1 111 ? 18.325  -7.350  -2.300  1.00 79.78  ? 356 LYS A NZ  1 
ATOM 830 N N   . LYS A 1 112 ? 15.922  -7.629  5.857   1.00 62.34  ? 357 LYS A N   1 
ATOM 831 C CA  . LYS A 1 112 ? 15.975  -7.508  7.312   1.00 63.39  ? 357 LYS A CA  1 
ATOM 832 C C   . LYS A 1 112 ? 16.319  -8.902  7.919   1.00 65.17  ? 357 LYS A C   1 
ATOM 833 O O   . LYS A 1 112 ? 17.061  -9.005  8.875   1.00 65.45  ? 357 LYS A O   1 
ATOM 834 C CB  . LYS A 1 112 ? 14.626  -7.050  7.842   1.00 61.66  ? 357 LYS A CB  1 
ATOM 835 C CG  . LYS A 1 112 ? 14.470  -5.660  7.567   1.00 66.16  ? 357 LYS A CG  1 
ATOM 836 C CD  . LYS A 1 112 ? 13.020  -5.073  7.664   1.00 69.82  ? 357 LYS A CD  1 
ATOM 837 C CE  . LYS A 1 112 ? 13.123  -3.607  7.184   1.00 72.14  ? 357 LYS A CE  1 
ATOM 838 N NZ  . LYS A 1 112 ? 12.056  -2.853  7.833   1.00 72.24  ? 357 LYS A NZ  1 
ATOM 839 N N   . LEU A 1 113 ? 15.781  -9.969  7.357   1.00 65.79  ? 358 LEU A N   1 
ATOM 840 C CA  . LEU A 1 113 ? 16.020  -11.249 7.879   1.00 66.66  ? 358 LEU A CA  1 
ATOM 841 C C   . LEU A 1 113 ? 17.471  -11.540 7.621   1.00 69.00  ? 358 LEU A C   1 
ATOM 842 O O   . LEU A 1 113 ? 18.171  -11.770 8.562   1.00 70.83  ? 358 LEU A O   1 
ATOM 843 C CB  . LEU A 1 113 ? 15.163  -12.274 7.165   1.00 66.68  ? 358 LEU A CB  1 
ATOM 844 C CG  . LEU A 1 113 ? 14.648  -13.267 8.171   1.00 62.20  ? 358 LEU A CG  1 
ATOM 845 C CD1 . LEU A 1 113 ? 14.694  -14.678 7.663   1.00 57.55  ? 358 LEU A CD1 1 
ATOM 846 C CD2 . LEU A 1 113 ? 15.469  -13.137 9.416   1.00 63.24  ? 358 LEU A CD2 1 
ATOM 847 N N   . GLN A 1 114 ? 17.945  -11.506 6.371   1.00 71.55  ? 359 GLN A N   1 
ATOM 848 C CA  . GLN A 1 114 ? 19.369  -11.621 6.050   1.00 73.09  ? 359 GLN A CA  1 
ATOM 849 C C   . GLN A 1 114 ? 20.250  -10.860 7.087   1.00 74.49  ? 359 GLN A C   1 
ATOM 850 O O   . GLN A 1 114 ? 21.056  -11.452 7.710   1.00 74.61  ? 359 GLN A O   1 
ATOM 851 C CB  . GLN A 1 114 ? 19.540  -11.196 4.619   1.00 73.83  ? 359 GLN A CB  1 
ATOM 852 C CG  . GLN A 1 114 ? 20.929  -10.679 4.237   1.00 81.74  ? 359 GLN A CG  1 
ATOM 853 C CD  . GLN A 1 114 ? 21.756  -11.884 3.791   1.00 92.20  ? 359 GLN A CD  1 
ATOM 854 O OE1 . GLN A 1 114 ? 22.894  -12.189 4.316   1.00 90.26  ? 359 GLN A OE1 1 
ATOM 855 N NE2 . GLN A 1 114 ? 21.128  -12.673 2.887   1.00 92.37  ? 359 GLN A NE2 1 
ATOM 856 N N   . LYS A 1 115 ? 20.047  -9.592  7.403   1.00 78.63  ? 360 LYS A N   1 
ATOM 857 C CA  . LYS A 1 115 ? 20.914  -8.975  8.430   1.00 82.96  ? 360 LYS A CA  1 
ATOM 858 C C   . LYS A 1 115 ? 20.640  -9.420  9.895   1.00 84.56  ? 360 LYS A C   1 
ATOM 859 O O   . LYS A 1 115 ? 21.509  -9.351  10.719  1.00 86.28  ? 360 LYS A O   1 
ATOM 860 C CB  . LYS A 1 115 ? 21.026  -7.445  8.288   1.00 83.68  ? 360 LYS A CB  1 
ATOM 861 C CG  . LYS A 1 115 ? 20.112  -6.599  9.252   1.00 89.31  ? 360 LYS A CG  1 
ATOM 862 C CD  . LYS A 1 115 ? 20.895  -5.730  10.336  1.00 94.94  ? 360 LYS A CD  1 
ATOM 863 C CE  . LYS A 1 115 ? 20.023  -4.573  11.113  1.00 94.08  ? 360 LYS A CE  1 
ATOM 864 N NZ  . LYS A 1 115 ? 20.282  -4.533  12.698  1.00 93.52  ? 360 LYS A NZ  1 
ATOM 865 N N   . LEU A 1 116 ? 19.472  -9.909  10.248  1.00 86.25  ? 361 LEU A N   1 
ATOM 866 C CA  . LEU A 1 116 ? 19.372  -10.563 11.575  1.00 88.36  ? 361 LEU A CA  1 
ATOM 867 C C   . LEU A 1 116 ? 20.202  -11.822 11.513  1.00 89.96  ? 361 LEU A C   1 
ATOM 868 O O   . LEU A 1 116 ? 20.816  -12.242 12.528  1.00 92.20  ? 361 LEU A O   1 
ATOM 869 C CB  . LEU A 1 116 ? 17.933  -10.938 12.018  1.00 87.62  ? 361 LEU A CB  1 
ATOM 870 C CG  . LEU A 1 116 ? 17.360  -9.715  12.738  1.00 88.55  ? 361 LEU A CG  1 
ATOM 871 C CD1 . LEU A 1 116 ? 18.097  -8.343  12.234  1.00 92.49  ? 361 LEU A CD1 1 
ATOM 872 C CD2 . LEU A 1 116 ? 15.781  -9.604  12.702  1.00 89.00  ? 361 LEU A CD2 1 
ATOM 873 N N   . GLN A 1 117 ? 20.242  -12.436 10.342  1.00 89.49  ? 362 GLN A N   1 
ATOM 874 C CA  . GLN A 1 117 ? 20.991  -13.600 10.305  1.00 89.79  ? 362 GLN A CA  1 
ATOM 875 C C   . GLN A 1 117 ? 22.437  -13.306 10.624  1.00 92.36  ? 362 GLN A C   1 
ATOM 876 O O   . GLN A 1 117 ? 23.072  -14.120 11.304  1.00 93.86  ? 362 GLN A O   1 
ATOM 877 C CB  . GLN A 1 117 ? 20.835  -14.324 9.029   1.00 88.45  ? 362 GLN A CB  1 
ATOM 878 C CG  . GLN A 1 117 ? 19.819  -15.266 9.167   1.00 83.21  ? 362 GLN A CG  1 
ATOM 879 C CD  . GLN A 1 117 ? 19.082  -15.344 7.944   1.00 78.42  ? 362 GLN A CD  1 
ATOM 880 O OE1 . GLN A 1 117 ? 18.135  -16.130 7.756   1.00 78.24  ? 362 GLN A OE1 1 
ATOM 881 N NE2 . GLN A 1 117 ? 19.513  -14.544 7.042   1.00 82.91  ? 362 GLN A NE2 1 
ATOM 882 N N   . GLU A 1 118 ? 23.008  -12.176 10.267  1.00 93.50  ? 363 GLU A N   1 
ATOM 883 C CA  . GLU A 1 118 ? 24.383  -12.209 10.739  1.00 96.31  ? 363 GLU A CA  1 
ATOM 884 C C   . GLU A 1 118 ? 24.703  -11.588 12.106  1.00 96.49  ? 363 GLU A C   1 
ATOM 885 O O   . GLU A 1 118 ? 25.656  -11.963 12.814  1.00 97.18  ? 363 GLU A O   1 
ATOM 886 C CB  . GLU A 1 118 ? 25.348  -11.925 9.653   1.00 97.29  ? 363 GLU A CB  1 
ATOM 887 C CG  . GLU A 1 118 ? 24.720  -11.918 8.322   1.00 100.52 ? 363 GLU A CG  1 
ATOM 888 C CD  . GLU A 1 118 ? 24.688  -10.475 7.849   1.00 105.28 ? 363 GLU A CD  1 
ATOM 889 O OE1 . GLU A 1 118 ? 25.082  -9.601  8.712   1.00 106.82 ? 363 GLU A OE1 1 
ATOM 890 O OE2 . GLU A 1 118 ? 24.298  -10.231 6.662   1.00 103.01 ? 363 GLU A OE2 1 
ATOM 891 N N   . ASN A 1 119 ? 23.809  -10.727 12.520  1.00 96.08  ? 364 ASN A N   1 
ATOM 892 C CA  . ASN A 1 119 ? 23.568  -10.647 13.919  1.00 95.25  ? 364 ASN A CA  1 
ATOM 893 C C   . ASN A 1 119 ? 23.760  -12.013 14.680  1.00 94.48  ? 364 ASN A C   1 
ATOM 894 O O   . ASN A 1 119 ? 24.274  -12.023 15.747  1.00 93.84  ? 364 ASN A O   1 
ATOM 895 C CB  . ASN A 1 119 ? 22.258  -9.884  14.149  1.00 94.89  ? 364 ASN A CB  1 
ATOM 896 C CG  . ASN A 1 119 ? 22.384  -8.443  13.654  1.00 97.49  ? 364 ASN A CG  1 
ATOM 897 O OD1 . ASN A 1 119 ? 23.184  -8.170  12.708  1.00 100.41 ? 364 ASN A OD1 1 
ATOM 898 N ND2 . ASN A 1 119 ? 21.685  -7.490  14.319  1.00 98.17  ? 364 ASN A ND2 1 
ATOM 899 N N   . LEU A 1 120 ? 23.433  -13.179 14.162  1.00 93.87  ? 365 LEU A N   1 
ATOM 900 C CA  . LEU A 1 120 ? 23.819  -14.332 15.015  1.00 93.41  ? 365 LEU A CA  1 
ATOM 901 C C   . LEU A 1 120 ? 25.365  -14.703 14.899  1.00 94.02  ? 365 LEU A C   1 
ATOM 902 O O   . LEU A 1 120 ? 25.834  -15.605 15.662  1.00 95.51  ? 365 LEU A O   1 
ATOM 903 C CB  . LEU A 1 120 ? 22.926  -15.599 14.787  1.00 94.77  ? 365 LEU A CB  1 
ATOM 904 C CG  . LEU A 1 120 ? 21.596  -16.112 15.416  1.00 95.04  ? 365 LEU A CG  1 
ATOM 905 C CD1 . LEU A 1 120 ? 20.516  -16.477 14.318  1.00 92.56  ? 365 LEU A CD1 1 
ATOM 906 C CD2 . LEU A 1 120 ? 21.769  -17.292 16.372  1.00 91.70  ? 365 LEU A CD2 1 
ATOM 907 N N   . LYS A 1 121 ? 26.156  -14.062 13.997  1.00 91.87  ? 366 LYS A N   1 
ATOM 908 C CA  . LYS A 1 121 ? 27.635  -14.381 13.868  1.00 88.37  ? 366 LYS A CA  1 
ATOM 909 C C   . LYS A 1 121 ? 28.440  -14.662 15.159  1.00 88.22  ? 366 LYS A C   1 
ATOM 910 O O   . LYS A 1 121 ? 28.892  -13.727 15.836  1.00 86.80  ? 366 LYS A O   1 
ATOM 911 C CB  . LYS A 1 121 ? 28.316  -13.263 13.111  1.00 86.72  ? 366 LYS A CB  1 
ATOM 912 C CG  . LYS A 1 121 ? 27.886  -13.412 11.524  1.00 77.76  ? 366 LYS A CG  1 
ATOM 913 C CD  . LYS A 1 121 ? 28.411  -11.884 10.840  1.00 77.76  ? 366 LYS A CD  1 
ATOM 914 C CE  . LYS A 1 121 ? 27.680  -11.684 9.321   1.00 77.76  ? 366 LYS A CE  1 
ATOM 915 N NZ  . LYS A 1 121 ? 28.521  -10.752 8.238   1.00 75.65  ? 366 LYS A NZ  1 
# 
